data_2NSS
# 
_entry.id   2NSS 
# 
_audit_conform.dict_name       mmcif_pdbx.dic 
_audit_conform.dict_version    5.377 
_audit_conform.dict_location   http://mmcif.pdb.org/dictionaries/ascii/mmcif_pdbx.dic 
# 
loop_
_database_2.database_id 
_database_2.database_code 
_database_2.pdbx_database_accession 
_database_2.pdbx_DOI 
PDB   2NSS         pdb_00002nss 10.2210/pdb2nss/pdb 
RCSB  RCSB040257   ?            ?                   
WWPDB D_1000040257 ?            ?                   
# 
loop_
_pdbx_database_related.db_name 
_pdbx_database_related.db_id 
_pdbx_database_related.details 
_pdbx_database_related.content_type 
PDB 1NPG 'Horse Heart Myoglobin Nitrosoethane Complex'  unspecified 
PDB 2NSR 'Horse Heart Myoglobin Nitrosomethane Complex' unspecified 
# 
_pdbx_database_status.entry_id                        2NSS 
_pdbx_database_status.deposit_site                    RCSB 
_pdbx_database_status.process_site                    RCSB 
_pdbx_database_status.recvd_initial_deposition_date   2006-11-06 
_pdbx_database_status.status_code                     REL 
_pdbx_database_status.status_code_sf                  REL 
_pdbx_database_status.status_code_mr                  ? 
_pdbx_database_status.SG_entry                        ? 
_pdbx_database_status.pdb_format_compatible           Y 
_pdbx_database_status.status_code_cs                  ? 
_pdbx_database_status.status_code_nmr_data            ? 
_pdbx_database_status.methods_development_category    ? 
# 
loop_
_audit_author.name 
_audit_author.pdbx_ordinal 
'Copeland, D.M.'     1 
'West, A.H.'         2 
'Richter-Addo, G.B.' 3 
# 
_citation.id                        primary 
_citation.title                     'Nitrosoalkane and Nitrosoarene Binding to Myoglobin and Heme Models' 
_citation.journal_abbrev            'To be Published' 
_citation.journal_volume            ? 
_citation.page_first                ? 
_citation.page_last                 ? 
_citation.year                      ? 
_citation.journal_id_ASTM           ? 
_citation.country                   ? 
_citation.journal_id_ISSN           ? 
_citation.journal_id_CSD            0353 
_citation.book_publisher            ? 
_citation.pdbx_database_id_PubMed   ? 
_citation.pdbx_database_id_DOI      ? 
# 
loop_
_citation_author.citation_id 
_citation_author.name 
_citation_author.ordinal 
_citation_author.identifier_ORCID 
primary 'Copeland, D.M.'     1 ? 
primary 'West, A.H.'         2 ? 
primary 'Richter-Addo, G.B.' 3 ? 
# 
_cell.length_a           35.248 
_cell.length_b           28.847 
_cell.length_c           65.983 
_cell.angle_alpha        90.000 
_cell.angle_beta         105.630 
_cell.angle_gamma        90.000 
_cell.entry_id           2NSS 
_cell.pdbx_unique_axis   ? 
_cell.Z_PDB              2 
_cell.length_a_esd       ? 
_cell.length_b_esd       ? 
_cell.length_c_esd       ? 
_cell.angle_alpha_esd    ? 
_cell.angle_beta_esd     ? 
_cell.angle_gamma_esd    ? 
# 
_symmetry.space_group_name_H-M             'P 1 21 1' 
_symmetry.entry_id                         2NSS 
_symmetry.Int_Tables_number                4 
_symmetry.pdbx_full_space_group_name_H-M   ? 
_symmetry.cell_setting                     ? 
_symmetry.space_group_name_Hall            ? 
# 
loop_
_entity.id 
_entity.type 
_entity.src_method 
_entity.pdbx_description 
_entity.formula_weight 
_entity.pdbx_number_of_molecules 
_entity.pdbx_ec 
_entity.pdbx_mutation 
_entity.pdbx_fragment 
_entity.details 
1 polymer     nat Myoglobin                         16983.514 1  ? ? ? ? 
2 non-polymer syn 'SULFATE ION'                     96.063    2  ? ? ? ? 
3 non-polymer syn 'PROTOPORPHYRIN IX CONTAINING FE' 616.487   1  ? ? ? ? 
4 non-polymer syn NITROSOBENZENE                    107.110   5  ? ? ? ? 
5 water       nat water                             18.015    90 ? ? ? ? 
# 
_entity_poly.entity_id                      1 
_entity_poly.type                           'polypeptide(L)' 
_entity_poly.nstd_linkage                   no 
_entity_poly.nstd_monomer                   no 
_entity_poly.pdbx_seq_one_letter_code       
;GLSDGEWQQVLNVWGKVEADIAGHGQEVLIRLFTGHPETLEKFDKFKHLKTEAEMKASEDLKKHGTVVLTALGGILKKKG
HHEAELKPLAQSHATKHKIPIKYLEFISDAIIHVLHSKHPGDFGADAQGAMTKALELFRNDIAAKYKELGFQG
;
_entity_poly.pdbx_seq_one_letter_code_can   
;GLSDGEWQQVLNVWGKVEADIAGHGQEVLIRLFTGHPETLEKFDKFKHLKTEAEMKASEDLKKHGTVVLTALGGILKKKG
HHEAELKPLAQSHATKHKIPIKYLEFISDAIIHVLHSKHPGDFGADAQGAMTKALELFRNDIAAKYKELGFQG
;
_entity_poly.pdbx_strand_id                 A 
_entity_poly.pdbx_target_identifier         ? 
# 
loop_
_entity_poly_seq.entity_id 
_entity_poly_seq.num 
_entity_poly_seq.mon_id 
_entity_poly_seq.hetero 
1 1   GLY n 
1 2   LEU n 
1 3   SER n 
1 4   ASP n 
1 5   GLY n 
1 6   GLU n 
1 7   TRP n 
1 8   GLN n 
1 9   GLN n 
1 10  VAL n 
1 11  LEU n 
1 12  ASN n 
1 13  VAL n 
1 14  TRP n 
1 15  GLY n 
1 16  LYS n 
1 17  VAL n 
1 18  GLU n 
1 19  ALA n 
1 20  ASP n 
1 21  ILE n 
1 22  ALA n 
1 23  GLY n 
1 24  HIS n 
1 25  GLY n 
1 26  GLN n 
1 27  GLU n 
1 28  VAL n 
1 29  LEU n 
1 30  ILE n 
1 31  ARG n 
1 32  LEU n 
1 33  PHE n 
1 34  THR n 
1 35  GLY n 
1 36  HIS n 
1 37  PRO n 
1 38  GLU n 
1 39  THR n 
1 40  LEU n 
1 41  GLU n 
1 42  LYS n 
1 43  PHE n 
1 44  ASP n 
1 45  LYS n 
1 46  PHE n 
1 47  LYS n 
1 48  HIS n 
1 49  LEU n 
1 50  LYS n 
1 51  THR n 
1 52  GLU n 
1 53  ALA n 
1 54  GLU n 
1 55  MET n 
1 56  LYS n 
1 57  ALA n 
1 58  SER n 
1 59  GLU n 
1 60  ASP n 
1 61  LEU n 
1 62  LYS n 
1 63  LYS n 
1 64  HIS n 
1 65  GLY n 
1 66  THR n 
1 67  VAL n 
1 68  VAL n 
1 69  LEU n 
1 70  THR n 
1 71  ALA n 
1 72  LEU n 
1 73  GLY n 
1 74  GLY n 
1 75  ILE n 
1 76  LEU n 
1 77  LYS n 
1 78  LYS n 
1 79  LYS n 
1 80  GLY n 
1 81  HIS n 
1 82  HIS n 
1 83  GLU n 
1 84  ALA n 
1 85  GLU n 
1 86  LEU n 
1 87  LYS n 
1 88  PRO n 
1 89  LEU n 
1 90  ALA n 
1 91  GLN n 
1 92  SER n 
1 93  HIS n 
1 94  ALA n 
1 95  THR n 
1 96  LYS n 
1 97  HIS n 
1 98  LYS n 
1 99  ILE n 
1 100 PRO n 
1 101 ILE n 
1 102 LYS n 
1 103 TYR n 
1 104 LEU n 
1 105 GLU n 
1 106 PHE n 
1 107 ILE n 
1 108 SER n 
1 109 ASP n 
1 110 ALA n 
1 111 ILE n 
1 112 ILE n 
1 113 HIS n 
1 114 VAL n 
1 115 LEU n 
1 116 HIS n 
1 117 SER n 
1 118 LYS n 
1 119 HIS n 
1 120 PRO n 
1 121 GLY n 
1 122 ASP n 
1 123 PHE n 
1 124 GLY n 
1 125 ALA n 
1 126 ASP n 
1 127 ALA n 
1 128 GLN n 
1 129 GLY n 
1 130 ALA n 
1 131 MET n 
1 132 THR n 
1 133 LYS n 
1 134 ALA n 
1 135 LEU n 
1 136 GLU n 
1 137 LEU n 
1 138 PHE n 
1 139 ARG n 
1 140 ASN n 
1 141 ASP n 
1 142 ILE n 
1 143 ALA n 
1 144 ALA n 
1 145 LYS n 
1 146 TYR n 
1 147 LYS n 
1 148 GLU n 
1 149 LEU n 
1 150 GLY n 
1 151 PHE n 
1 152 GLN n 
1 153 GLY n 
# 
_entity_src_nat.entity_id                  1 
_entity_src_nat.pdbx_src_id                1 
_entity_src_nat.pdbx_alt_source_flag       sample 
_entity_src_nat.pdbx_beg_seq_num           ? 
_entity_src_nat.pdbx_end_seq_num           ? 
_entity_src_nat.common_name                horse 
_entity_src_nat.pdbx_organism_scientific   'Equus caballus' 
_entity_src_nat.pdbx_ncbi_taxonomy_id      9796 
_entity_src_nat.genus                      Equus 
_entity_src_nat.species                    ? 
_entity_src_nat.strain                     ? 
_entity_src_nat.tissue                     ? 
_entity_src_nat.tissue_fraction            ? 
_entity_src_nat.pdbx_secretion             ? 
_entity_src_nat.pdbx_fragment              ? 
_entity_src_nat.pdbx_variant               ? 
_entity_src_nat.pdbx_cell_line             ? 
_entity_src_nat.pdbx_atcc                  ? 
_entity_src_nat.pdbx_cellular_location     ? 
_entity_src_nat.pdbx_organ                 Heart 
_entity_src_nat.pdbx_organelle             ? 
_entity_src_nat.pdbx_cell                  ? 
_entity_src_nat.pdbx_plasmid_name          ? 
_entity_src_nat.pdbx_plasmid_details       ? 
_entity_src_nat.details                    ? 
# 
_struct_ref.id                         1 
_struct_ref.db_name                    UNP 
_struct_ref.db_code                    MYG_HORSE 
_struct_ref.pdbx_db_accession          P68082 
_struct_ref.entity_id                  1 
_struct_ref.pdbx_seq_one_letter_code   
;GLSDGEWQQVLNVWGKVEADIAGHGQEVLIRLFTGHPETLEKFDKFKHLKTEAEMKASEDLKKHGTVVLTALGGILKKKG
HHEAELKPLAQSHATKHKIPIKYLEFISDAIIHVLHSKHPGDFGADAQGAMTKALELFRNDIAAKYKELGFQG
;
_struct_ref.pdbx_align_begin           1 
_struct_ref.pdbx_db_isoform            ? 
# 
_struct_ref_seq.align_id                      1 
_struct_ref_seq.ref_id                        1 
_struct_ref_seq.pdbx_PDB_id_code              2NSS 
_struct_ref_seq.pdbx_strand_id                A 
_struct_ref_seq.seq_align_beg                 1 
_struct_ref_seq.pdbx_seq_align_beg_ins_code   ? 
_struct_ref_seq.seq_align_end                 153 
_struct_ref_seq.pdbx_seq_align_end_ins_code   ? 
_struct_ref_seq.pdbx_db_accession             P68082 
_struct_ref_seq.db_align_beg                  1 
_struct_ref_seq.pdbx_db_align_beg_ins_code    ? 
_struct_ref_seq.db_align_end                  153 
_struct_ref_seq.pdbx_db_align_end_ins_code    ? 
_struct_ref_seq.pdbx_auth_seq_align_beg       1 
_struct_ref_seq.pdbx_auth_seq_align_end       153 
# 
loop_
_chem_comp.id 
_chem_comp.type 
_chem_comp.mon_nstd_flag 
_chem_comp.name 
_chem_comp.pdbx_synonyms 
_chem_comp.formula 
_chem_comp.formula_weight 
ALA 'L-peptide linking' y ALANINE                           ?    'C3 H7 N O2'       89.093  
ARG 'L-peptide linking' y ARGININE                          ?    'C6 H15 N4 O2 1'   175.209 
ASN 'L-peptide linking' y ASPARAGINE                        ?    'C4 H8 N2 O3'      132.118 
ASP 'L-peptide linking' y 'ASPARTIC ACID'                   ?    'C4 H7 N O4'       133.103 
GLN 'L-peptide linking' y GLUTAMINE                         ?    'C5 H10 N2 O3'     146.144 
GLU 'L-peptide linking' y 'GLUTAMIC ACID'                   ?    'C5 H9 N O4'       147.129 
GLY 'peptide linking'   y GLYCINE                           ?    'C2 H5 N O2'       75.067  
HEM non-polymer         . 'PROTOPORPHYRIN IX CONTAINING FE' HEME 'C34 H32 Fe N4 O4' 616.487 
HIS 'L-peptide linking' y HISTIDINE                         ?    'C6 H10 N3 O2 1'   156.162 
HOH non-polymer         . WATER                             ?    'H2 O'             18.015  
ILE 'L-peptide linking' y ISOLEUCINE                        ?    'C6 H13 N O2'      131.173 
LEU 'L-peptide linking' y LEUCINE                           ?    'C6 H13 N O2'      131.173 
LYS 'L-peptide linking' y LYSINE                            ?    'C6 H15 N2 O2 1'   147.195 
MET 'L-peptide linking' y METHIONINE                        ?    'C5 H11 N O2 S'    149.211 
NBE non-polymer         . NITROSOBENZENE                    ?    'C6 H5 N O'        107.110 
PHE 'L-peptide linking' y PHENYLALANINE                     ?    'C9 H11 N O2'      165.189 
PRO 'L-peptide linking' y PROLINE                           ?    'C5 H9 N O2'       115.130 
SER 'L-peptide linking' y SERINE                            ?    'C3 H7 N O3'       105.093 
SO4 non-polymer         . 'SULFATE ION'                     ?    'O4 S -2'          96.063  
THR 'L-peptide linking' y THREONINE                         ?    'C4 H9 N O3'       119.119 
TRP 'L-peptide linking' y TRYPTOPHAN                        ?    'C11 H12 N2 O2'    204.225 
TYR 'L-peptide linking' y TYROSINE                          ?    'C9 H11 N O3'      181.189 
VAL 'L-peptide linking' y VALINE                            ?    'C5 H11 N O2'      117.146 
# 
_exptl.crystals_number   1 
_exptl.entry_id          2NSS 
_exptl.method            'X-RAY DIFFRACTION' 
# 
_exptl_crystal.id                    1 
_exptl_crystal.density_Matthews      1.78 
_exptl_crystal.density_meas          ? 
_exptl_crystal.density_percent_sol   35.32 
_exptl_crystal.description           ? 
_exptl_crystal.F_000                 ? 
_exptl_crystal.preparation           ? 
# 
_exptl_crystal_grow.crystal_id      1 
_exptl_crystal_grow.method          'VAPOR DIFFUSION, HANGING DROP' 
_exptl_crystal_grow.pH              7.4 
_exptl_crystal_grow.temp            295 
_exptl_crystal_grow.temp_details    ? 
_exptl_crystal_grow.pdbx_details    'Ammonium sulfate, Tris-HCL, pH 7.4, VAPOR DIFFUSION, HANGING DROP, temperature 295K' 
_exptl_crystal_grow.pdbx_pH_range   . 
# 
_diffrn.id                     1 
_diffrn.ambient_temp           100 
_diffrn.ambient_temp_details   ? 
_diffrn.crystal_id             1 
# 
_diffrn_detector.diffrn_id              1 
_diffrn_detector.detector               'IMAGE PLATE' 
_diffrn_detector.type                   'RIGAKU RAXIS IV' 
_diffrn_detector.pdbx_collection_date   2006-05-10 
_diffrn_detector.details                'OSMIC MIRRORS' 
# 
_diffrn_radiation.diffrn_id                        1 
_diffrn_radiation.wavelength_id                    1 
_diffrn_radiation.pdbx_diffrn_protocol             'SINGLE WAVELENGTH' 
_diffrn_radiation.monochromator                    OSMIC 
_diffrn_radiation.pdbx_monochromatic_or_laue_m_l   M 
_diffrn_radiation.pdbx_scattering_type             x-ray 
# 
_diffrn_radiation_wavelength.id           1 
_diffrn_radiation_wavelength.wavelength   1.54180 
_diffrn_radiation_wavelength.wt           1.0 
# 
_diffrn_source.diffrn_id                   1 
_diffrn_source.source                      'ROTATING ANODE' 
_diffrn_source.type                        RIGAKU 
_diffrn_source.pdbx_wavelength             ? 
_diffrn_source.pdbx_wavelength_list        1.54180 
_diffrn_source.pdbx_synchrotron_site       ? 
_diffrn_source.pdbx_synchrotron_beamline   ? 
# 
_reflns.entry_id                     2NSS 
_reflns.d_resolution_high            2.000 
_reflns.d_resolution_low             21.910 
_reflns.number_obs                   8578 
_reflns.pdbx_scaling_rejects         318 
_reflns.pdbx_Rmerge_I_obs            0.079 
_reflns.pdbx_netI_over_sigmaI        12.500 
_reflns.pdbx_chi_squared             0.970 
_reflns.pdbx_redundancy              4.880 
_reflns.percent_possible_obs         97.500 
_reflns.observed_criterion_sigma_F   ? 
_reflns.observed_criterion_sigma_I   ? 
_reflns.number_all                   ? 
_reflns.pdbx_Rsym_value              ? 
_reflns.B_iso_Wilson_estimate        ? 
_reflns.R_free_details               ? 
_reflns.limit_h_max                  ? 
_reflns.limit_h_min                  ? 
_reflns.limit_k_max                  ? 
_reflns.limit_k_min                  ? 
_reflns.limit_l_max                  ? 
_reflns.limit_l_min                  ? 
_reflns.observed_criterion_F_max     ? 
_reflns.observed_criterion_F_min     ? 
_reflns.pdbx_ordinal                 1 
_reflns.pdbx_diffrn_id               1 
# 
loop_
_reflns_shell.d_res_high 
_reflns_shell.d_res_low 
_reflns_shell.number_measured_obs 
_reflns_shell.number_measured_all 
_reflns_shell.number_unique_obs 
_reflns_shell.Rmerge_I_obs 
_reflns_shell.meanI_over_sigI_obs 
_reflns_shell.pdbx_Rsym_value 
_reflns_shell.pdbx_chi_squared 
_reflns_shell.pdbx_redundancy 
_reflns_shell.percent_possible_obs 
_reflns_shell.number_unique_all 
_reflns_shell.percent_possible_all 
_reflns_shell.pdbx_ordinal 
_reflns_shell.pdbx_diffrn_id 
2.00 2.07  ? 3872 ? 0.314 4.2  ? 0.960 4.60 ? 839 93.60 1  1 
2.07 2.15  ? 3858 ? 0.284 4.5  ? 0.940 4.81 ? 799 97.70 2  1 
2.15 2.25  ? 4194 ? 0.214 5.7  ? 0.970 4.93 ? 848 95.80 3  1 
2.25 2.37  ? 4114 ? 0.187 6.4  ? 0.980 4.84 ? 846 96.90 4  1 
2.37 2.52  ? 4271 ? 0.155 7.7  ? 0.940 4.93 ? 864 98.10 5  1 
2.52 2.71  ? 4307 ? 0.149 8.4  ? 1.020 5.01 ? 854 97.20 6  1 
2.71 2.99  ? 4322 ? 0.113 10.7 ? 0.990 5.00 ? 858 98.10 7  1 
2.99 3.42  ? 4315 ? 0.072 17.1 ? 0.970 4.99 ? 858 99.00 8  1 
3.42 4.30  ? 4376 ? 0.046 26.1 ? 0.960 4.89 ? 879 99.00 9  1 
4.30 21.91 ? 4531 ? 0.039 31.5 ? 1.000 4.78 ? 933 99.80 10 1 
# 
_refine.entry_id                                 2NSS 
_refine.ls_d_res_high                            2.000 
_refine.ls_d_res_low                             19.740 
_refine.pdbx_ls_sigma_F                          0.00 
_refine.ls_percent_reflns_obs                    97.300 
_refine.ls_number_reflns_obs                     7789 
_refine.pdbx_ls_cross_valid_method               THROUGHOUT 
_refine.pdbx_R_Free_selection_details            RANDOM 
_refine.details                                  'HYDROGENS HAVE BEEN ADDED IN THE RIDING POSITIONS' 
_refine.ls_R_factor_obs                          0.189 
_refine.ls_R_factor_R_work                       0.181 
_refine.ls_R_factor_R_free                       0.266 
_refine.ls_percent_reflns_R_free                 9.800 
_refine.ls_number_reflns_R_free                  847 
_refine.B_iso_mean                               26.200 
_refine.aniso_B[1][1]                            0.000 
_refine.aniso_B[2][2]                            -0.010 
_refine.aniso_B[3][3]                            0.000 
_refine.aniso_B[1][2]                            0.000 
_refine.aniso_B[1][3]                            -0.010 
_refine.aniso_B[2][3]                            0.000 
_refine.correlation_coeff_Fo_to_Fc               0.959 
_refine.correlation_coeff_Fo_to_Fc_free          0.918 
_refine.pdbx_overall_ESU_R                       0.298 
_refine.pdbx_overall_ESU_R_Free                  0.234 
_refine.overall_SU_ML                            0.150 
_refine.overall_SU_B                             5.354 
_refine.solvent_model_details                    MASK 
_refine.pdbx_solvent_vdw_probe_radii             1.200 
_refine.pdbx_solvent_ion_probe_radii             0.800 
_refine.pdbx_solvent_shrinkage_radii             0.800 
_refine.pdbx_stereochemistry_target_values       'MAXIMUM LIKELIHOOD' 
_refine.pdbx_ls_sigma_I                          ? 
_refine.ls_number_reflns_all                     ? 
_refine.ls_R_factor_all                          ? 
_refine.ls_redundancy_reflns_obs                 ? 
_refine.pdbx_data_cutoff_high_absF               ? 
_refine.pdbx_data_cutoff_low_absF                ? 
_refine.ls_number_parameters                     ? 
_refine.ls_number_restraints                     ? 
_refine.ls_R_factor_R_free_error                 ? 
_refine.ls_R_factor_R_free_error_details         ? 
_refine.pdbx_method_to_determine_struct          'MOLECULAR REPLACEMENT' 
_refine.pdbx_starting_model                      'PDB entry 1NPG' 
_refine.pdbx_stereochem_target_val_spec_case     ? 
_refine.solvent_model_param_bsol                 ? 
_refine.solvent_model_param_ksol                 ? 
_refine.occupancy_max                            ? 
_refine.occupancy_min                            ? 
_refine.pdbx_isotropic_thermal_model             ? 
_refine.B_iso_min                                ? 
_refine.B_iso_max                                ? 
_refine.overall_SU_R_Cruickshank_DPI             ? 
_refine.overall_SU_R_free                        ? 
_refine.pdbx_data_cutoff_high_rms_absF           ? 
_refine.ls_wR_factor_R_free                      ? 
_refine.ls_wR_factor_R_work                      ? 
_refine.overall_FOM_free_R_set                   ? 
_refine.overall_FOM_work_R_set                   ? 
_refine.pdbx_refine_id                           'X-RAY DIFFRACTION' 
_refine.pdbx_TLS_residual_ADP_flag               'LIKELY RESIDUAL' 
_refine.pdbx_diffrn_id                           1 
_refine.pdbx_overall_phase_error                 ? 
_refine.pdbx_overall_SU_R_free_Cruickshank_DPI   ? 
_refine.pdbx_overall_SU_R_Blow_DPI               ? 
_refine.pdbx_overall_SU_R_free_Blow_DPI          ? 
# 
_refine_hist.pdbx_refine_id                   'X-RAY DIFFRACTION' 
_refine_hist.cycle_id                         LAST 
_refine_hist.pdbx_number_atoms_protein        1194 
_refine_hist.pdbx_number_atoms_nucleic_acid   0 
_refine_hist.pdbx_number_atoms_ligand         93 
_refine_hist.number_atoms_solvent             90 
_refine_hist.number_atoms_total               1377 
_refine_hist.d_res_high                       2.000 
_refine_hist.d_res_low                        19.740 
# 
loop_
_refine_ls_restr.type 
_refine_ls_restr.number 
_refine_ls_restr.dev_ideal 
_refine_ls_restr.dev_ideal_target 
_refine_ls_restr.weight 
_refine_ls_restr.pdbx_refine_id 
_refine_ls_restr.pdbx_restraint_function 
r_bond_refined_d         1327 0.024  0.021  ? 'X-RAY DIFFRACTION' ? 
r_angle_refined_deg      1788 1.950  2.090  ? 'X-RAY DIFFRACTION' ? 
r_dihedral_angle_1_deg   151  5.955  5.000  ? 'X-RAY DIFFRACTION' ? 
r_dihedral_angle_2_deg   53   36.848 25.094 ? 'X-RAY DIFFRACTION' ? 
r_dihedral_angle_3_deg   229  16.619 15.000 ? 'X-RAY DIFFRACTION' ? 
r_dihedral_angle_4_deg   2    20.822 15.000 ? 'X-RAY DIFFRACTION' ? 
r_chiral_restr           178  0.127  0.200  ? 'X-RAY DIFFRACTION' ? 
r_gen_planes_refined     983  0.008  0.020  ? 'X-RAY DIFFRACTION' ? 
r_nbd_refined            649  0.231  0.200  ? 'X-RAY DIFFRACTION' ? 
r_nbtor_refined          855  0.299  0.200  ? 'X-RAY DIFFRACTION' ? 
r_xyhbond_nbd_refined    70   0.193  0.200  ? 'X-RAY DIFFRACTION' ? 
r_symmetry_vdw_refined   62   0.222  0.200  ? 'X-RAY DIFFRACTION' ? 
r_symmetry_hbond_refined 9    0.130  0.200  ? 'X-RAY DIFFRACTION' ? 
r_mcbond_it              804  1.134  1.500  ? 'X-RAY DIFFRACTION' ? 
r_mcangle_it             1209 1.678  2.000  ? 'X-RAY DIFFRACTION' ? 
r_scbond_it              617  2.919  3.000  ? 'X-RAY DIFFRACTION' ? 
r_scangle_it             577  3.837  4.500  ? 'X-RAY DIFFRACTION' ? 
# 
_refine_ls_shell.d_res_high                       2.000 
_refine_ls_shell.d_res_low                        2.051 
_refine_ls_shell.pdbx_total_number_of_bins_used   20 
_refine_ls_shell.percent_reflns_obs               92.900 
_refine_ls_shell.number_reflns_R_work             543 
_refine_ls_shell.R_factor_all                     ? 
_refine_ls_shell.R_factor_R_work                  0.241 
_refine_ls_shell.R_factor_R_free                  0.444 
_refine_ls_shell.percent_reflns_R_free            ? 
_refine_ls_shell.number_reflns_R_free             59 
_refine_ls_shell.R_factor_R_free_error            ? 
_refine_ls_shell.number_reflns_all                ? 
_refine_ls_shell.number_reflns_obs                602 
_refine_ls_shell.redundancy_reflns_obs            ? 
_refine_ls_shell.pdbx_refine_id                   'X-RAY DIFFRACTION' 
# 
_struct.entry_id                  2NSS 
_struct.title                     'Nitrobenzene Modified Horse Heart Myoglobin' 
_struct.pdbx_model_details        ? 
_struct.pdbx_CASP_flag            ? 
_struct.pdbx_model_type_details   ? 
# 
_struct_keywords.entry_id        2NSS 
_struct_keywords.pdbx_keywords   'OXYGEN STORAGE/TRANSPORT' 
_struct_keywords.text            'nitroso, nitro, nitrite, nitric oxide, no, heme, myoglobin, OXYGEN STORAGE-TRANSPORT COMPLEX' 
# 
loop_
_struct_asym.id 
_struct_asym.pdbx_blank_PDB_chainid_flag 
_struct_asym.pdbx_modified 
_struct_asym.entity_id 
_struct_asym.details 
A N N 1 ? 
B N N 2 ? 
C N N 2 ? 
D N N 3 ? 
E N N 4 ? 
F N N 4 ? 
G N N 4 ? 
H N N 4 ? 
I N N 4 ? 
J N N 5 ? 
# 
_struct_biol.id   1 
# 
loop_
_struct_conf.conf_type_id 
_struct_conf.id 
_struct_conf.pdbx_PDB_helix_id 
_struct_conf.beg_label_comp_id 
_struct_conf.beg_label_asym_id 
_struct_conf.beg_label_seq_id 
_struct_conf.pdbx_beg_PDB_ins_code 
_struct_conf.end_label_comp_id 
_struct_conf.end_label_asym_id 
_struct_conf.end_label_seq_id 
_struct_conf.pdbx_end_PDB_ins_code 
_struct_conf.beg_auth_comp_id 
_struct_conf.beg_auth_asym_id 
_struct_conf.beg_auth_seq_id 
_struct_conf.end_auth_comp_id 
_struct_conf.end_auth_asym_id 
_struct_conf.end_auth_seq_id 
_struct_conf.pdbx_PDB_helix_class 
_struct_conf.details 
_struct_conf.pdbx_PDB_helix_length 
HELX_P HELX_P1 1 SER A 3   ? GLU A 18  ? SER A 3   GLU A 18  1 ? 16 
HELX_P HELX_P2 2 ASP A 20  ? HIS A 36  ? ASP A 20  HIS A 36  1 ? 17 
HELX_P HELX_P3 3 PRO A 37  ? LYS A 42  ? PRO A 37  LYS A 42  5 ? 6  
HELX_P HELX_P4 4 PHE A 43  ? HIS A 48  ? PHE A 43  HIS A 48  1 ? 6  
HELX_P HELX_P5 5 THR A 51  ? SER A 58  ? THR A 51  SER A 58  1 ? 8  
HELX_P HELX_P6 6 SER A 58  ? LYS A 77  ? SER A 58  LYS A 77  1 ? 20 
HELX_P HELX_P7 7 HIS A 82  ? LYS A 96  ? HIS A 82  LYS A 96  1 ? 15 
HELX_P HELX_P8 8 PRO A 100 ? HIS A 119 ? PRO A 100 HIS A 119 1 ? 20 
HELX_P HELX_P9 9 GLY A 124 ? LEU A 149 ? GLY A 124 LEU A 149 1 ? 26 
# 
_struct_conf_type.id          HELX_P 
_struct_conf_type.criteria    ? 
_struct_conf_type.reference   ? 
# 
loop_
_struct_conn.id 
_struct_conn.conn_type_id 
_struct_conn.pdbx_leaving_atom_flag 
_struct_conn.pdbx_PDB_id 
_struct_conn.ptnr1_label_asym_id 
_struct_conn.ptnr1_label_comp_id 
_struct_conn.ptnr1_label_seq_id 
_struct_conn.ptnr1_label_atom_id 
_struct_conn.pdbx_ptnr1_label_alt_id 
_struct_conn.pdbx_ptnr1_PDB_ins_code 
_struct_conn.pdbx_ptnr1_standard_comp_id 
_struct_conn.ptnr1_symmetry 
_struct_conn.ptnr2_label_asym_id 
_struct_conn.ptnr2_label_comp_id 
_struct_conn.ptnr2_label_seq_id 
_struct_conn.ptnr2_label_atom_id 
_struct_conn.pdbx_ptnr2_label_alt_id 
_struct_conn.pdbx_ptnr2_PDB_ins_code 
_struct_conn.ptnr1_auth_asym_id 
_struct_conn.ptnr1_auth_comp_id 
_struct_conn.ptnr1_auth_seq_id 
_struct_conn.ptnr2_auth_asym_id 
_struct_conn.ptnr2_auth_comp_id 
_struct_conn.ptnr2_auth_seq_id 
_struct_conn.ptnr2_symmetry 
_struct_conn.pdbx_ptnr3_label_atom_id 
_struct_conn.pdbx_ptnr3_label_seq_id 
_struct_conn.pdbx_ptnr3_label_comp_id 
_struct_conn.pdbx_ptnr3_label_asym_id 
_struct_conn.pdbx_ptnr3_label_alt_id 
_struct_conn.pdbx_ptnr3_PDB_ins_code 
_struct_conn.details 
_struct_conn.pdbx_dist_value 
_struct_conn.pdbx_value_order 
_struct_conn.pdbx_role 
metalc1 metalc ? ? A HIS 93 NE2 ? ? ? 1_555 D HEM . FE ? ? A HIS 93  A HEM 154 1_555 ? ? ? ? ? ? ? 2.224 ? ? 
metalc2 metalc ? ? D HEM .  FE  ? ? ? 1_555 E NBE . N  ? ? A HEM 154 A NBE 371 1_555 ? ? ? ? ? ? ? 2.107 ? ? 
# 
_struct_conn_type.id          metalc 
_struct_conn_type.criteria    ? 
_struct_conn_type.reference   ? 
# 
loop_
_struct_site.id 
_struct_site.pdbx_evidence_code 
_struct_site.pdbx_auth_asym_id 
_struct_site.pdbx_auth_comp_id 
_struct_site.pdbx_auth_seq_id 
_struct_site.pdbx_auth_ins_code 
_struct_site.pdbx_num_residues 
_struct_site.details 
AC1 Software A SO4 156 ? 3  'BINDING SITE FOR RESIDUE SO4 A 156' 
AC2 Software A SO4 157 ? 3  'BINDING SITE FOR RESIDUE SO4 A 157' 
AC3 Software A HEM 154 ? 16 'BINDING SITE FOR RESIDUE HEM A 154' 
AC4 Software A NBE 371 ? 5  'BINDING SITE FOR RESIDUE NBE A 371' 
AC5 Software A NBE 372 ? 5  'BINDING SITE FOR RESIDUE NBE A 372' 
AC6 Software A NBE 373 ? 9  'BINDING SITE FOR RESIDUE NBE A 373' 
AC7 Software A NBE 374 ? 5  'BINDING SITE FOR RESIDUE NBE A 374' 
AC8 Software A NBE 375 ? 6  'BINDING SITE FOR RESIDUE NBE A 375' 
# 
loop_
_struct_site_gen.id 
_struct_site_gen.site_id 
_struct_site_gen.pdbx_num_res 
_struct_site_gen.label_comp_id 
_struct_site_gen.label_asym_id 
_struct_site_gen.label_seq_id 
_struct_site_gen.pdbx_auth_ins_code 
_struct_site_gen.auth_comp_id 
_struct_site_gen.auth_asym_id 
_struct_site_gen.auth_seq_id 
_struct_site_gen.label_atom_id 
_struct_site_gen.label_alt_id 
_struct_site_gen.symmetry 
_struct_site_gen.details 
1  AC1 3  SER A 58  ? SER A 58  . ? 1_555 ? 
2  AC1 3  GLU A 59  ? GLU A 59  . ? 1_555 ? 
3  AC1 3  ASP A 60  ? ASP A 60  . ? 1_555 ? 
4  AC2 3  HIS A 81  ? HIS A 81  . ? 1_555 ? 
5  AC2 3  HIS A 82  ? HIS A 82  . ? 1_555 ? 
6  AC2 3  GLU A 83  ? GLU A 83  . ? 1_555 ? 
7  AC3 16 PHE A 43  ? PHE A 43  . ? 1_555 ? 
8  AC3 16 ALA A 71  ? ALA A 71  . ? 1_555 ? 
9  AC3 16 LEU A 89  ? LEU A 89  . ? 1_555 ? 
10 AC3 16 SER A 92  ? SER A 92  . ? 1_555 ? 
11 AC3 16 HIS A 93  ? HIS A 93  . ? 1_555 ? 
12 AC3 16 HIS A 97  ? HIS A 97  . ? 1_555 ? 
13 AC3 16 ILE A 99  ? ILE A 99  . ? 1_555 ? 
14 AC3 16 TYR A 103 ? TYR A 103 . ? 1_555 ? 
15 AC3 16 LEU A 104 ? LEU A 104 . ? 1_555 ? 
16 AC3 16 HIS A 113 ? HIS A 113 . ? 1_565 ? 
17 AC3 16 GLN A 128 ? GLN A 128 . ? 1_565 ? 
18 AC3 16 NBE E .   ? NBE A 371 . ? 1_555 ? 
19 AC3 16 NBE F .   ? NBE A 372 . ? 1_555 ? 
20 AC3 16 NBE G .   ? NBE A 373 . ? 1_555 ? 
21 AC3 16 HOH J .   ? HOH A 394 . ? 1_555 ? 
22 AC3 16 HOH J .   ? HOH A 436 . ? 1_555 ? 
23 AC4 5  LEU A 29  ? LEU A 29  . ? 1_555 ? 
24 AC4 5  PHE A 43  ? PHE A 43  . ? 1_555 ? 
25 AC4 5  HIS A 64  ? HIS A 64  . ? 1_555 ? 
26 AC4 5  VAL A 68  ? VAL A 68  . ? 1_555 ? 
27 AC4 5  HEM D .   ? HEM A 154 . ? 1_555 ? 
28 AC5 5  LYS A 63  ? LYS A 63  . ? 1_555 ? 
29 AC5 5  HIS A 64  ? HIS A 64  . ? 1_555 ? 
30 AC5 5  HIS A 113 ? HIS A 113 . ? 1_565 ? 
31 AC5 5  SER A 117 ? SER A 117 . ? 1_565 ? 
32 AC5 5  HEM D .   ? HEM A 154 . ? 1_555 ? 
33 AC6 9  LEU A 89  ? LEU A 89  . ? 1_555 ? 
34 AC6 9  ALA A 90  ? ALA A 90  . ? 1_555 ? 
35 AC6 9  HIS A 93  ? HIS A 93  . ? 1_555 ? 
36 AC6 9  ILE A 99  ? ILE A 99  . ? 1_555 ? 
37 AC6 9  PRO A 100 ? PRO A 100 . ? 1_555 ? 
38 AC6 9  LEU A 104 ? LEU A 104 . ? 1_555 ? 
39 AC6 9  ILE A 142 ? ILE A 142 . ? 1_555 ? 
40 AC6 9  TYR A 146 ? TYR A 146 . ? 1_555 ? 
41 AC6 9  HEM D .   ? HEM A 154 . ? 1_555 ? 
42 AC7 5  ALA A 143 ? ALA A 143 . ? 1_555 ? 
43 AC7 5  LYS A 147 ? LYS A 147 . ? 1_555 ? 
44 AC7 5  GLY A 150 ? GLY A 150 . ? 1_555 ? 
45 AC7 5  PHE A 151 ? PHE A 151 . ? 1_555 ? 
46 AC7 5  GLN A 152 ? GLN A 152 . ? 1_555 ? 
47 AC8 6  ALA A 22  ? ALA A 22  . ? 1_555 ? 
48 AC8 6  GLU A 59  ? GLU A 59  . ? 1_555 ? 
49 AC8 6  LYS A 63  ? LYS A 63  . ? 1_555 ? 
50 AC8 6  THR A 66  ? THR A 66  . ? 1_555 ? 
51 AC8 6  HOH J .   ? HOH A 405 . ? 1_555 ? 
52 AC8 6  HOH J .   ? HOH A 465 . ? 1_555 ? 
# 
_atom_sites.entry_id                    2NSS 
_atom_sites.fract_transf_matrix[1][1]   0.02645836 
_atom_sites.fract_transf_matrix[1][2]   -0.00096751 
_atom_sites.fract_transf_matrix[1][3]   -0.01291912 
_atom_sites.fract_transf_matrix[2][1]   -0.01313438 
_atom_sites.fract_transf_matrix[2][2]   0.01554556 
_atom_sites.fract_transf_matrix[2][3]   -0.02806341 
_atom_sites.fract_transf_matrix[3][1]   0.00719244 
_atom_sites.fract_transf_matrix[3][2]   0.01339800 
_atom_sites.fract_transf_matrix[3][3]   0.00405550 
_atom_sites.fract_transf_vector[1]      -0.000431 
_atom_sites.fract_transf_vector[2]      -0.034030 
_atom_sites.fract_transf_vector[3]      0.249526 
# 
loop_
_atom_type.symbol 
C  
FE 
N  
O  
S  
# 
loop_
_atom_site.group_PDB 
_atom_site.id 
_atom_site.type_symbol 
_atom_site.label_atom_id 
_atom_site.label_alt_id 
_atom_site.label_comp_id 
_atom_site.label_asym_id 
_atom_site.label_entity_id 
_atom_site.label_seq_id 
_atom_site.pdbx_PDB_ins_code 
_atom_site.Cartn_x 
_atom_site.Cartn_y 
_atom_site.Cartn_z 
_atom_site.occupancy 
_atom_site.B_iso_or_equiv 
_atom_site.pdbx_formal_charge 
_atom_site.auth_seq_id 
_atom_site.auth_comp_id 
_atom_site.auth_asym_id 
_atom_site.auth_atom_id 
_atom_site.pdbx_PDB_model_num 
ATOM   1    N  N   . GLY A 1 1   ? -13.489 -12.501 5.592   1.00 37.18 ? 1   GLY A N   1 
ATOM   2    C  CA  . GLY A 1 1   ? -13.908 -11.220 6.270   1.00 36.29 ? 1   GLY A CA  1 
ATOM   3    C  C   . GLY A 1 1   ? -13.293 -10.951 7.641   1.00 35.54 ? 1   GLY A C   1 
ATOM   4    O  O   . GLY A 1 1   ? -12.775 -11.881 8.311   1.00 35.45 ? 1   GLY A O   1 
ATOM   5    N  N   . LEU A 1 2   ? -13.344 -9.672  8.050   1.00 33.14 ? 2   LEU A N   1 
ATOM   6    C  CA  . LEU A 1 2   ? -12.863 -9.225  9.368   1.00 31.21 ? 2   LEU A CA  1 
ATOM   7    C  C   . LEU A 1 2   ? -14.064 -8.923  10.241  1.00 31.28 ? 2   LEU A C   1 
ATOM   8    O  O   . LEU A 1 2   ? -15.135 -8.568  9.730   1.00 31.17 ? 2   LEU A O   1 
ATOM   9    C  CB  . LEU A 1 2   ? -11.981 -7.955  9.296   1.00 31.01 ? 2   LEU A CB  1 
ATOM   10   C  CG  . LEU A 1 2   ? -10.559 -7.876  8.703   1.00 27.43 ? 2   LEU A CG  1 
ATOM   11   C  CD1 . LEU A 1 2   ? -10.548 -8.270  7.213   1.00 25.31 ? 2   LEU A CD1 1 
ATOM   12   C  CD2 . LEU A 1 2   ? -9.968  -6.451  8.919   1.00 27.93 ? 2   LEU A CD2 1 
ATOM   13   N  N   . SER A 1 3   ? -13.873 -9.036  11.548  1.00 30.79 ? 3   SER A N   1 
ATOM   14   C  CA  . SER A 1 3   ? -14.872 -8.595  12.495  1.00 31.33 ? 3   SER A CA  1 
ATOM   15   C  C   . SER A 1 3   ? -14.990 -7.071  12.551  1.00 31.47 ? 3   SER A C   1 
ATOM   16   O  O   . SER A 1 3   ? -14.113 -6.324  12.075  1.00 30.71 ? 3   SER A O   1 
ATOM   17   C  CB  . SER A 1 3   ? -14.545 -9.134  13.891  1.00 30.88 ? 3   SER A CB  1 
ATOM   18   O  OG  . SER A 1 3   ? -13.365 -8.549  14.427  1.00 30.38 ? 3   SER A OG  1 
ATOM   19   N  N   . ASP A 1 4   ? -16.044 -6.624  13.231  1.00 31.31 ? 4   ASP A N   1 
ATOM   20   C  CA  . ASP A 1 4   ? -16.197 -5.223  13.540  1.00 31.42 ? 4   ASP A CA  1 
ATOM   21   C  C   . ASP A 1 4   ? -15.119 -4.695  14.422  1.00 28.96 ? 4   ASP A C   1 
ATOM   22   O  O   . ASP A 1 4   ? -14.769 -3.521  14.300  1.00 27.88 ? 4   ASP A O   1 
ATOM   23   C  CB  . ASP A 1 4   ? -17.521 -4.971  14.242  1.00 33.82 ? 4   ASP A CB  1 
ATOM   24   C  CG  . ASP A 1 4   ? -18.640 -4.809  13.267  1.00 38.22 ? 4   ASP A CG  1 
ATOM   25   O  OD1 . ASP A 1 4   ? -18.573 -3.797  12.479  1.00 45.17 ? 4   ASP A OD1 1 
ATOM   26   O  OD2 . ASP A 1 4   ? -19.538 -5.705  13.275  1.00 40.55 ? 4   ASP A OD2 1 
ATOM   27   N  N   . GLY A 1 5   ? -14.665 -5.519  15.357  1.00 25.92 ? 5   GLY A N   1 
ATOM   28   C  CA  . GLY A 1 5   ? -13.623 -5.112  16.289  1.00 25.62 ? 5   GLY A CA  1 
ATOM   29   C  C   . GLY A 1 5   ? -12.324 -4.949  15.514  1.00 24.99 ? 5   GLY A C   1 
ATOM   30   O  O   . GLY A 1 5   ? -11.537 -4.055  15.805  1.00 24.89 ? 5   GLY A O   1 
ATOM   31   N  N   . GLU A 1 6   ? -12.126 -5.852  14.536  1.00 23.77 ? 6   GLU A N   1 
ATOM   32   C  CA  . GLU A 1 6   ? -10.969 -5.850  13.676  1.00 22.76 ? 6   GLU A CA  1 
ATOM   33   C  C   . GLU A 1 6   ? -10.998 -4.606  12.771  1.00 22.36 ? 6   GLU A C   1 
ATOM   34   O  O   . GLU A 1 6   ? -10.017 -3.856  12.791  1.00 20.35 ? 6   GLU A O   1 
ATOM   35   C  CB  . GLU A 1 6   ? -10.840 -7.157  12.878  1.00 23.83 ? 6   GLU A CB  1 
ATOM   36   C  CG  . GLU A 1 6   ? -9.999  -8.188  13.582  1.00 23.18 ? 6   GLU A CG  1 
ATOM   37   C  CD  . GLU A 1 6   ? -10.289 -9.628  13.147  1.00 23.98 ? 6   GLU A CD  1 
ATOM   38   O  OE1 . GLU A 1 6   ? -11.158 -9.883  12.259  1.00 24.53 ? 6   GLU A OE1 1 
ATOM   39   O  OE2 . GLU A 1 6   ? -9.604  -10.508 13.718  1.00 24.75 ? 6   GLU A OE2 1 
ATOM   40   N  N   . TRP A 1 7   ? -12.088 -4.408  12.000  1.00 21.31 ? 7   TRP A N   1 
ATOM   41   C  CA  . TRP A 1 7   ? -12.312 -3.123  11.255  1.00 22.86 ? 7   TRP A CA  1 
ATOM   42   C  C   . TRP A 1 7   ? -12.072 -1.863  12.072  1.00 23.78 ? 7   TRP A C   1 
ATOM   43   O  O   . TRP A 1 7   ? -11.478 -0.889  11.554  1.00 24.90 ? 7   TRP A O   1 
ATOM   44   C  CB  . TRP A 1 7   ? -13.665 -3.041  10.521  1.00 21.71 ? 7   TRP A CB  1 
ATOM   45   C  CG  . TRP A 1 7   ? -13.702 -3.899  9.288   1.00 20.71 ? 7   TRP A CG  1 
ATOM   46   C  CD1 . TRP A 1 7   ? -14.548 -4.919  9.055   1.00 20.77 ? 7   TRP A CD1 1 
ATOM   47   C  CD2 . TRP A 1 7   ? -12.844 -3.804  8.129   1.00 19.01 ? 7   TRP A CD2 1 
ATOM   48   N  NE1 . TRP A 1 7   ? -14.282 -5.489  7.814   1.00 22.09 ? 7   TRP A NE1 1 
ATOM   49   C  CE2 . TRP A 1 7   ? -13.252 -4.810  7.220   1.00 19.12 ? 7   TRP A CE2 1 
ATOM   50   C  CE3 . TRP A 1 7   ? -11.809 -2.937  7.755   1.00 21.55 ? 7   TRP A CE3 1 
ATOM   51   C  CZ2 . TRP A 1 7   ? -12.623 -5.024  5.963   1.00 21.38 ? 7   TRP A CZ2 1 
ATOM   52   C  CZ3 . TRP A 1 7   ? -11.166 -3.143  6.497   1.00 22.85 ? 7   TRP A CZ3 1 
ATOM   53   C  CH2 . TRP A 1 7   ? -11.565 -4.204  5.635   1.00 24.75 ? 7   TRP A CH2 1 
ATOM   54   N  N   . GLN A 1 8   ? -12.457 -1.886  13.356  1.00 24.54 ? 8   GLN A N   1 
ATOM   55   C  CA  . GLN A 1 8   ? -12.239 -0.709  14.192  1.00 25.15 ? 8   GLN A CA  1 
ATOM   56   C  C   . GLN A 1 8   ? -10.777 -0.378  14.428  1.00 23.68 ? 8   GLN A C   1 
ATOM   57   O  O   . GLN A 1 8   ? -10.427 0.788   14.314  1.00 23.35 ? 8   GLN A O   1 
ATOM   58   C  CB  . GLN A 1 8   ? -13.051 -0.734  15.497  1.00 24.91 ? 8   GLN A CB  1 
ATOM   59   C  CG  . GLN A 1 8   ? -12.829 0.543   16.361  1.00 28.26 ? 8   GLN A CG  1 
ATOM   60   C  CD  . GLN A 1 8   ? -13.897 0.797   17.476  1.00 28.42 ? 8   GLN A CD  1 
ATOM   61   O  OE1 . GLN A 1 8   ? -14.739 -0.049  17.745  1.00 35.16 ? 8   GLN A OE1 1 
ATOM   62   N  NE2 . GLN A 1 8   ? -13.874 2.007   18.068  1.00 27.99 ? 8   GLN A NE2 1 
ATOM   63   N  N   . GLN A 1 9   ? -9.928  -1.393  14.708  1.00 24.08 ? 9   GLN A N   1 
ATOM   64   C  CA  . GLN A 1 9   ? -8.439  -1.217  14.808  1.00 24.75 ? 9   GLN A CA  1 
ATOM   65   C  C   . GLN A 1 9   ? -7.790  -0.715  13.551  1.00 23.71 ? 9   GLN A C   1 
ATOM   66   O  O   . GLN A 1 9   ? -6.880  0.132   13.623  1.00 25.35 ? 9   GLN A O   1 
ATOM   67   C  CB  . GLN A 1 9   ? -7.691  -2.518  15.092  1.00 24.65 ? 9   GLN A CB  1 
ATOM   68   C  CG  . GLN A 1 9   ? -8.248  -3.372  16.164  1.00 28.69 ? 9   GLN A CG  1 
ATOM   69   C  CD  . GLN A 1 9   ? -7.508  -3.260  17.462  1.00 34.49 ? 9   GLN A CD  1 
ATOM   70   O  OE1 . GLN A 1 9   ? -6.533  -2.488  17.626  1.00 34.35 ? 9   GLN A OE1 1 
ATOM   71   N  NE2 . GLN A 1 9   ? -7.973  -4.044  18.431  1.00 39.40 ? 9   GLN A NE2 1 
ATOM   72   N  N   . VAL A 1 10  ? -8.178  -1.313  12.427  1.00 22.16 ? 10  VAL A N   1 
ATOM   73   C  CA  . VAL A 1 10  ? -7.685  -0.913  11.092  1.00 21.70 ? 10  VAL A CA  1 
ATOM   74   C  C   . VAL A 1 10  ? -7.940  0.569   10.911  1.00 21.95 ? 10  VAL A C   1 
ATOM   75   O  O   . VAL A 1 10  ? -7.062  1.284   10.482  1.00 21.61 ? 10  VAL A O   1 
ATOM   76   C  CB  . VAL A 1 10  ? -8.381  -1.702  9.928   1.00 20.04 ? 10  VAL A CB  1 
ATOM   77   C  CG1 . VAL A 1 10  ? -8.020  -1.103  8.460   1.00 22.70 ? 10  VAL A CG1 1 
ATOM   78   C  CG2 . VAL A 1 10  ? -8.021  -3.168  9.994   1.00 17.46 ? 10  VAL A CG2 1 
ATOM   79   N  N   . LEU A 1 11  ? -9.162  1.023   11.212  1.00 23.64 ? 11  LEU A N   1 
ATOM   80   C  CA  . LEU A 1 11  ? -9.547  2.395   10.868  1.00 24.79 ? 11  LEU A CA  1 
ATOM   81   C  C   . LEU A 1 11  ? -9.035  3.385   11.891  1.00 25.59 ? 11  LEU A C   1 
ATOM   82   O  O   . LEU A 1 11  ? -8.840  4.547   11.573  1.00 26.64 ? 11  LEU A O   1 
ATOM   83   C  CB  . LEU A 1 11  ? -11.064 2.535   10.588  1.00 24.87 ? 11  LEU A CB  1 
ATOM   84   C  CG  . LEU A 1 11  ? -11.479 1.830   9.280   1.00 24.60 ? 11  LEU A CG  1 
ATOM   85   C  CD1 . LEU A 1 11  ? -12.962 1.927   9.014   1.00 24.65 ? 11  LEU A CD1 1 
ATOM   86   C  CD2 . LEU A 1 11  ? -10.692 2.274   8.112   1.00 25.02 ? 11  LEU A CD2 1 
ATOM   87   N  N   . ASN A 1 12  ? -8.780  2.891   13.106  1.00 26.45 ? 12  ASN A N   1 
ATOM   88   C  CA  . ASN A 1 12  ? -8.086  3.651   14.140  1.00 26.26 ? 12  ASN A CA  1 
ATOM   89   C  C   . ASN A 1 12  ? -6.681  3.985   13.669  1.00 25.03 ? 12  ASN A C   1 
ATOM   90   O  O   . ASN A 1 12  ? -6.253  5.146   13.645  1.00 24.67 ? 12  ASN A O   1 
ATOM   91   C  CB  . ASN A 1 12  ? -8.051  2.813   15.431  1.00 26.40 ? 12  ASN A CB  1 
ATOM   92   C  CG  . ASN A 1 12  ? -7.334  3.519   16.617  1.00 30.27 ? 12  ASN A CG  1 
ATOM   93   O  OD1 . ASN A 1 12  ? -6.496  2.921   17.283  1.00 37.35 ? 12  ASN A OD1 1 
ATOM   94   N  ND2 . ASN A 1 12  ? -7.689  4.766   16.885  1.00 33.84 ? 12  ASN A ND2 1 
ATOM   95   N  N   . VAL A 1 13  ? -5.962  2.938   13.305  1.00 25.84 ? 13  VAL A N   1 
ATOM   96   C  CA  . VAL A 1 13  ? -4.588  3.041   12.743  1.00 25.17 ? 13  VAL A CA  1 
ATOM   97   C  C   . VAL A 1 13  ? -4.493  3.966   11.511  1.00 25.14 ? 13  VAL A C   1 
ATOM   98   O  O   . VAL A 1 13  ? -3.565  4.796   11.441  1.00 24.52 ? 13  VAL A O   1 
ATOM   99   C  CB  . VAL A 1 13  ? -3.979  1.651   12.449  1.00 26.61 ? 13  VAL A CB  1 
ATOM   100  C  CG1 . VAL A 1 13  ? -2.689  1.793   11.532  1.00 25.63 ? 13  VAL A CG1 1 
ATOM   101  C  CG2 . VAL A 1 13  ? -3.656  0.885   13.794  1.00 24.87 ? 13  VAL A CG2 1 
ATOM   102  N  N   . TRP A 1 14  ? -5.424  3.822   10.556  1.00 24.56 ? 14  TRP A N   1 
ATOM   103  C  CA  . TRP A 1 14  ? -5.445  4.675   9.341   1.00 25.15 ? 14  TRP A CA  1 
ATOM   104  C  C   . TRP A 1 14  ? -5.674  6.154   9.668   1.00 25.59 ? 14  TRP A C   1 
ATOM   105  O  O   . TRP A 1 14  ? -5.056  7.021   9.077   1.00 25.03 ? 14  TRP A O   1 
ATOM   106  C  CB  . TRP A 1 14  ? -6.433  4.212   8.235   1.00 24.98 ? 14  TRP A CB  1 
ATOM   107  C  CG  . TRP A 1 14  ? -5.768  4.534   6.839   1.00 27.68 ? 14  TRP A CG  1 
ATOM   108  C  CD1 . TRP A 1 14  ? -6.059  5.588   5.972   1.00 27.79 ? 14  TRP A CD1 1 
ATOM   109  C  CD2 . TRP A 1 14  ? -4.644  3.860   6.259   1.00 26.23 ? 14  TRP A CD2 1 
ATOM   110  N  NE1 . TRP A 1 14  ? -5.194  5.575   4.876   1.00 25.95 ? 14  TRP A NE1 1 
ATOM   111  C  CE2 . TRP A 1 14  ? -4.315  4.532   5.034   1.00 27.52 ? 14  TRP A CE2 1 
ATOM   112  C  CE3 . TRP A 1 14  ? -3.871  2.777   6.656   1.00 24.54 ? 14  TRP A CE3 1 
ATOM   113  C  CZ2 . TRP A 1 14  ? -3.266  4.095   4.185   1.00 26.95 ? 14  TRP A CZ2 1 
ATOM   114  C  CZ3 . TRP A 1 14  ? -2.804  2.366   5.825   1.00 27.74 ? 14  TRP A CZ3 1 
ATOM   115  C  CH2 . TRP A 1 14  ? -2.518  3.035   4.606   1.00 28.00 ? 14  TRP A CH2 1 
ATOM   116  N  N   . GLY A 1 15  ? -6.547  6.441   10.626  1.00 26.53 ? 15  GLY A N   1 
ATOM   117  C  CA  . GLY A 1 15  ? -6.685  7.828   11.134  1.00 27.99 ? 15  GLY A CA  1 
ATOM   118  C  C   . GLY A 1 15  ? -5.359  8.495   11.528  1.00 29.07 ? 15  GLY A C   1 
ATOM   119  O  O   . GLY A 1 15  ? -5.170  9.666   11.196  1.00 29.30 ? 15  GLY A O   1 
ATOM   120  N  N   . LYS A 1 16  ? -4.480  7.743   12.223  1.00 29.56 ? 16  LYS A N   1 
ATOM   121  C  CA  . LYS A 1 16  ? -3.095  8.106   12.631  1.00 30.69 ? 16  LYS A CA  1 
ATOM   122  C  C   . LYS A 1 16  ? -2.210  8.312   11.398  1.00 31.18 ? 16  LYS A C   1 
ATOM   123  O  O   . LYS A 1 16  ? -1.491  9.329   11.300  1.00 32.33 ? 16  LYS A O   1 
ATOM   124  C  CB  . LYS A 1 16  ? -2.484  7.001   13.572  1.00 31.65 ? 16  LYS A CB  1 
ATOM   125  C  CG  . LYS A 1 16  ? -0.870  6.668   13.450  1.00 32.89 ? 16  LYS A CG  1 
ATOM   126  C  CD  . LYS A 1 16  ? -0.388  5.129   13.364  1.00 32.03 ? 16  LYS A CD  1 
ATOM   127  C  CE  . LYS A 1 16  ? -0.043  4.482   14.745  1.00 33.86 ? 16  LYS A CE  1 
ATOM   128  N  NZ  . LYS A 1 16  ? 0.029   2.971   14.636  1.00 31.54 ? 16  LYS A NZ  1 
ATOM   129  N  N   . VAL A 1 17  ? -2.232  7.331   10.478  1.00 29.27 ? 17  VAL A N   1 
ATOM   130  C  CA  . VAL A 1 17  ? -1.598  7.436   9.156   1.00 27.85 ? 17  VAL A CA  1 
ATOM   131  C  C   . VAL A 1 17  ? -1.956  8.768   8.434   1.00 28.40 ? 17  VAL A C   1 
ATOM   132  O  O   . VAL A 1 17  ? -1.100  9.384   7.824   1.00 27.30 ? 17  VAL A O   1 
ATOM   133  C  CB  . VAL A 1 17  ? -1.944  6.194   8.253   1.00 27.98 ? 17  VAL A CB  1 
ATOM   134  C  CG1 . VAL A 1 17  ? -1.377  6.327   6.868   1.00 24.89 ? 17  VAL A CG1 1 
ATOM   135  C  CG2 . VAL A 1 17  ? -1.473  4.864   8.934   1.00 25.37 ? 17  VAL A CG2 1 
ATOM   136  N  N   . GLU A 1 18  ? -3.217  9.189   8.566   1.00 28.37 ? 18  GLU A N   1 
ATOM   137  C  CA  . GLU A 1 18  ? -3.751  10.351  7.879   1.00 29.38 ? 18  GLU A CA  1 
ATOM   138  C  C   . GLU A 1 18  ? -3.269  11.671  8.406   1.00 29.24 ? 18  GLU A C   1 
ATOM   139  O  O   . GLU A 1 18  ? -3.373  12.667  7.723   1.00 30.27 ? 18  GLU A O   1 
ATOM   140  C  CB  . GLU A 1 18  ? -5.265  10.287  7.841   1.00 29.93 ? 18  GLU A CB  1 
ATOM   141  C  CG  . GLU A 1 18  ? -5.720  9.275   6.843   1.00 30.90 ? 18  GLU A CG  1 
ATOM   142  C  CD  . GLU A 1 18  ? -7.237  9.289   6.558   1.00 36.02 ? 18  GLU A CD  1 
ATOM   143  O  OE1 . GLU A 1 18  ? -8.075  9.505   7.477   1.00 38.84 ? 18  GLU A OE1 1 
ATOM   144  O  OE2 . GLU A 1 18  ? -7.588  9.056   5.381   1.00 34.69 ? 18  GLU A OE2 1 
ATOM   145  N  N   . ALA A 1 19  ? -2.637  11.638  9.572   1.00 29.75 ? 19  ALA A N   1 
ATOM   146  C  CA  . ALA A 1 19  ? -2.147  12.819  10.276  1.00 29.89 ? 19  ALA A CA  1 
ATOM   147  C  C   . ALA A 1 19  ? -0.849  13.218  9.644   1.00 28.89 ? 19  ALA A C   1 
ATOM   148  O  O   . ALA A 1 19  ? -0.380  14.369  9.799   1.00 28.50 ? 19  ALA A O   1 
ATOM   149  C  CB  . ALA A 1 19  ? -1.881  12.488  11.741  1.00 29.88 ? 19  ALA A CB  1 
ATOM   150  N  N   . ASP A 1 20  ? -0.246  12.230  8.980   1.00 26.76 ? 20  ASP A N   1 
ATOM   151  C  CA  . ASP A 1 20  ? 1.074   12.375  8.385   1.00 25.37 ? 20  ASP A CA  1 
ATOM   152  C  C   . ASP A 1 20  ? 1.133   11.518  7.081   1.00 22.84 ? 20  ASP A C   1 
ATOM   153  O  O   . ASP A 1 20  ? 1.971   10.696  6.924   1.00 18.75 ? 20  ASP A O   1 
ATOM   154  C  CB  . ASP A 1 20  ? 2.143   12.034  9.429   1.00 25.30 ? 20  ASP A CB  1 
ATOM   155  C  CG  . ASP A 1 20  ? 3.580   12.265  8.929   1.00 29.53 ? 20  ASP A CG  1 
ATOM   156  O  OD1 . ASP A 1 20  ? 3.766   12.967  7.879   1.00 28.65 ? 20  ASP A OD1 1 
ATOM   157  O  OD2 . ASP A 1 20  ? 4.510   11.689  9.588   1.00 36.02 ? 20  ASP A OD2 1 
ATOM   158  N  N   . ILE A 1 21  ? 0.232   11.818  6.151   1.00 22.64 ? 21  ILE A N   1 
ATOM   159  C  CA  . ILE A 1 21  ? 0.019   11.028  4.931   1.00 23.32 ? 21  ILE A CA  1 
ATOM   160  C  C   . ILE A 1 21  ? 1.272   11.008  4.033   1.00 22.55 ? 21  ILE A C   1 
ATOM   161  O  O   . ILE A 1 21  ? 1.783   9.897   3.711   1.00 22.62 ? 21  ILE A O   1 
ATOM   162  C  CB  . ILE A 1 21  ? -1.278  11.455  4.176   1.00 23.92 ? 21  ILE A CB  1 
ATOM   163  C  CG1 . ILE A 1 21  ? -1.770  10.367  3.203   1.00 26.94 ? 21  ILE A CG1 1 
ATOM   164  C  CG2 . ILE A 1 21  ? -1.172  12.873  3.494   1.00 23.50 ? 21  ILE A CG2 1 
ATOM   165  C  CD1 . ILE A 1 21  ? -2.383  9.151   3.970   1.00 32.42 ? 21  ILE A CD1 1 
ATOM   166  N  N   . ALA A 1 22  ? 1.787   12.213  3.704   1.00 22.19 ? 22  ALA A N   1 
ATOM   167  C  CA  . ALA A 1 22  ? 3.050   12.392  2.955   1.00 21.39 ? 22  ALA A CA  1 
ATOM   168  C  C   . ALA A 1 22  ? 4.259   11.629  3.502   1.00 20.63 ? 22  ALA A C   1 
ATOM   169  O  O   . ALA A 1 22  ? 5.011   11.006  2.749   1.00 20.59 ? 22  ALA A O   1 
ATOM   170  C  CB  . ALA A 1 22  ? 3.413   13.893  2.797   1.00 22.30 ? 22  ALA A CB  1 
ATOM   171  N  N   . GLY A 1 23  ? 4.482   11.766  4.802   1.00 19.77 ? 23  GLY A N   1 
ATOM   172  C  CA  . GLY A 1 23  ? 5.566   11.091  5.499   1.00 18.80 ? 23  GLY A CA  1 
ATOM   173  C  C   . GLY A 1 23  ? 5.348   9.561   5.551   1.00 18.95 ? 23  GLY A C   1 
ATOM   174  O  O   . GLY A 1 23  ? 6.268   8.793   5.294   1.00 19.52 ? 23  GLY A O   1 
ATOM   175  N  N   . HIS A 1 24  ? 4.152   9.092   5.881   1.00 17.74 ? 24  HIS A N   1 
ATOM   176  C  CA  . HIS A 1 24  ? 3.871   7.647   5.715   1.00 18.11 ? 24  HIS A CA  1 
ATOM   177  C  C   . HIS A 1 24  ? 4.063   7.158   4.243   1.00 17.55 ? 24  HIS A C   1 
ATOM   178  O  O   . HIS A 1 24  ? 4.673   6.128   4.043   1.00 16.84 ? 24  HIS A O   1 
ATOM   179  C  CB  . HIS A 1 24  ? 2.471   7.278   6.234   1.00 17.71 ? 24  HIS A CB  1 
ATOM   180  C  CG  . HIS A 1 24  ? 2.407   7.258   7.738   1.00 21.39 ? 24  HIS A CG  1 
ATOM   181  N  ND1 . HIS A 1 24  ? 2.216   8.399   8.485   1.00 17.21 ? 24  HIS A ND1 1 
ATOM   182  C  CD2 . HIS A 1 24  ? 2.568   6.249   8.628   1.00 19.46 ? 24  HIS A CD2 1 
ATOM   183  C  CE1 . HIS A 1 24  ? 2.238   8.102   9.771   1.00 15.50 ? 24  HIS A CE1 1 
ATOM   184  N  NE2 . HIS A 1 24  ? 2.463   6.804   9.886   1.00 22.08 ? 24  HIS A NE2 1 
ATOM   185  N  N   . GLY A 1 25  ? 3.529   7.903   3.256   1.00 17.91 ? 25  GLY A N   1 
ATOM   186  C  CA  . GLY A 1 25  ? 3.579   7.530   1.824   1.00 18.55 ? 25  GLY A CA  1 
ATOM   187  C  C   . GLY A 1 25  ? 4.992   7.448   1.296   1.00 20.08 ? 25  GLY A C   1 
ATOM   188  O  O   . GLY A 1 25  ? 5.335   6.482   0.614   1.00 20.36 ? 25  GLY A O   1 
ATOM   189  N  N   . GLN A 1 26  ? 5.801   8.471   1.636   1.00 21.88 ? 26  GLN A N   1 
ATOM   190  C  CA  . GLN A 1 26  ? 7.234   8.546   1.315   1.00 21.94 ? 26  GLN A CA  1 
ATOM   191  C  C   . GLN A 1 26  ? 7.944   7.294   1.805   1.00 20.90 ? 26  GLN A C   1 
ATOM   192  O  O   . GLN A 1 26  ? 8.605   6.643   1.032   1.00 21.98 ? 26  GLN A O   1 
ATOM   193  C  CB  . GLN A 1 26  ? 7.903   9.790   1.973   1.00 21.75 ? 26  GLN A CB  1 
ATOM   194  C  CG  . GLN A 1 26  ? 9.440   9.805   1.776   1.00 22.77 ? 26  GLN A CG  1 
ATOM   195  C  CD  . GLN A 1 26  ? 10.140  10.964  2.515   1.00 25.25 ? 26  GLN A CD  1 
ATOM   196  O  OE1 . GLN A 1 26  ? 10.668  11.903  1.881   1.00 31.79 ? 26  GLN A OE1 1 
ATOM   197  N  NE2 . GLN A 1 26  ? 10.120  10.918  3.829   1.00 23.45 ? 26  GLN A NE2 1 
ATOM   198  N  N   . GLU A 1 27  ? 7.864   7.014   3.102   1.00 19.88 ? 27  GLU A N   1 
ATOM   199  C  CA  . GLU A 1 27  ? 8.499   5.835   3.701   1.00 21.94 ? 27  GLU A CA  1 
ATOM   200  C  C   . GLU A 1 27  ? 8.075   4.481   3.155   1.00 19.21 ? 27  GLU A C   1 
ATOM   201  O  O   . GLU A 1 27  ? 8.912   3.581   3.035   1.00 19.83 ? 27  GLU A O   1 
ATOM   202  C  CB  . GLU A 1 27  ? 8.439   5.848   5.262   1.00 20.63 ? 27  GLU A CB  1 
ATOM   203  C  CG  . GLU A 1 27  ? 9.213   7.016   5.836   1.00 27.23 ? 27  GLU A CG  1 
ATOM   204  C  CD  . GLU A 1 27  ? 9.435   6.995   7.376   1.00 25.80 ? 27  GLU A CD  1 
ATOM   205  O  OE1 . GLU A 1 27  ? 9.744   5.922   7.985   1.00 31.50 ? 27  GLU A OE1 1 
ATOM   206  O  OE2 . GLU A 1 27  ? 9.321   8.112   7.945   1.00 35.37 ? 27  GLU A OE2 1 
ATOM   207  N  N   . VAL A 1 28  ? 6.786   4.325   2.846   1.00 20.09 ? 28  VAL A N   1 
ATOM   208  C  CA  . VAL A 1 28  ? 6.297   3.103   2.195   1.00 18.00 ? 28  VAL A CA  1 
ATOM   209  C  C   . VAL A 1 28  ? 6.928   2.928   0.782   1.00 18.59 ? 28  VAL A C   1 
ATOM   210  O  O   . VAL A 1 28  ? 7.387   1.812   0.465   1.00 17.02 ? 28  VAL A O   1 
ATOM   211  C  CB  . VAL A 1 28  ? 4.761   2.962   2.155   1.00 17.56 ? 28  VAL A CB  1 
ATOM   212  C  CG1 . VAL A 1 28  ? 4.366   1.847   1.204   1.00 16.13 ? 28  VAL A CG1 1 
ATOM   213  C  CG2 . VAL A 1 28  ? 4.155   2.701   3.573   1.00 16.03 ? 28  VAL A CG2 1 
ATOM   214  N  N   . LEU A 1 29  ? 6.985   4.007   -0.023  1.00 17.84 ? 29  LEU A N   1 
ATOM   215  C  CA  . LEU A 1 29  ? 7.561   3.924   -1.403  1.00 19.08 ? 29  LEU A CA  1 
ATOM   216  C  C   . LEU A 1 29  ? 9.057   3.669   -1.312  1.00 18.62 ? 29  LEU A C   1 
ATOM   217  O  O   . LEU A 1 29  ? 9.578   2.822   -2.036  1.00 19.72 ? 29  LEU A O   1 
ATOM   218  C  CB  . LEU A 1 29  ? 7.339   5.208   -2.245  1.00 18.63 ? 29  LEU A CB  1 
ATOM   219  C  CG  . LEU A 1 29  ? 5.943   5.619   -2.768  1.00 23.11 ? 29  LEU A CG  1 
ATOM   220  C  CD1 . LEU A 1 29  ? 5.878   6.184   -4.220  1.00 22.50 ? 29  LEU A CD1 1 
ATOM   221  C  CD2 . LEU A 1 29  ? 4.881   4.556   -2.550  1.00 25.74 ? 29  LEU A CD2 1 
ATOM   222  N  N   . ILE A 1 30  ? 9.736   4.352   -0.384  1.00 18.48 ? 30  ILE A N   1 
ATOM   223  C  CA  . ILE A 1 30  ? 11.202  4.143   -0.233  1.00 19.46 ? 30  ILE A CA  1 
ATOM   224  C  C   . ILE A 1 30  ? 11.539  2.702   0.204   1.00 19.97 ? 30  ILE A C   1 
ATOM   225  O  O   . ILE A 1 30  ? 12.438  2.044   -0.363  1.00 19.32 ? 30  ILE A O   1 
ATOM   226  C  CB  . ILE A 1 30  ? 11.899  5.171   0.682   1.00 19.56 ? 30  ILE A CB  1 
ATOM   227  C  CG1 . ILE A 1 30  ? 11.495  6.606   0.249   1.00 20.25 ? 30  ILE A CG1 1 
ATOM   228  C  CG2 . ILE A 1 30  ? 13.415  4.943   0.622   1.00 19.36 ? 30  ILE A CG2 1 
ATOM   229  C  CD1 . ILE A 1 30  ? 12.382  7.766   0.748   1.00 18.98 ? 30  ILE A CD1 1 
ATOM   230  N  N   . ARG A 1 31  ? 10.774  2.187   1.167   1.00 21.50 ? 31  ARG A N   1 
ATOM   231  C  CA  . ARG A 1 31  ? 10.940  0.774   1.570   1.00 21.71 ? 31  ARG A CA  1 
ATOM   232  C  C   . ARG A 1 31  ? 10.824  -0.191  0.392   1.00 22.41 ? 31  ARG A C   1 
ATOM   233  O  O   . ARG A 1 31  ? 11.692  -1.103  0.231   1.00 20.95 ? 31  ARG A O   1 
ATOM   234  C  CB  . ARG A 1 31  ? 10.035  0.393   2.753   1.00 21.67 ? 31  ARG A CB  1 
ATOM   235  C  CG  . ARG A 1 31  ? 10.194  -1.061  3.177   1.00 24.37 ? 31  ARG A CG  1 
ATOM   236  C  CD  . ARG A 1 31  ? 11.325  -1.317  4.170   1.00 24.80 ? 31  ARG A CD  1 
ATOM   237  N  NE  . ARG A 1 31  ? 11.218  -2.705  4.657   1.00 28.10 ? 31  ARG A NE  1 
ATOM   238  C  CZ  . ARG A 1 31  ? 12.157  -3.355  5.357   1.00 25.32 ? 31  ARG A CZ  1 
ATOM   239  N  NH1 . ARG A 1 31  ? 13.314  -2.777  5.604   1.00 21.28 ? 31  ARG A NH1 1 
ATOM   240  N  NH2 . ARG A 1 31  ? 11.951  -4.605  5.781   1.00 27.34 ? 31  ARG A NH2 1 
ATOM   241  N  N   . LEU A 1 32  ? 9.806   0.019   -0.455  1.00 23.13 ? 32  LEU A N   1 
ATOM   242  C  CA  . LEU A 1 32  ? 9.579   -0.843  -1.648  1.00 24.08 ? 32  LEU A CA  1 
ATOM   243  C  C   . LEU A 1 32  ? 10.723  -0.756  -2.658  1.00 24.05 ? 32  LEU A C   1 
ATOM   244  O  O   . LEU A 1 32  ? 11.250  -1.789  -3.103  1.00 23.67 ? 32  LEU A O   1 
ATOM   245  C  CB  . LEU A 1 32  ? 8.222   -0.502  -2.363  1.00 22.98 ? 32  LEU A CB  1 
ATOM   246  C  CG  . LEU A 1 32  ? 7.643   -1.314  -3.565  1.00 24.55 ? 32  LEU A CG  1 
ATOM   247  C  CD1 . LEU A 1 32  ? 7.092   -2.716  -3.170  1.00 26.19 ? 32  LEU A CD1 1 
ATOM   248  C  CD2 . LEU A 1 32  ? 6.544   -0.526  -4.308  1.00 24.62 ? 32  LEU A CD2 1 
ATOM   249  N  N   . PHE A 1 33  ? 11.061  0.485   -3.027  1.00 24.21 ? 33  PHE A N   1 
ATOM   250  C  CA  . PHE A 1 33  ? 12.051  0.811   -4.049  1.00 22.78 ? 33  PHE A CA  1 
ATOM   251  C  C   . PHE A 1 33  ? 13.458  0.305   -3.699  1.00 23.65 ? 33  PHE A C   1 
ATOM   252  O  O   . PHE A 1 33  ? 14.188  -0.144  -4.583  1.00 23.76 ? 33  PHE A O   1 
ATOM   253  C  CB  . PHE A 1 33  ? 12.083  2.365   -4.270  1.00 23.54 ? 33  PHE A CB  1 
ATOM   254  C  CG  . PHE A 1 33  ? 10.839  2.940   -4.922  1.00 20.15 ? 33  PHE A CG  1 
ATOM   255  C  CD1 . PHE A 1 33  ? 9.985   2.136   -5.675  1.00 19.99 ? 33  PHE A CD1 1 
ATOM   256  C  CD2 . PHE A 1 33  ? 10.559  4.309   -4.827  1.00 22.09 ? 33  PHE A CD2 1 
ATOM   257  C  CE1 . PHE A 1 33  ? 8.854   2.701   -6.322  1.00 18.92 ? 33  PHE A CE1 1 
ATOM   258  C  CE2 . PHE A 1 33  ? 9.420   4.894   -5.445  1.00 22.65 ? 33  PHE A CE2 1 
ATOM   259  C  CZ  . PHE A 1 33  ? 8.578   4.084   -6.186  1.00 21.31 ? 33  PHE A CZ  1 
ATOM   260  N  N   . THR A 1 34  ? 13.826  0.397   -2.425  1.00 23.80 ? 34  THR A N   1 
ATOM   261  C  CA  . THR A 1 34  ? 15.126  -0.040  -1.888  1.00 23.25 ? 34  THR A CA  1 
ATOM   262  C  C   . THR A 1 34  ? 15.197  -1.557  -1.644  1.00 24.40 ? 34  THR A C   1 
ATOM   263  O  O   . THR A 1 34  ? 16.195  -2.196  -1.931  1.00 22.44 ? 34  THR A O   1 
ATOM   264  C  CB  . THR A 1 34  ? 15.575  0.752   -0.582  1.00 24.47 ? 34  THR A CB  1 
ATOM   265  O  OG1 . THR A 1 34  ? 14.676  0.506   0.512   1.00 20.87 ? 34  THR A OG1 1 
ATOM   266  C  CG2 . THR A 1 34  ? 15.693  2.294   -0.871  1.00 22.50 ? 34  THR A CG2 1 
ATOM   267  N  N   . GLY A 1 35  ? 14.110  -2.141  -1.171  1.00 23.68 ? 35  GLY A N   1 
ATOM   268  C  CA  . GLY A 1 35  ? 14.074  -3.570  -1.036  1.00 25.50 ? 35  GLY A CA  1 
ATOM   269  C  C   . GLY A 1 35  ? 13.892  -4.327  -2.336  1.00 25.62 ? 35  GLY A C   1 
ATOM   270  O  O   . GLY A 1 35  ? 14.227  -5.485  -2.410  1.00 25.72 ? 35  GLY A O   1 
ATOM   271  N  N   . HIS A 1 36  ? 13.308  -3.694  -3.340  1.00 27.04 ? 36  HIS A N   1 
ATOM   272  C  CA  . HIS A 1 36  ? 12.969  -4.392  -4.578  1.00 28.31 ? 36  HIS A CA  1 
ATOM   273  C  C   . HIS A 1 36  ? 13.176  -3.419  -5.689  1.00 28.71 ? 36  HIS A C   1 
ATOM   274  O  O   . HIS A 1 36  ? 12.219  -2.928  -6.232  1.00 30.58 ? 36  HIS A O   1 
ATOM   275  C  CB  . HIS A 1 36  ? 11.520  -4.947  -4.596  1.00 27.80 ? 36  HIS A CB  1 
ATOM   276  C  CG  . HIS A 1 36  ? 11.143  -5.709  -3.367  1.00 26.87 ? 36  HIS A CG  1 
ATOM   277  N  ND1 . HIS A 1 36  ? 11.428  -7.047  -3.206  1.00 25.66 ? 36  HIS A ND1 1 
ATOM   278  C  CD2 . HIS A 1 36  ? 10.500  -5.321  -2.231  1.00 27.88 ? 36  HIS A CD2 1 
ATOM   279  C  CE1 . HIS A 1 36  ? 10.979  -7.457  -2.030  1.00 23.98 ? 36  HIS A CE1 1 
ATOM   280  N  NE2 . HIS A 1 36  ? 10.430  -6.425  -1.409  1.00 28.74 ? 36  HIS A NE2 1 
ATOM   281  N  N   . PRO A 1 37  ? 14.444  -3.158  -6.051  1.00 30.15 ? 37  PRO A N   1 
ATOM   282  C  CA  . PRO A 1 37  ? 14.823  -2.112  -7.015  1.00 31.15 ? 37  PRO A CA  1 
ATOM   283  C  C   . PRO A 1 37  ? 14.224  -2.291  -8.440  1.00 33.00 ? 37  PRO A C   1 
ATOM   284  O  O   . PRO A 1 37  ? 14.218  -1.332  -9.243  1.00 34.08 ? 37  PRO A O   1 
ATOM   285  C  CB  . PRO A 1 37  ? 16.358  -2.186  -7.052  1.00 30.92 ? 37  PRO A CB  1 
ATOM   286  C  CG  . PRO A 1 37  ? 16.767  -3.012  -5.837  1.00 30.53 ? 37  PRO A CG  1 
ATOM   287  C  CD  . PRO A 1 37  ? 15.610  -3.911  -5.525  1.00 29.26 ? 37  PRO A CD  1 
ATOM   288  N  N   . GLU A 1 38  ? 13.714  -3.476  -8.752  1.00 34.27 ? 38  GLU A N   1 
ATOM   289  C  CA  . GLU A 1 38  ? 13.074  -3.681  -10.055 1.00 35.70 ? 38  GLU A CA  1 
ATOM   290  C  C   . GLU A 1 38  ? 11.736  -2.957  -10.194 1.00 35.80 ? 38  GLU A C   1 
ATOM   291  O  O   . GLU A 1 38  ? 11.254  -2.802  -11.315 1.00 36.15 ? 38  GLU A O   1 
ATOM   292  C  CB  . GLU A 1 38  ? 12.866  -5.159  -10.373 1.00 35.36 ? 38  GLU A CB  1 
ATOM   293  C  CG  . GLU A 1 38  ? 11.733  -5.807  -9.701  1.00 36.67 ? 38  GLU A CG  1 
ATOM   294  C  CD  . GLU A 1 38  ? 12.081  -6.333  -8.333  1.00 37.84 ? 38  GLU A CD  1 
ATOM   295  O  OE1 . GLU A 1 38  ? 13.122  -5.919  -7.730  1.00 37.24 ? 38  GLU A OE1 1 
ATOM   296  O  OE2 . GLU A 1 38  ? 11.277  -7.166  -7.867  1.00 38.08 ? 38  GLU A OE2 1 
ATOM   297  N  N   . THR A 1 39  ? 11.149  -2.544  -9.066  1.00 35.52 ? 39  THR A N   1 
ATOM   298  C  CA  . THR A 1 39  ? 9.828   -1.901  -9.061  1.00 34.87 ? 39  THR A CA  1 
ATOM   299  C  C   . THR A 1 39  ? 9.980   -0.531  -9.646  1.00 34.87 ? 39  THR A C   1 
ATOM   300  O  O   . THR A 1 39  ? 9.004   0.092   -10.096 1.00 35.04 ? 39  THR A O   1 
ATOM   301  C  CB  . THR A 1 39  ? 9.217   -1.742  -7.631  1.00 34.27 ? 39  THR A CB  1 
ATOM   302  O  OG1 . THR A 1 39  ? 10.111  -0.965  -6.793  1.00 35.18 ? 39  THR A OG1 1 
ATOM   303  C  CG2 . THR A 1 39  ? 8.932   -3.089  -7.024  1.00 32.68 ? 39  THR A CG2 1 
ATOM   304  N  N   . LEU A 1 40  ? 11.233  -0.090  -9.669  1.00 35.34 ? 40  LEU A N   1 
ATOM   305  C  CA  . LEU A 1 40  ? 11.609  1.288   -9.993  1.00 35.47 ? 40  LEU A CA  1 
ATOM   306  C  C   . LEU A 1 40  ? 11.679  1.573   -11.524 1.00 36.62 ? 40  LEU A C   1 
ATOM   307  O  O   . LEU A 1 40  ? 11.467  2.720   -11.949 1.00 36.86 ? 40  LEU A O   1 
ATOM   308  C  CB  . LEU A 1 40  ? 12.916  1.608   -9.231  1.00 35.74 ? 40  LEU A CB  1 
ATOM   309  C  CG  . LEU A 1 40  ? 13.599  2.935   -8.838  1.00 35.54 ? 40  LEU A CG  1 
ATOM   310  C  CD1 . LEU A 1 40  ? 12.696  3.933   -8.085  1.00 32.82 ? 40  LEU A CD1 1 
ATOM   311  C  CD2 . LEU A 1 40  ? 14.875  2.617   -8.036  1.00 33.77 ? 40  LEU A CD2 1 
ATOM   312  N  N   . GLU A 1 41  ? 11.937  0.540   -12.345 1.00 36.66 ? 41  GLU A N   1 
ATOM   313  C  CA  . GLU A 1 41  ? 11.950  0.698   -13.805 0.50 36.44 ? 41  GLU A CA  1 
ATOM   314  C  C   . GLU A 1 41  ? 10.512  0.688   -14.348 1.00 37.47 ? 41  GLU A C   1 
ATOM   315  O  O   . GLU A 1 41  ? 10.277  1.002   -15.529 1.00 38.68 ? 41  GLU A O   1 
ATOM   316  C  CB  . GLU A 1 41  ? 12.824  -0.361  -14.508 0.50 36.23 ? 41  GLU A CB  1 
ATOM   317  C  CG  . GLU A 1 41  ? 14.359  -0.337  -14.216 0.50 34.02 ? 41  GLU A CG  1 
ATOM   318  C  CD  . GLU A 1 41  ? 15.136  0.887   -14.764 0.50 33.00 ? 41  GLU A CD  1 
ATOM   319  O  OE1 . GLU A 1 41  ? 14.930  1.315   -15.931 0.50 29.29 ? 41  GLU A OE1 1 
ATOM   320  O  OE2 . GLU A 1 41  ? 15.996  1.415   -14.015 0.50 32.48 ? 41  GLU A OE2 1 
ATOM   321  N  N   . LYS A 1 42  ? 9.531   0.373   -13.491 1.00 37.28 ? 42  LYS A N   1 
ATOM   322  C  CA  . LYS A 1 42  ? 8.132   0.693   -13.806 1.00 36.30 ? 42  LYS A CA  1 
ATOM   323  C  C   . LYS A 1 42  ? 7.870   2.216   -13.870 1.00 36.13 ? 42  LYS A C   1 
ATOM   324  O  O   . LYS A 1 42  ? 6.777   2.634   -14.292 1.00 36.53 ? 42  LYS A O   1 
ATOM   325  C  CB  . LYS A 1 42  ? 7.192   0.041   -12.806 1.00 36.04 ? 42  LYS A CB  1 
ATOM   326  C  CG  . LYS A 1 42  ? 7.182   -1.471  -12.812 1.00 37.19 ? 42  LYS A CG  1 
ATOM   327  C  CD  . LYS A 1 42  ? 6.493   -2.077  -14.030 1.00 36.59 ? 42  LYS A CD  1 
ATOM   328  C  CE  . LYS A 1 42  ? 6.388   -3.592  -13.878 1.00 36.01 ? 42  LYS A CE  1 
ATOM   329  N  NZ  . LYS A 1 42  ? 6.242   -4.369  -15.167 1.00 34.09 ? 42  LYS A NZ  1 
ATOM   330  N  N   . PHE A 1 43  ? 8.845   3.055   -13.466 1.00 35.16 ? 43  PHE A N   1 
ATOM   331  C  CA  . PHE A 1 43  ? 8.573   4.501   -13.278 1.00 35.39 ? 43  PHE A CA  1 
ATOM   332  C  C   . PHE A 1 43  ? 9.650   5.359   -13.916 1.00 36.62 ? 43  PHE A C   1 
ATOM   333  O  O   . PHE A 1 43  ? 10.738  5.506   -13.337 1.00 36.72 ? 43  PHE A O   1 
ATOM   334  C  CB  . PHE A 1 43  ? 8.464   4.901   -11.769 1.00 33.63 ? 43  PHE A CB  1 
ATOM   335  C  CG  . PHE A 1 43  ? 7.370   4.189   -11.021 1.00 32.34 ? 43  PHE A CG  1 
ATOM   336  C  CD1 . PHE A 1 43  ? 7.649   3.016   -10.299 1.00 30.99 ? 43  PHE A CD1 1 
ATOM   337  C  CD2 . PHE A 1 43  ? 6.046   4.673   -11.036 1.00 29.77 ? 43  PHE A CD2 1 
ATOM   338  C  CE1 . PHE A 1 43  ? 6.645   2.328   -9.630  1.00 29.48 ? 43  PHE A CE1 1 
ATOM   339  C  CE2 . PHE A 1 43  ? 5.036   3.975   -10.355 1.00 26.82 ? 43  PHE A CE2 1 
ATOM   340  C  CZ  . PHE A 1 43  ? 5.343   2.802   -9.665  1.00 27.43 ? 43  PHE A CZ  1 
ATOM   341  N  N   . ASP A 1 44  ? 9.353   5.948   -15.080 1.00 37.46 ? 44  ASP A N   1 
ATOM   342  C  CA  . ASP A 1 44  ? 10.325  6.846   -15.717 0.50 38.02 ? 44  ASP A CA  1 
ATOM   343  C  C   . ASP A 1 44  ? 10.716  8.025   -14.796 1.00 38.73 ? 44  ASP A C   1 
ATOM   344  O  O   . ASP A 1 44  ? 11.906  8.296   -14.622 1.00 39.82 ? 44  ASP A O   1 
ATOM   345  C  CB  . ASP A 1 44  ? 9.853   7.308   -17.097 0.50 37.71 ? 44  ASP A CB  1 
ATOM   346  C  CG  . ASP A 1 44  ? 9.986   6.215   -18.159 0.50 37.16 ? 44  ASP A CG  1 
ATOM   347  O  OD1 . ASP A 1 44  ? 10.687  5.206   -17.944 0.50 34.50 ? 44  ASP A OD1 1 
ATOM   348  O  OD2 . ASP A 1 44  ? 9.377   6.368   -19.224 0.50 37.10 ? 44  ASP A OD2 1 
ATOM   349  N  N   . LYS A 1 45  ? 9.718   8.673   -14.193 1.00 38.87 ? 45  LYS A N   1 
ATOM   350  C  CA  . LYS A 1 45  ? 9.896   9.741   -13.178 1.00 39.10 ? 45  LYS A CA  1 
ATOM   351  C  C   . LYS A 1 45  ? 10.829  9.386   -11.978 1.00 38.34 ? 45  LYS A C   1 
ATOM   352  O  O   . LYS A 1 45  ? 11.297  10.290  -11.279 1.00 37.92 ? 45  LYS A O   1 
ATOM   353  C  CB  . LYS A 1 45  ? 8.513   10.169  -12.619 1.00 38.85 ? 45  LYS A CB  1 
ATOM   354  C  CG  . LYS A 1 45  ? 7.866   9.114   -11.700 1.00 40.47 ? 45  LYS A CG  1 
ATOM   355  C  CD  . LYS A 1 45  ? 6.342   9.158   -11.700 1.00 41.95 ? 45  LYS A CD  1 
ATOM   356  C  CE  . LYS A 1 45  ? 5.774   10.252  -10.788 1.00 44.57 ? 45  LYS A CE  1 
ATOM   357  N  NZ  . LYS A 1 45  ? 4.287   10.249  -10.758 1.00 45.25 ? 45  LYS A NZ  1 
ATOM   358  N  N   . PHE A 1 46  ? 11.059  8.086   -11.745 1.00 37.10 ? 46  PHE A N   1 
ATOM   359  C  CA  . PHE A 1 46  ? 11.848  7.610   -10.613 1.00 36.06 ? 46  PHE A CA  1 
ATOM   360  C  C   . PHE A 1 46  ? 13.170  6.907   -10.991 1.00 36.66 ? 46  PHE A C   1 
ATOM   361  O  O   . PHE A 1 46  ? 13.961  6.571   -10.080 1.00 34.65 ? 46  PHE A O   1 
ATOM   362  C  CB  . PHE A 1 46  ? 10.994  6.716   -9.675  1.00 35.57 ? 46  PHE A CB  1 
ATOM   363  C  CG  . PHE A 1 46  ? 9.820   7.439   -9.025  1.00 33.66 ? 46  PHE A CG  1 
ATOM   364  C  CD1 . PHE A 1 46  ? 9.932   8.783   -8.614  1.00 33.99 ? 46  PHE A CD1 1 
ATOM   365  C  CD2 . PHE A 1 46  ? 8.614   6.768   -8.780  1.00 34.50 ? 46  PHE A CD2 1 
ATOM   366  C  CE1 . PHE A 1 46  ? 8.835   9.467   -8.017  1.00 33.40 ? 46  PHE A CE1 1 
ATOM   367  C  CE2 . PHE A 1 46  ? 7.507   7.438   -8.172  1.00 30.99 ? 46  PHE A CE2 1 
ATOM   368  C  CZ  . PHE A 1 46  ? 7.620   8.769   -7.769  1.00 33.19 ? 46  PHE A CZ  1 
ATOM   369  N  N   . LYS A 1 47  ? 13.403  6.668   -12.293 1.00 36.55 ? 47  LYS A N   1 
ATOM   370  C  CA  . LYS A 1 47  ? 14.570  5.875   -12.694 0.50 38.62 ? 47  LYS A CA  1 
ATOM   371  C  C   . LYS A 1 47  ? 15.901  6.569   -12.404 1.00 40.04 ? 47  LYS A C   1 
ATOM   372  O  O   . LYS A 1 47  ? 16.915  5.883   -12.132 1.00 41.24 ? 47  LYS A O   1 
ATOM   373  C  CB  . LYS A 1 47  ? 14.467  5.319   -14.129 0.50 38.56 ? 47  LYS A CB  1 
ATOM   374  C  CG  . LYS A 1 47  ? 14.055  6.310   -15.209 0.50 39.02 ? 47  LYS A CG  1 
ATOM   375  C  CD  . LYS A 1 47  ? 13.009  5.709   -16.154 0.50 38.92 ? 47  LYS A CD  1 
ATOM   376  C  CE  . LYS A 1 47  ? 12.869  6.504   -17.455 0.50 37.51 ? 47  LYS A CE  1 
ATOM   377  N  NZ  . LYS A 1 47  ? 13.928  6.119   -18.427 0.50 37.81 ? 47  LYS A NZ  1 
ATOM   378  N  N   . HIS A 1 48  ? 15.907  7.912   -12.393 1.00 41.27 ? 48  HIS A N   1 
ATOM   379  C  CA  . HIS A 1 48  ? 17.124  8.695   -11.999 1.00 42.03 ? 48  HIS A CA  1 
ATOM   380  C  C   . HIS A 1 48  ? 17.502  8.521   -10.524 1.00 43.28 ? 48  HIS A C   1 
ATOM   381  O  O   . HIS A 1 48  ? 18.651  8.802   -10.111 1.00 45.32 ? 48  HIS A O   1 
ATOM   382  C  CB  . HIS A 1 48  ? 16.968  10.197  -12.314 1.00 41.48 ? 48  HIS A CB  1 
ATOM   383  C  CG  . HIS A 1 48  ? 15.897  10.905  -11.512 1.00 40.37 ? 48  HIS A CG  1 
ATOM   384  N  ND1 . HIS A 1 48  ? 16.185  11.706  -10.422 1.00 37.92 ? 48  HIS A ND1 1 
ATOM   385  C  CD2 . HIS A 1 48  ? 14.550  10.949  -11.660 1.00 39.05 ? 48  HIS A CD2 1 
ATOM   386  C  CE1 . HIS A 1 48  ? 15.062  12.199  -9.929  1.00 36.74 ? 48  HIS A CE1 1 
ATOM   387  N  NE2 . HIS A 1 48  ? 14.053  11.758  -10.664 1.00 37.96 ? 48  HIS A NE2 1 
ATOM   388  N  N   . LEU A 1 49  ? 16.544  8.089   -9.708  1.00 43.32 ? 49  LEU A N   1 
ATOM   389  C  CA  . LEU A 1 49  ? 16.775  8.028   -8.268  1.00 43.26 ? 49  LEU A CA  1 
ATOM   390  C  C   . LEU A 1 49  ? 17.672  6.842   -7.989  1.00 44.12 ? 49  LEU A C   1 
ATOM   391  O  O   . LEU A 1 49  ? 17.217  5.695   -7.900  1.00 44.78 ? 49  LEU A O   1 
ATOM   392  C  CB  . LEU A 1 49  ? 15.466  7.990   -7.480  1.00 42.86 ? 49  LEU A CB  1 
ATOM   393  C  CG  . LEU A 1 49  ? 14.527  9.191   -7.656  1.00 40.98 ? 49  LEU A CG  1 
ATOM   394  C  CD1 . LEU A 1 49  ? 13.159  8.873   -7.090  1.00 39.84 ? 49  LEU A CD1 1 
ATOM   395  C  CD2 . LEU A 1 49  ? 15.107  10.416  -6.972  1.00 40.41 ? 49  LEU A CD2 1 
ATOM   396  N  N   . LYS A 1 50  ? 18.965  7.159   -7.908  1.00 44.29 ? 50  LYS A N   1 
ATOM   397  C  CA  . LYS A 1 50  ? 20.037  6.214   -7.680  0.50 43.57 ? 50  LYS A CA  1 
ATOM   398  C  C   . LYS A 1 50  ? 20.374  6.033   -6.201  1.00 43.37 ? 50  LYS A C   1 
ATOM   399  O  O   . LYS A 1 50  ? 20.979  5.030   -5.859  1.00 44.30 ? 50  LYS A O   1 
ATOM   400  C  CB  . LYS A 1 50  ? 21.304  6.639   -8.442  0.50 43.31 ? 50  LYS A CB  1 
ATOM   401  C  CG  . LYS A 1 50  ? 21.091  7.071   -9.878  0.50 43.11 ? 50  LYS A CG  1 
ATOM   402  C  CD  . LYS A 1 50  ? 20.694  5.914   -10.782 0.50 44.12 ? 50  LYS A CD  1 
ATOM   403  C  CE  . LYS A 1 50  ? 20.715  6.324   -12.259 0.50 44.18 ? 50  LYS A CE  1 
ATOM   404  N  NZ  . LYS A 1 50  ? 20.662  5.127   -13.137 0.50 43.61 ? 50  LYS A NZ  1 
ATOM   405  N  N   . THR A 1 51  ? 20.000  6.968   -5.321  1.00 42.32 ? 51  THR A N   1 
ATOM   406  C  CA  . THR A 1 51  ? 20.295  6.822   -3.877  1.00 41.51 ? 51  THR A CA  1 
ATOM   407  C  C   . THR A 1 51  ? 19.085  7.052   -2.962  1.00 40.76 ? 51  THR A C   1 
ATOM   408  O  O   . THR A 1 51  ? 18.145  7.758   -3.323  1.00 40.83 ? 51  THR A O   1 
ATOM   409  C  CB  . THR A 1 51  ? 21.389  7.821   -3.385  1.00 41.60 ? 51  THR A CB  1 
ATOM   410  O  OG1 . THR A 1 51  ? 20.993  9.172   -3.697  1.00 41.68 ? 51  THR A OG1 1 
ATOM   411  C  CG2 . THR A 1 51  ? 22.724  7.517   -3.989  1.00 42.23 ? 51  THR A CG2 1 
ATOM   412  N  N   . GLU A 1 52  ? 19.133  6.497   -1.758  1.00 39.36 ? 52  GLU A N   1 
ATOM   413  C  CA  . GLU A 1 52  ? 18.155  6.799   -0.733  1.00 38.97 ? 52  GLU A CA  1 
ATOM   414  C  C   . GLU A 1 52  ? 18.004  8.291   -0.425  1.00 38.91 ? 52  GLU A C   1 
ATOM   415  O  O   . GLU A 1 52  ? 16.895  8.778   -0.221  1.00 38.34 ? 52  GLU A O   1 
ATOM   416  C  CB  . GLU A 1 52  ? 18.574  6.082   0.518   1.00 39.61 ? 52  GLU A CB  1 
ATOM   417  C  CG  . GLU A 1 52  ? 17.545  6.052   1.586   1.00 41.65 ? 52  GLU A CG  1 
ATOM   418  C  CD  . GLU A 1 52  ? 17.433  4.700   2.183   1.00 43.29 ? 52  GLU A CD  1 
ATOM   419  O  OE1 . GLU A 1 52  ? 18.227  3.792   1.816   1.00 45.85 ? 52  GLU A OE1 1 
ATOM   420  O  OE2 . GLU A 1 52  ? 16.525  4.530   3.011   1.00 46.33 ? 52  GLU A OE2 1 
ATOM   421  N  N   . ALA A 1 53  ? 19.130  9.012   -0.367  1.00 38.71 ? 53  ALA A N   1 
ATOM   422  C  CA  . ALA A 1 53  ? 19.164  10.477  -0.188  1.00 37.34 ? 53  ALA A CA  1 
ATOM   423  C  C   . ALA A 1 53  ? 18.353  11.194  -1.253  1.00 36.50 ? 53  ALA A C   1 
ATOM   424  O  O   . ALA A 1 53  ? 17.588  12.110  -0.945  1.00 36.48 ? 53  ALA A O   1 
ATOM   425  C  CB  . ALA A 1 53  ? 20.598  10.962  -0.246  1.00 37.05 ? 53  ALA A CB  1 
ATOM   426  N  N   . GLU A 1 54  ? 18.536  10.799  -2.511  1.00 35.64 ? 54  GLU A N   1 
ATOM   427  C  CA  . GLU A 1 54  ? 17.778  11.407  -3.600  1.00 35.50 ? 54  GLU A CA  1 
ATOM   428  C  C   . GLU A 1 54  ? 16.284  11.080  -3.482  1.00 34.55 ? 54  GLU A C   1 
ATOM   429  O  O   . GLU A 1 54  ? 15.422  11.945  -3.791  1.00 34.67 ? 54  GLU A O   1 
ATOM   430  C  CB  . GLU A 1 54  ? 18.268  10.941  -4.961  1.00 35.65 ? 54  GLU A CB  1 
ATOM   431  C  CG  . GLU A 1 54  ? 19.710  11.274  -5.341  1.00 37.90 ? 54  GLU A CG  1 
ATOM   432  C  CD  . GLU A 1 54  ? 20.015  10.752  -6.740  1.00 38.07 ? 54  GLU A CD  1 
ATOM   433  O  OE1 . GLU A 1 54  ? 20.079  9.513   -6.939  1.00 37.06 ? 54  GLU A OE1 1 
ATOM   434  O  OE2 . GLU A 1 54  ? 20.148  11.582  -7.662  1.00 42.89 ? 54  GLU A OE2 1 
ATOM   435  N  N   . MET A 1 55  ? 15.963  9.836   -3.089  1.00 32.73 ? 55  MET A N   1 
ATOM   436  C  CA  . MET A 1 55  ? 14.551  9.425   -2.895  1.00 31.56 ? 55  MET A CA  1 
ATOM   437  C  C   . MET A 1 55  ? 13.893  10.317  -1.817  1.00 30.10 ? 55  MET A C   1 
ATOM   438  O  O   . MET A 1 55  ? 12.765  10.799  -1.988  1.00 29.10 ? 55  MET A O   1 
ATOM   439  C  CB  . MET A 1 55  ? 14.415  7.938   -2.512  1.00 30.96 ? 55  MET A CB  1 
ATOM   440  C  CG  . MET A 1 55  ? 14.706  6.896   -3.587  1.00 31.47 ? 55  MET A CG  1 
ATOM   441  S  SD  . MET A 1 55  ? 14.747  5.171   -2.943  1.00 33.08 ? 55  MET A SD  1 
ATOM   442  C  CE  . MET A 1 55  ? 15.252  4.246   -4.418  1.00 30.79 ? 55  MET A CE  1 
ATOM   443  N  N   . LYS A 1 56  ? 14.621  10.571  -0.734  1.00 30.56 ? 56  LYS A N   1 
ATOM   444  C  CA  . LYS A 1 56  ? 14.091  11.360  0.390   1.00 31.57 ? 56  LYS A CA  1 
ATOM   445  C  C   . LYS A 1 56  ? 13.960  12.845  0.097   1.00 30.78 ? 56  LYS A C   1 
ATOM   446  O  O   . LYS A 1 56  ? 13.165  13.516  0.742   1.00 29.95 ? 56  LYS A O   1 
ATOM   447  C  CB  . LYS A 1 56  ? 14.907  11.152  1.683   1.00 32.11 ? 56  LYS A CB  1 
ATOM   448  C  CG  . LYS A 1 56  ? 14.616  9.834   2.388   1.00 33.01 ? 56  LYS A CG  1 
ATOM   449  C  CD  . LYS A 1 56  ? 14.711  9.964   3.892   1.00 39.96 ? 56  LYS A CD  1 
ATOM   450  C  CE  . LYS A 1 56  ? 13.863  11.158  4.423   1.00 41.40 ? 56  LYS A CE  1 
ATOM   451  N  NZ  . LYS A 1 56  ? 12.750  10.782  5.365   1.00 42.13 ? 56  LYS A NZ  1 
ATOM   452  N  N   . ALA A 1 57  ? 14.742  13.343  -0.863  1.00 30.56 ? 57  ALA A N   1 
ATOM   453  C  CA  . ALA A 1 57  ? 14.744  14.768  -1.207  1.00 31.22 ? 57  ALA A CA  1 
ATOM   454  C  C   . ALA A 1 57  ? 13.664  15.096  -2.220  1.00 32.06 ? 57  ALA A C   1 
ATOM   455  O  O   . ALA A 1 57  ? 13.298  16.269  -2.372  1.00 33.26 ? 57  ALA A O   1 
ATOM   456  C  CB  . ALA A 1 57  ? 16.111  15.203  -1.710  1.00 31.60 ? 57  ALA A CB  1 
ATOM   457  N  N   . SER A 1 58  ? 13.089  14.047  -2.827  1.00 31.15 ? 58  SER A N   1 
ATOM   458  C  CA  . SER A 1 58  ? 12.161  14.141  -3.948  1.00 30.67 ? 58  SER A CA  1 
ATOM   459  C  C   . SER A 1 58  ? 10.739  14.557  -3.518  1.00 31.10 ? 58  SER A C   1 
ATOM   460  O  O   . SER A 1 58  ? 10.040  13.800  -2.823  1.00 30.73 ? 58  SER A O   1 
ATOM   461  C  CB  . SER A 1 58  ? 12.156  12.812  -4.718  1.00 29.04 ? 58  SER A CB  1 
ATOM   462  O  OG  . SER A 1 58  ? 11.179  12.888  -5.710  1.00 30.59 ? 58  SER A OG  1 
ATOM   463  N  N   . GLU A 1 59  ? 10.320  15.783  -3.889  1.00 31.27 ? 59  GLU A N   1 
ATOM   464  C  CA  . GLU A 1 59  ? 8.912   16.215  -3.672  1.00 30.77 ? 59  GLU A CA  1 
ATOM   465  C  C   . GLU A 1 59  ? 7.864   15.369  -4.442  1.00 29.59 ? 59  GLU A C   1 
ATOM   466  O  O   . GLU A 1 59  ? 6.726   15.178  -3.975  1.00 28.89 ? 59  GLU A O   1 
ATOM   467  C  CB  . GLU A 1 59  ? 8.700   17.712  -3.982  1.00 29.90 ? 59  GLU A CB  1 
ATOM   468  C  CG  . GLU A 1 59  ? 9.247   18.716  -2.891  1.00 31.76 ? 59  GLU A CG  1 
ATOM   469  C  CD  . GLU A 1 59  ? 8.813   18.413  -1.441  1.00 33.70 ? 59  GLU A CD  1 
ATOM   470  O  OE1 . GLU A 1 59  ? 7.644   18.604  -1.072  1.00 38.04 ? 59  GLU A OE1 1 
ATOM   471  O  OE2 . GLU A 1 59  ? 9.659   17.979  -0.651  1.00 35.42 ? 59  GLU A OE2 1 
ATOM   472  N  N   . ASP A 1 60  ? 8.245   14.890  -5.626  1.00 28.54 ? 60  ASP A N   1 
ATOM   473  C  CA  . ASP A 1 60  ? 7.323   14.141  -6.506  1.00 27.51 ? 60  ASP A CA  1 
ATOM   474  C  C   . ASP A 1 60  ? 7.028   12.730  -5.890  1.00 27.02 ? 60  ASP A C   1 
ATOM   475  O  O   . ASP A 1 60  ? 5.913   12.134  -6.094  1.00 27.36 ? 60  ASP A O   1 
ATOM   476  C  CB  . ASP A 1 60  ? 7.935   14.091  -7.913  1.00 27.50 ? 60  ASP A CB  1 
ATOM   477  C  CG  . ASP A 1 60  ? 6.957   13.652  -9.024  1.00 31.79 ? 60  ASP A CG  1 
ATOM   478  O  OD1 . ASP A 1 60  ? 5.840   14.236  -9.240  1.00 33.19 ? 60  ASP A OD1 1 
ATOM   479  O  OD2 . ASP A 1 60  ? 7.360   12.715  -9.741  1.00 34.04 ? 60  ASP A OD2 1 
ATOM   480  N  N   . LEU A 1 61  ? 8.001   12.196  -5.137  1.00 23.98 ? 61  LEU A N   1 
ATOM   481  C  CA  . LEU A 1 61  ? 7.847   10.883  -4.482  1.00 23.74 ? 61  LEU A CA  1 
ATOM   482  C  C   . LEU A 1 61  ? 6.869   10.980  -3.331  1.00 23.78 ? 61  LEU A C   1 
ATOM   483  O  O   . LEU A 1 61  ? 6.019   10.128  -3.174  1.00 23.58 ? 61  LEU A O   1 
ATOM   484  C  CB  . LEU A 1 61  ? 9.210   10.296  -4.041  1.00 23.70 ? 61  LEU A CB  1 
ATOM   485  C  CG  . LEU A 1 61  ? 9.279   8.831   -3.519  1.00 22.16 ? 61  LEU A CG  1 
ATOM   486  C  CD1 . LEU A 1 61  ? 10.653  8.251   -3.776  1.00 20.24 ? 61  LEU A CD1 1 
ATOM   487  C  CD2 . LEU A 1 61  ? 8.954   8.820   -2.085  1.00 19.40 ? 61  LEU A CD2 1 
ATOM   488  N  N   . LYS A 1 62  ? 7.042   12.004  -2.507  1.00 24.49 ? 62  LYS A N   1 
ATOM   489  C  CA  . LYS A 1 62  ? 6.054   12.458  -1.546  1.00 25.23 ? 62  LYS A CA  1 
ATOM   490  C  C   . LYS A 1 62  ? 4.624   12.576  -2.117  1.00 24.82 ? 62  LYS A C   1 
ATOM   491  O  O   . LYS A 1 62  ? 3.692   12.086  -1.513  1.00 25.78 ? 62  LYS A O   1 
ATOM   492  C  CB  . LYS A 1 62  ? 6.500   13.773  -0.882  1.00 24.42 ? 62  LYS A CB  1 
ATOM   493  C  CG  . LYS A 1 62  ? 7.144   13.553  0.504   1.00 29.34 ? 62  LYS A CG  1 
ATOM   494  C  CD  . LYS A 1 62  ? 8.437   14.294  0.724   1.00 31.81 ? 62  LYS A CD  1 
ATOM   495  C  CE  . LYS A 1 62  ? 8.290   15.704  1.192   1.00 35.10 ? 62  LYS A CE  1 
ATOM   496  N  NZ  . LYS A 1 62  ? 9.663   16.293  1.481   1.00 33.36 ? 62  LYS A NZ  1 
ATOM   497  N  N   . LYS A 1 63  ? 4.481   13.248  -3.251  1.00 24.23 ? 63  LYS A N   1 
ATOM   498  C  CA  . LYS A 1 63  ? 3.223   13.487  -3.895  1.00 24.76 ? 63  LYS A CA  1 
ATOM   499  C  C   . LYS A 1 63  ? 2.599   12.156  -4.364  1.00 23.51 ? 63  LYS A C   1 
ATOM   500  O  O   . LYS A 1 63  ? 1.411   11.922  -4.157  1.00 21.90 ? 63  LYS A O   1 
ATOM   501  C  CB  . LYS A 1 63  ? 3.413   14.440  -5.101  1.00 24.90 ? 63  LYS A CB  1 
ATOM   502  C  CG  . LYS A 1 63  ? 2.147   14.622  -5.932  1.00 27.00 ? 63  LYS A CG  1 
ATOM   503  C  CD  . LYS A 1 63  ? 2.428   15.419  -7.244  1.00 26.19 ? 63  LYS A CD  1 
ATOM   504  C  CE  . LYS A 1 63  ? 1.234   15.486  -8.164  1.00 24.86 ? 63  LYS A CE  1 
ATOM   505  N  NZ  . LYS A 1 63  ? 1.395   16.661  -9.099  1.00 28.72 ? 63  LYS A NZ  1 
ATOM   506  N  N   . HIS A 1 64  ? 3.433   11.312  -4.982  1.00 23.03 ? 64  HIS A N   1 
ATOM   507  C  CA  . HIS A 1 64  ? 3.067   9.958   -5.356  1.00 23.08 ? 64  HIS A CA  1 
ATOM   508  C  C   . HIS A 1 64  ? 2.601   9.108   -4.167  1.00 22.03 ? 64  HIS A C   1 
ATOM   509  O  O   . HIS A 1 64  ? 1.551   8.473   -4.253  1.00 19.91 ? 64  HIS A O   1 
ATOM   510  C  CB  . HIS A 1 64  ? 4.249   9.256   -6.043  1.00 24.11 ? 64  HIS A CB  1 
ATOM   511  C  CG  . HIS A 1 64  ? 3.808   8.272   -7.066  1.00 24.86 ? 64  HIS A CG  1 
ATOM   512  N  ND1 . HIS A 1 64  ? 4.048   8.452   -8.410  1.00 25.17 ? 64  HIS A ND1 1 
ATOM   513  C  CD2 . HIS A 1 64  ? 3.054   7.151   -6.957  1.00 25.50 ? 64  HIS A CD2 1 
ATOM   514  C  CE1 . HIS A 1 64  ? 3.481   7.461   -9.079  1.00 29.91 ? 64  HIS A CE1 1 
ATOM   515  N  NE2 . HIS A 1 64  ? 2.864   6.667   -8.221  1.00 24.91 ? 64  HIS A NE2 1 
ATOM   516  N  N   . GLY A 1 65  ? 3.389   9.090   -3.075  1.00 21.51 ? 65  GLY A N   1 
ATOM   517  C  CA  . GLY A 1 65  ? 2.983   8.403   -1.811  1.00 19.13 ? 65  GLY A CA  1 
ATOM   518  C  C   . GLY A 1 65  ? 1.631   8.841   -1.261  1.00 20.22 ? 65  GLY A C   1 
ATOM   519  O  O   . GLY A 1 65  ? 0.875   8.020   -0.772  1.00 17.71 ? 65  GLY A O   1 
ATOM   520  N  N   . THR A 1 66  ? 1.355   10.158  -1.314  1.00 19.69 ? 66  THR A N   1 
ATOM   521  C  CA  . THR A 1 66  ? 0.062   10.746  -0.936  1.00 19.93 ? 66  THR A CA  1 
ATOM   522  C  C   . THR A 1 66  ? -1.095  10.211  -1.838  1.00 20.39 ? 66  THR A C   1 
ATOM   523  O  O   . THR A 1 66  ? -2.176  9.838   -1.335  1.00 21.20 ? 66  THR A O   1 
ATOM   524  C  CB  . THR A 1 66  ? 0.126   12.302  -0.982  1.00 19.29 ? 66  THR A CB  1 
ATOM   525  O  OG1 . THR A 1 66  ? 0.999   12.771  0.055   1.00 24.82 ? 66  THR A OG1 1 
ATOM   526  C  CG2 . THR A 1 66  ? -1.279  12.998  -0.877  1.00 19.70 ? 66  THR A CG2 1 
ATOM   527  N  N   . VAL A 1 67  ? -0.882  10.152  -3.152  1.00 19.27 ? 67  VAL A N   1 
ATOM   528  C  CA  . VAL A 1 67  ? -1.915  9.575   -4.048  1.00 18.23 ? 67  VAL A CA  1 
ATOM   529  C  C   . VAL A 1 67  ? -2.209  8.099   -3.661  1.00 19.57 ? 67  VAL A C   1 
ATOM   530  O  O   . VAL A 1 67  ? -3.393  7.723   -3.509  1.00 18.37 ? 67  VAL A O   1 
ATOM   531  C  CB  . VAL A 1 67  ? -1.548  9.726   -5.595  1.00 18.33 ? 67  VAL A CB  1 
ATOM   532  C  CG1 . VAL A 1 67  ? -2.537  8.933   -6.520  1.00 13.85 ? 67  VAL A CG1 1 
ATOM   533  C  CG2 . VAL A 1 67  ? -1.427  11.237  -6.004  1.00 16.57 ? 67  VAL A CG2 1 
ATOM   534  N  N   . VAL A 1 68  ? -1.135  7.298   -3.507  1.00 18.63 ? 68  VAL A N   1 
ATOM   535  C  CA  . VAL A 1 68  ? -1.240  5.842   -3.167  1.00 19.90 ? 68  VAL A CA  1 
ATOM   536  C  C   . VAL A 1 68  ? -1.982  5.558   -1.872  1.00 19.54 ? 68  VAL A C   1 
ATOM   537  O  O   . VAL A 1 68  ? -3.015  4.816   -1.865  1.00 17.68 ? 68  VAL A O   1 
ATOM   538  C  CB  . VAL A 1 68  ? 0.156   5.118   -3.209  1.00 20.06 ? 68  VAL A CB  1 
ATOM   539  C  CG1 . VAL A 1 68  ? 0.034   3.611   -2.772  1.00 20.46 ? 68  VAL A CG1 1 
ATOM   540  C  CG2 . VAL A 1 68  ? 0.733   5.238   -4.603  1.00 19.90 ? 68  VAL A CG2 1 
ATOM   541  N  N   . LEU A 1 69  ? -1.496  6.160   -0.774  1.00 20.01 ? 69  LEU A N   1 
ATOM   542  C  CA  . LEU A 1 69  ? -2.139  5.970   0.542   1.00 20.23 ? 69  LEU A CA  1 
ATOM   543  C  C   . LEU A 1 69  ? -3.550  6.546   0.636   1.00 20.28 ? 69  LEU A C   1 
ATOM   544  O  O   . LEU A 1 69  ? -4.444  5.952   1.308   1.00 19.23 ? 69  LEU A O   1 
ATOM   545  C  CB  . LEU A 1 69  ? -1.235  6.486   1.677   1.00 21.51 ? 69  LEU A CB  1 
ATOM   546  C  CG  . LEU A 1 69  ? 0.080   5.671   1.848   1.00 22.02 ? 69  LEU A CG  1 
ATOM   547  C  CD1 . LEU A 1 69  ? 0.743   5.983   3.162   1.00 23.08 ? 69  LEU A CD1 1 
ATOM   548  C  CD2 . LEU A 1 69  ? -0.109  4.153   1.688   1.00 25.08 ? 69  LEU A CD2 1 
ATOM   549  N  N   . THR A 1 70  ? -3.772  7.691   -0.012  1.00 18.70 ? 70  THR A N   1 
ATOM   550  C  CA  . THR A 1 70  ? -5.168  8.165   -0.143  1.00 19.51 ? 70  THR A CA  1 
ATOM   551  C  C   . THR A 1 70  ? -6.096  7.155   -0.852  1.00 19.08 ? 70  THR A C   1 
ATOM   552  O  O   . THR A 1 70  ? -7.209  6.898   -0.340  1.00 16.59 ? 70  THR A O   1 
ATOM   553  C  CB  . THR A 1 70  ? -5.310  9.580   -0.789  1.00 20.10 ? 70  THR A CB  1 
ATOM   554  O  OG1 . THR A 1 70  ? -4.522  10.498  -0.027  1.00 18.75 ? 70  THR A OG1 1 
ATOM   555  C  CG2 . THR A 1 70  ? -6.805  10.003  -0.789  1.00 19.96 ? 70  THR A CG2 1 
ATOM   556  N  N   . ALA A 1 71  ? -5.669  6.591   -1.994  1.00 17.46 ? 71  ALA A N   1 
ATOM   557  C  CA  . ALA A 1 71  ? -6.478  5.505   -2.604  1.00 18.72 ? 71  ALA A CA  1 
ATOM   558  C  C   . ALA A 1 71  ? -6.704  4.242   -1.678  1.00 18.40 ? 71  ALA A C   1 
ATOM   559  O  O   . ALA A 1 71  ? -7.820  3.692   -1.577  1.00 16.83 ? 71  ALA A O   1 
ATOM   560  C  CB  . ALA A 1 71  ? -5.928  5.097   -3.979  1.00 16.58 ? 71  ALA A CB  1 
ATOM   561  N  N   . LEU A 1 72  ? -5.647  3.784   -1.034  1.00 18.42 ? 72  LEU A N   1 
ATOM   562  C  CA  . LEU A 1 72  ? -5.765  2.680   -0.098  1.00 19.78 ? 72  LEU A CA  1 
ATOM   563  C  C   . LEU A 1 72  ? -6.738  3.035   1.072   1.00 19.57 ? 72  LEU A C   1 
ATOM   564  O  O   . LEU A 1 72  ? -7.581  2.198   1.457   1.00 21.29 ? 72  LEU A O   1 
ATOM   565  C  CB  . LEU A 1 72  ? -4.358  2.243   0.380   1.00 19.37 ? 72  LEU A CB  1 
ATOM   566  C  CG  . LEU A 1 72  ? -4.340  1.065   1.374   1.00 22.49 ? 72  LEU A CG  1 
ATOM   567  C  CD1 . LEU A 1 72  ? -5.010  -0.152  0.734   1.00 20.32 ? 72  LEU A CD1 1 
ATOM   568  C  CD2 . LEU A 1 72  ? -2.909  0.776   1.865   1.00 18.14 ? 72  LEU A CD2 1 
ATOM   569  N  N   . GLY A 1 73  ? -6.643  4.255   1.606   1.00 20.73 ? 73  GLY A N   1 
ATOM   570  C  CA  . GLY A 1 73  ? -7.582  4.747   2.648   1.00 22.05 ? 73  GLY A CA  1 
ATOM   571  C  C   . GLY A 1 73  ? -9.041  4.636   2.185   1.00 22.79 ? 73  GLY A C   1 
ATOM   572  O  O   . GLY A 1 73  ? -9.889  4.069   2.892   1.00 22.15 ? 73  GLY A O   1 
ATOM   573  N  N   . GLY A 1 74  ? -9.356  5.158   0.991   1.00 22.97 ? 74  GLY A N   1 
ATOM   574  C  CA  . GLY A 1 74  ? -10.762 5.036   0.462   1.00 23.88 ? 74  GLY A CA  1 
ATOM   575  C  C   . GLY A 1 74  ? -11.271 3.596   0.470   1.00 23.86 ? 74  GLY A C   1 
ATOM   576  O  O   . GLY A 1 74  ? -12.434 3.318   0.834   1.00 26.29 ? 74  GLY A O   1 
ATOM   577  N  N   . ILE A 1 75  ? -10.409 2.667   0.076   1.00 23.07 ? 75  ILE A N   1 
ATOM   578  C  CA  . ILE A 1 75  ? -10.787 1.270   0.018   1.00 23.78 ? 75  ILE A CA  1 
ATOM   579  C  C   . ILE A 1 75  ? -11.086 0.738   1.416   1.00 23.55 ? 75  ILE A C   1 
ATOM   580  O  O   . ILE A 1 75  ? -12.154 0.167   1.660   1.00 22.10 ? 75  ILE A O   1 
ATOM   581  C  CB  . ILE A 1 75  ? -9.721  0.423   -0.817  1.00 23.90 ? 75  ILE A CB  1 
ATOM   582  C  CG1 . ILE A 1 75  ? -9.851  0.766   -2.302  1.00 23.79 ? 75  ILE A CG1 1 
ATOM   583  C  CG2 . ILE A 1 75  ? -9.815  -1.095  -0.568  1.00 23.70 ? 75  ILE A CG2 1 
ATOM   584  C  CD1 . ILE A 1 75  ? -8.775  0.206   -3.147  1.00 29.88 ? 75  ILE A CD1 1 
ATOM   585  N  N   . LEU A 1 76  ? -10.109 0.904   2.301   1.00 23.71 ? 76  LEU A N   1 
ATOM   586  C  CA  . LEU A 1 76  ? -10.164 0.446   3.710   1.00 24.78 ? 76  LEU A CA  1 
ATOM   587  C  C   . LEU A 1 76  ? -11.385 0.932   4.438   1.00 24.58 ? 76  LEU A C   1 
ATOM   588  O  O   . LEU A 1 76  ? -11.966 0.169   5.222   1.00 24.87 ? 76  LEU A O   1 
ATOM   589  C  CB  . LEU A 1 76  ? -8.890  0.837   4.531   1.00 23.15 ? 76  LEU A CB  1 
ATOM   590  C  CG  . LEU A 1 76  ? -7.552  0.146   4.153   1.00 22.95 ? 76  LEU A CG  1 
ATOM   591  C  CD1 . LEU A 1 76  ? -6.384  0.624   5.072   1.00 23.36 ? 76  LEU A CD1 1 
ATOM   592  C  CD2 . LEU A 1 76  ? -7.666  -1.423  4.134   1.00 17.44 ? 76  LEU A CD2 1 
ATOM   593  N  N   . LYS A 1 77  ? -11.779 2.189   4.170   1.00 24.62 ? 77  LYS A N   1 
ATOM   594  C  CA  . LYS A 1 77  ? -12.940 2.790   4.853   1.00 24.30 ? 77  LYS A CA  1 
ATOM   595  C  C   . LYS A 1 77  ? -14.269 2.176   4.386   1.00 23.34 ? 77  LYS A C   1 
ATOM   596  O  O   . LYS A 1 77  ? -15.279 2.477   4.978   1.00 24.05 ? 77  LYS A O   1 
ATOM   597  C  CB  . LYS A 1 77  ? -12.989 4.347   4.702   1.00 24.12 ? 77  LYS A CB  1 
ATOM   598  C  CG  . LYS A 1 77  ? -11.796 5.082   5.307   1.00 26.02 ? 77  LYS A CG  1 
ATOM   599  C  CD  . LYS A 1 77  ? -11.724 6.590   4.853   1.00 25.75 ? 77  LYS A CD  1 
ATOM   600  C  CE  . LYS A 1 77  ? -10.593 7.406   5.522   1.00 24.75 ? 77  LYS A CE  1 
ATOM   601  N  NZ  . LYS A 1 77  ? -10.082 6.603   6.666   1.00 32.97 ? 77  LYS A NZ  1 
ATOM   602  N  N   . LYS A 1 78  ? -14.261 1.344   3.334   1.00 22.93 ? 78  LYS A N   1 
ATOM   603  C  CA  . LYS A 1 78  ? -15.452 0.620   2.884   1.00 23.66 ? 78  LYS A CA  1 
ATOM   604  C  C   . LYS A 1 78  ? -15.615 -0.678  3.672   1.00 22.30 ? 78  LYS A C   1 
ATOM   605  O  O   . LYS A 1 78  ? -16.576 -1.390  3.446   1.00 23.26 ? 78  LYS A O   1 
ATOM   606  C  CB  . LYS A 1 78  ? -15.439 0.259   1.363   1.00 23.51 ? 78  LYS A CB  1 
ATOM   607  C  CG  . LYS A 1 78  ? -15.383 1.383   0.284   1.00 25.61 ? 78  LYS A CG  1 
ATOM   608  C  CD  . LYS A 1 78  ? -16.383 2.528   0.372   1.00 24.39 ? 78  LYS A CD  1 
ATOM   609  C  CE  . LYS A 1 78  ? -17.820 2.184   0.856   1.00 29.42 ? 78  LYS A CE  1 
ATOM   610  N  NZ  . LYS A 1 78  ? -18.640 1.255   0.056   1.00 32.24 ? 78  LYS A NZ  1 
ATOM   611  N  N   . LYS A 1 79  ? -14.681 -0.992  4.576   1.00 23.68 ? 79  LYS A N   1 
ATOM   612  C  CA  . LYS A 1 79  ? -14.743 -2.243  5.384   1.00 23.37 ? 79  LYS A CA  1 
ATOM   613  C  C   . LYS A 1 79  ? -15.094 -3.502  4.544   1.00 23.70 ? 79  LYS A C   1 
ATOM   614  O  O   . LYS A 1 79  ? -15.982 -4.281  4.893   1.00 24.27 ? 79  LYS A O   1 
ATOM   615  C  CB  . LYS A 1 79  ? -15.638 -2.051  6.630   1.00 23.47 ? 79  LYS A CB  1 
ATOM   616  C  CG  . LYS A 1 79  ? -15.108 -0.904  7.616   1.00 24.77 ? 79  LYS A CG  1 
ATOM   617  C  CD  . LYS A 1 79  ? -15.831 -0.808  8.996   1.00 25.73 ? 79  LYS A CD  1 
ATOM   618  C  CE  . LYS A 1 79  ? -17.295 -1.314  8.980   1.00 29.49 ? 79  LYS A CE  1 
ATOM   619  N  NZ  . LYS A 1 79  ? -18.330 -0.534  9.790   1.00 30.21 ? 79  LYS A NZ  1 
ATOM   620  N  N   . GLY A 1 80  ? -14.379 -3.714  3.431   1.00 23.69 ? 80  GLY A N   1 
ATOM   621  C  CA  . GLY A 1 80  ? -14.586 -4.925  2.617   1.00 23.66 ? 80  GLY A CA  1 
ATOM   622  C  C   . GLY A 1 80  ? -15.654 -4.860  1.539   1.00 24.03 ? 80  GLY A C   1 
ATOM   623  O  O   . GLY A 1 80  ? -15.750 -5.782  0.716   1.00 25.89 ? 80  GLY A O   1 
ATOM   624  N  N   . HIS A 1 81  ? -16.455 -3.790  1.557   1.00 23.48 ? 81  HIS A N   1 
ATOM   625  C  CA  . HIS A 1 81  ? -17.507 -3.472  0.561   1.00 23.33 ? 81  HIS A CA  1 
ATOM   626  C  C   . HIS A 1 81  ? -16.953 -2.530  -0.525  1.00 21.53 ? 81  HIS A C   1 
ATOM   627  O  O   . HIS A 1 81  ? -17.561 -1.501  -0.845  1.00 18.28 ? 81  HIS A O   1 
ATOM   628  C  CB  . HIS A 1 81  ? -18.706 -2.784  1.283   1.00 24.66 ? 81  HIS A CB  1 
ATOM   629  C  CG  . HIS A 1 81  ? -19.474 -3.718  2.165   1.00 29.39 ? 81  HIS A CG  1 
ATOM   630  N  ND1 . HIS A 1 81  ? -19.200 -3.884  3.511   1.00 32.69 ? 81  HIS A ND1 1 
ATOM   631  C  CD2 . HIS A 1 81  ? -20.453 -4.603  1.871   1.00 34.47 ? 81  HIS A CD2 1 
ATOM   632  C  CE1 . HIS A 1 81  ? -20.014 -4.797  4.013   1.00 34.76 ? 81  HIS A CE1 1 
ATOM   633  N  NE2 . HIS A 1 81  ? -20.774 -5.257  3.037   1.00 35.18 ? 81  HIS A NE2 1 
ATOM   634  N  N   . HIS A 1 82  ? -15.829 -2.927  -1.134  1.00 20.94 ? 82  HIS A N   1 
ATOM   635  C  CA  . HIS A 1 82  ? -14.979 -1.998  -1.926  1.00 21.38 ? 82  HIS A CA  1 
ATOM   636  C  C   . HIS A 1 82  ? -14.936 -2.328  -3.435  1.00 22.12 ? 82  HIS A C   1 
ATOM   637  O  O   . HIS A 1 82  ? -14.020 -1.863  -4.156  1.00 19.82 ? 82  HIS A O   1 
ATOM   638  C  CB  . HIS A 1 82  ? -13.527 -2.044  -1.358  1.00 20.78 ? 82  HIS A CB  1 
ATOM   639  C  CG  . HIS A 1 82  ? -12.998 -3.453  -1.197  1.00 21.86 ? 82  HIS A CG  1 
ATOM   640  N  ND1 . HIS A 1 82  ? -12.257 -3.860  -0.102  1.00 22.18 ? 82  HIS A ND1 1 
ATOM   641  C  CD2 . HIS A 1 82  ? -13.149 -4.558  -1.982  1.00 17.28 ? 82  HIS A CD2 1 
ATOM   642  C  CE1 . HIS A 1 82  ? -11.911 -5.137  -0.258  1.00 22.83 ? 82  HIS A CE1 1 
ATOM   643  N  NE2 . HIS A 1 82  ? -12.451 -5.587  -1.387  1.00 19.66 ? 82  HIS A NE2 1 
ATOM   644  N  N   . GLU A 1 83  ? -15.859 -3.182  -3.909  1.00 23.06 ? 83  GLU A N   1 
ATOM   645  C  CA  . GLU A 1 83  ? -15.901 -3.536  -5.351  1.00 23.66 ? 83  GLU A CA  1 
ATOM   646  C  C   . GLU A 1 83  ? -15.748 -2.357  -6.328  1.00 23.74 ? 83  GLU A C   1 
ATOM   647  O  O   . GLU A 1 83  ? -14.914 -2.409  -7.212  1.00 24.02 ? 83  GLU A O   1 
ATOM   648  C  CB  . GLU A 1 83  ? -17.153 -4.369  -5.670  1.00 24.27 ? 83  GLU A CB  1 
ATOM   649  C  CG  . GLU A 1 83  ? -17.334 -4.764  -7.159  1.00 27.48 ? 83  GLU A CG  1 
ATOM   650  C  CD  . GLU A 1 83  ? -16.356 -5.840  -7.678  1.00 37.14 ? 83  GLU A CD  1 
ATOM   651  O  OE1 . GLU A 1 83  ? -15.400 -6.255  -6.966  1.00 40.70 ? 83  GLU A OE1 1 
ATOM   652  O  OE2 . GLU A 1 83  ? -16.517 -6.246  -8.863  1.00 43.06 ? 83  GLU A OE2 1 
ATOM   653  N  N   . ALA A 1 84  ? -16.532 -1.291  -6.158  1.00 23.56 ? 84  ALA A N   1 
ATOM   654  C  CA  . ALA A 1 84  ? -16.496 -0.127  -7.037  1.00 24.11 ? 84  ALA A CA  1 
ATOM   655  C  C   . ALA A 1 84  ? -15.147 0.650   -7.016  1.00 23.70 ? 84  ALA A C   1 
ATOM   656  O  O   . ALA A 1 84  ? -14.692 1.111   -8.067  1.00 24.76 ? 84  ALA A O   1 
ATOM   657  C  CB  . ALA A 1 84  ? -17.742 0.814   -6.733  1.00 23.31 ? 84  ALA A CB  1 
ATOM   658  N  N   . GLU A 1 85  ? -14.502 0.714   -5.840  1.00 23.30 ? 85  GLU A N   1 
ATOM   659  C  CA  . GLU A 1 85  ? -13.189 1.343   -5.635  1.00 23.24 ? 85  GLU A CA  1 
ATOM   660  C  C   . GLU A 1 85  ? -11.996 0.448   -6.035  1.00 22.71 ? 85  GLU A C   1 
ATOM   661  O  O   . GLU A 1 85  ? -10.935 0.919   -6.483  1.00 22.48 ? 85  GLU A O   1 
ATOM   662  C  CB  . GLU A 1 85  ? -13.050 1.761   -4.132  1.00 24.81 ? 85  GLU A CB  1 
ATOM   663  C  CG  . GLU A 1 85  ? -14.083 2.811   -3.586  1.00 26.37 ? 85  GLU A CG  1 
ATOM   664  C  CD  . GLU A 1 85  ? -15.485 2.253   -3.197  1.00 31.27 ? 85  GLU A CD  1 
ATOM   665  O  OE1 . GLU A 1 85  ? -15.689 1.016   -3.046  1.00 31.22 ? 85  GLU A OE1 1 
ATOM   666  O  OE2 . GLU A 1 85  ? -16.406 3.076   -3.054  1.00 30.65 ? 85  GLU A OE2 1 
ATOM   667  N  N   . LEU A 1 86  ? -12.146 -0.852  -5.837  1.00 21.65 ? 86  LEU A N   1 
ATOM   668  C  CA  . LEU A 1 86  ? -11.076 -1.800  -6.080  1.00 21.71 ? 86  LEU A CA  1 
ATOM   669  C  C   . LEU A 1 86  ? -11.004 -2.128  -7.563  1.00 22.07 ? 86  LEU A C   1 
ATOM   670  O  O   . LEU A 1 86  ? -9.936  -2.224  -8.144  1.00 22.85 ? 86  LEU A O   1 
ATOM   671  C  CB  . LEU A 1 86  ? -11.305 -3.086  -5.217  1.00 21.50 ? 86  LEU A CB  1 
ATOM   672  C  CG  . LEU A 1 86  ? -10.265 -4.195  -5.383  1.00 23.95 ? 86  LEU A CG  1 
ATOM   673  C  CD1 . LEU A 1 86  ? -10.218 -5.027  -4.181  1.00 23.00 ? 86  LEU A CD1 1 
ATOM   674  C  CD2 . LEU A 1 86  ? -10.365 -5.081  -6.710  1.00 25.46 ? 86  LEU A CD2 1 
ATOM   675  N  N   . LYS A 1 87  ? -12.159 -2.292  -8.198  1.00 23.21 ? 87  LYS A N   1 
ATOM   676  C  CA  . LYS A 1 87  ? -12.214 -2.640  -9.618  1.00 23.26 ? 87  LYS A CA  1 
ATOM   677  C  C   . LYS A 1 87  ? -11.271 -1.838  -10.553 1.00 22.38 ? 87  LYS A C   1 
ATOM   678  O  O   . LYS A 1 87  ? -10.444 -2.474  -11.247 1.00 21.95 ? 87  LYS A O   1 
ATOM   679  C  CB  . LYS A 1 87  ? -13.663 -2.672  -10.130 1.00 23.53 ? 87  LYS A CB  1 
ATOM   680  C  CG  . LYS A 1 87  ? -13.831 -3.097  -11.597 1.00 25.14 ? 87  LYS A CG  1 
ATOM   681  C  CD  . LYS A 1 87  ? -15.261 -3.595  -11.905 1.00 26.84 ? 87  LYS A CD  1 
ATOM   682  C  CE  . LYS A 1 87  ? -15.436 -3.680  -13.458 1.00 26.94 ? 87  LYS A CE  1 
ATOM   683  N  NZ  . LYS A 1 87  ? -16.724 -4.265  -13.987 1.00 28.80 ? 87  LYS A NZ  1 
ATOM   684  N  N   . PRO A 1 88  ? -11.409 -0.493  -10.621 1.00 21.64 ? 88  PRO A N   1 
ATOM   685  C  CA  . PRO A 1 88  ? -10.590 0.249   -11.595 1.00 21.94 ? 88  PRO A CA  1 
ATOM   686  C  C   . PRO A 1 88  ? -9.102  0.090   -11.357 1.00 21.89 ? 88  PRO A C   1 
ATOM   687  O  O   . PRO A 1 88  ? -8.349  0.165   -12.306 1.00 21.18 ? 88  PRO A O   1 
ATOM   688  C  CB  . PRO A 1 88  ? -10.985 1.733   -11.354 1.00 22.65 ? 88  PRO A CB  1 
ATOM   689  C  CG  . PRO A 1 88  ? -11.509 1.753   -9.914  1.00 21.63 ? 88  PRO A CG  1 
ATOM   690  C  CD  . PRO A 1 88  ? -12.251 0.443   -9.822  1.00 22.34 ? 88  PRO A CD  1 
ATOM   691  N  N   . LEU A 1 89  ? -8.705  -0.122  -10.098 1.00 20.03 ? 89  LEU A N   1 
ATOM   692  C  CA  . LEU A 1 89  ? -7.328  -0.141  -9.725  1.00 20.77 ? 89  LEU A CA  1 
ATOM   693  C  C   . LEU A 1 89  ? -6.710  -1.499  -10.086 1.00 20.24 ? 89  LEU A C   1 
ATOM   694  O  O   . LEU A 1 89  ? -5.593  -1.532  -10.579 1.00 20.90 ? 89  LEU A O   1 
ATOM   695  C  CB  . LEU A 1 89  ? -7.140  0.176   -8.204  1.00 20.17 ? 89  LEU A CB  1 
ATOM   696  C  CG  . LEU A 1 89  ? -7.271  1.617   -7.702  1.00 23.11 ? 89  LEU A CG  1 
ATOM   697  C  CD1 . LEU A 1 89  ? -7.050  1.707   -6.174  1.00 24.74 ? 89  LEU A CD1 1 
ATOM   698  C  CD2 . LEU A 1 89  ? -6.303  2.609   -8.392  1.00 21.38 ? 89  LEU A CD2 1 
ATOM   699  N  N   . ALA A 1 90  ? -7.434  -2.601  -9.809  1.00 19.66 ? 90  ALA A N   1 
ATOM   700  C  CA  . ALA A 1 90  ? -7.102  -3.920  -10.331 1.00 18.66 ? 90  ALA A CA  1 
ATOM   701  C  C   . ALA A 1 90  ? -6.990  -3.920  -11.848 1.00 18.19 ? 90  ALA A C   1 
ATOM   702  O  O   . ALA A 1 90  ? -5.994  -4.430  -12.406 1.00 17.89 ? 90  ALA A O   1 
ATOM   703  C  CB  . ALA A 1 90  ? -8.141  -4.989  -9.839  1.00 19.10 ? 90  ALA A CB  1 
ATOM   704  N  N   . GLN A 1 91  ? -7.993  -3.366  -12.519 1.00 19.23 ? 91  GLN A N   1 
ATOM   705  C  CA  . GLN A 1 91  ? -7.968  -3.281  -13.972 1.00 21.43 ? 91  GLN A CA  1 
ATOM   706  C  C   . GLN A 1 91  ? -6.752  -2.468  -14.487 1.00 21.68 ? 91  GLN A C   1 
ATOM   707  O  O   . GLN A 1 91  ? -6.000  -2.993  -15.334 1.00 21.69 ? 91  GLN A O   1 
ATOM   708  C  CB  . GLN A 1 91  ? -9.345  -2.918  -14.569 1.00 21.11 ? 91  GLN A CB  1 
ATOM   709  C  CG  . GLN A 1 91  ? -10.200 -4.227  -14.692 1.00 24.77 ? 91  GLN A CG  1 
ATOM   710  C  CD  . GLN A 1 91  ? -11.756 -4.129  -14.898 1.00 26.91 ? 91  GLN A CD  1 
ATOM   711  O  OE1 . GLN A 1 91  ? -12.318 -3.043  -15.194 1.00 26.11 ? 91  GLN A OE1 1 
ATOM   712  N  NE2 . GLN A 1 91  ? -12.465 -5.340  -14.734 1.00 24.77 ? 91  GLN A NE2 1 
ATOM   713  N  N   . SER A 1 92  ? -6.490  -1.259  -13.944 1.00 20.79 ? 92  SER A N   1 
ATOM   714  C  CA  . SER A 1 92  ? -5.288  -0.498  -14.425 1.00 19.52 ? 92  SER A CA  1 
ATOM   715  C  C   . SER A 1 92  ? -3.945  -1.193  -14.111 1.00 19.27 ? 92  SER A C   1 
ATOM   716  O  O   . SER A 1 92  ? -3.068  -1.265  -14.964 1.00 18.30 ? 92  SER A O   1 
ATOM   717  C  CB  . SER A 1 92  ? -5.296  0.959   -13.993 1.00 18.32 ? 92  SER A CB  1 
ATOM   718  O  OG  . SER A 1 92  ? -5.042  1.075   -12.592 1.00 17.06 ? 92  SER A OG  1 
ATOM   719  N  N   . HIS A 1 93  ? -3.787  -1.756  -12.919 1.00 19.30 ? 93  HIS A N   1 
ATOM   720  C  CA  . HIS A 1 93  ? -2.498  -2.384  -12.593 1.00 20.16 ? 93  HIS A CA  1 
ATOM   721  C  C   . HIS A 1 93  ? -2.139  -3.626  -13.392 1.00 20.89 ? 93  HIS A C   1 
ATOM   722  O  O   . HIS A 1 93  ? -0.966  -3.843  -13.663 1.00 21.01 ? 93  HIS A O   1 
ATOM   723  C  CB  . HIS A 1 93  ? -2.292  -2.549  -11.065 1.00 19.84 ? 93  HIS A CB  1 
ATOM   724  C  CG  . HIS A 1 93  ? -2.152  -1.225  -10.355 1.00 18.89 ? 93  HIS A CG  1 
ATOM   725  N  ND1 . HIS A 1 93  ? -3.153  -0.272  -10.355 1.00 17.95 ? 93  HIS A ND1 1 
ATOM   726  C  CD2 . HIS A 1 93  ? -1.118  -0.683  -9.677  1.00 15.82 ? 93  HIS A CD2 1 
ATOM   727  C  CE1 . HIS A 1 93  ? -2.732  0.800   -9.709  1.00 17.83 ? 93  HIS A CE1 1 
ATOM   728  N  NE2 . HIS A 1 93  ? -1.523  0.553   -9.244  1.00 17.65 ? 93  HIS A NE2 1 
ATOM   729  N  N   . ALA A 1 94  ? -3.154  -4.442  -13.745 1.00 21.20 ? 94  ALA A N   1 
ATOM   730  C  CA  . ALA A 1 94  ? -2.993  -5.646  -14.541 1.00 21.24 ? 94  ALA A CA  1 
ATOM   731  C  C   . ALA A 1 94  ? -2.837  -5.334  -16.040 1.00 23.27 ? 94  ALA A C   1 
ATOM   732  O  O   . ALA A 1 94  ? -2.027  -5.975  -16.732 1.00 22.76 ? 94  ALA A O   1 
ATOM   733  C  CB  . ALA A 1 94  ? -4.191  -6.614  -14.314 1.00 21.65 ? 94  ALA A CB  1 
ATOM   734  N  N   . THR A 1 95  ? -3.602  -4.358  -16.519 1.00 24.38 ? 95  THR A N   1 
ATOM   735  C  CA  . THR A 1 95  ? -3.705  -4.057  -17.947 1.00 26.34 ? 95  THR A CA  1 
ATOM   736  C  C   . THR A 1 95  ? -2.693  -2.996  -18.494 1.00 25.29 ? 95  THR A C   1 
ATOM   737  O  O   . THR A 1 95  ? -2.038  -3.237  -19.496 1.00 26.96 ? 95  THR A O   1 
ATOM   738  C  CB  . THR A 1 95  ? -5.150  -3.618  -18.326 1.00 27.75 ? 95  THR A CB  1 
ATOM   739  O  OG1 . THR A 1 95  ? -6.075  -4.729  -18.168 1.00 30.10 ? 95  THR A OG1 1 
ATOM   740  C  CG2 . THR A 1 95  ? -5.172  -3.235  -19.795 1.00 30.07 ? 95  THR A CG2 1 
ATOM   741  N  N   . LYS A 1 96  ? -2.603  -1.846  -17.856 1.00 23.83 ? 96  LYS A N   1 
ATOM   742  C  CA  . LYS A 1 96  ? -1.758  -0.748  -18.281 1.00 22.65 ? 96  LYS A CA  1 
ATOM   743  C  C   . LYS A 1 96  ? -0.379  -0.778  -17.589 1.00 22.60 ? 96  LYS A C   1 
ATOM   744  O  O   . LYS A 1 96  ? 0.650   -0.736  -18.277 1.00 21.95 ? 96  LYS A O   1 
ATOM   745  C  CB  . LYS A 1 96  ? -2.413  0.609   -17.959 1.00 22.58 ? 96  LYS A CB  1 
ATOM   746  C  CG  . LYS A 1 96  ? -1.647  1.767   -18.525 1.00 21.90 ? 96  LYS A CG  1 
ATOM   747  C  CD  . LYS A 1 96  ? -2.255  3.063   -18.193 1.00 20.54 ? 96  LYS A CD  1 
ATOM   748  C  CE  . LYS A 1 96  ? -1.981  4.069   -19.284 1.00 27.23 ? 96  LYS A CE  1 
ATOM   749  N  NZ  . LYS A 1 96  ? -0.558  4.536   -19.393 1.00 24.76 ? 96  LYS A NZ  1 
ATOM   750  N  N   . HIS A 1 97  ? -0.354  -0.861  -16.246 1.00 20.50 ? 97  HIS A N   1 
ATOM   751  C  CA  . HIS A 1 97  ? 0.925   -0.779  -15.523 1.00 18.89 ? 97  HIS A CA  1 
ATOM   752  C  C   . HIS A 1 97  ? 1.637   -2.136  -15.490 1.00 19.02 ? 97  HIS A C   1 
ATOM   753  O  O   . HIS A 1 97  ? 2.842   -2.179  -15.265 1.00 17.18 ? 97  HIS A O   1 
ATOM   754  C  CB  . HIS A 1 97  ? 0.780   -0.206  -14.110 1.00 17.12 ? 97  HIS A CB  1 
ATOM   755  C  CG  . HIS A 1 97  ? -0.196  0.925   -14.009 1.00 16.89 ? 97  HIS A CG  1 
ATOM   756  N  ND1 . HIS A 1 97  ? -0.253  1.946   -14.934 1.00 18.56 ? 97  HIS A ND1 1 
ATOM   757  C  CD2 . HIS A 1 97  ? -1.174  1.176   -13.115 1.00 13.83 ? 97  HIS A CD2 1 
ATOM   758  C  CE1 . HIS A 1 97  ? -1.218  2.773   -14.608 1.00 14.53 ? 97  HIS A CE1 1 
ATOM   759  N  NE2 . HIS A 1 97  ? -1.806  2.322   -13.515 1.00 15.38 ? 97  HIS A NE2 1 
ATOM   760  N  N   . LYS A 1 98  ? 0.867   -3.212  -15.706 1.00 18.82 ? 98  LYS A N   1 
ATOM   761  C  CA  . LYS A 1 98  ? 1.312   -4.640  -15.643 1.00 20.83 ? 98  LYS A CA  1 
ATOM   762  C  C   . LYS A 1 98  ? 2.121   -5.010  -14.389 1.00 20.17 ? 98  LYS A C   1 
ATOM   763  O  O   . LYS A 1 98  ? 3.273   -5.445  -14.460 1.00 18.88 ? 98  LYS A O   1 
ATOM   764  C  CB  . LYS A 1 98  ? 2.096   -5.105  -16.903 1.00 22.25 ? 98  LYS A CB  1 
ATOM   765  C  CG  . LYS A 1 98  ? 1.752   -4.448  -18.253 1.00 28.01 ? 98  LYS A CG  1 
ATOM   766  C  CD  . LYS A 1 98  ? 0.525   -4.999  -18.861 1.00 32.17 ? 98  LYS A CD  1 
ATOM   767  C  CE  . LYS A 1 98  ? 0.573   -4.792  -20.357 1.00 33.49 ? 98  LYS A CE  1 
ATOM   768  N  NZ  . LYS A 1 98  ? -0.508  -5.651  -20.910 1.00 34.70 ? 98  LYS A NZ  1 
ATOM   769  N  N   . ILE A 1 99  ? 1.524   -4.817  -13.232 1.00 20.05 ? 99  ILE A N   1 
ATOM   770  C  CA  . ILE A 1 99  ? 2.224   -5.055  -11.983 1.00 19.54 ? 99  ILE A CA  1 
ATOM   771  C  C   . ILE A 1 99  ? 1.883   -6.464  -11.493 1.00 20.37 ? 99  ILE A C   1 
ATOM   772  O  O   . ILE A 1 99  ? 0.705   -6.726  -11.217 1.00 21.87 ? 99  ILE A O   1 
ATOM   773  C  CB  . ILE A 1 99  ? 1.719   -4.025  -10.960 1.00 19.26 ? 99  ILE A CB  1 
ATOM   774  C  CG1 . ILE A 1 99  ? 1.879   -2.601  -11.518 1.00 19.15 ? 99  ILE A CG1 1 
ATOM   775  C  CG2 . ILE A 1 99  ? 2.461   -4.176  -9.583  1.00 20.34 ? 99  ILE A CG2 1 
ATOM   776  C  CD1 . ILE A 1 99  ? 3.389   -2.211  -11.844 1.00 13.13 ? 99  ILE A CD1 1 
ATOM   777  N  N   . PRO A 1 100 ? 2.878   -7.370  -11.403 1.00 20.56 ? 100 PRO A N   1 
ATOM   778  C  CA  . PRO A 1 100 ? 2.550   -8.673  -10.840 1.00 20.82 ? 100 PRO A CA  1 
ATOM   779  C  C   . PRO A 1 100 ? 2.003   -8.568  -9.367  1.00 21.49 ? 100 PRO A C   1 
ATOM   780  O  O   . PRO A 1 100 ? 2.362   -7.613  -8.583  1.00 20.05 ? 100 PRO A O   1 
ATOM   781  C  CB  . PRO A 1 100 ? 3.872   -9.460  -10.886 1.00 20.63 ? 100 PRO A CB  1 
ATOM   782  C  CG  . PRO A 1 100 ? 4.779   -8.709  -11.886 1.00 22.20 ? 100 PRO A CG  1 
ATOM   783  C  CD  . PRO A 1 100 ? 4.296   -7.255  -11.822 1.00 19.45 ? 100 PRO A CD  1 
ATOM   784  N  N   . ILE A 1 101 ? 1.157   -9.530  -9.003  1.00 20.26 ? 101 ILE A N   1 
ATOM   785  C  CA  . ILE A 1 101 ? 0.498   -9.436  -7.700  1.00 21.39 ? 101 ILE A CA  1 
ATOM   786  C  C   . ILE A 1 101 ? 1.526   -9.573  -6.552  1.00 19.95 ? 101 ILE A C   1 
ATOM   787  O  O   . ILE A 1 101 ? 1.331   -9.040  -5.484  1.00 18.28 ? 101 ILE A O   1 
ATOM   788  C  CB  . ILE A 1 101 ? -0.806  -10.330 -7.567  1.00 21.67 ? 101 ILE A CB  1 
ATOM   789  C  CG1 . ILE A 1 101 ? -1.579  -9.927  -6.302  1.00 21.35 ? 101 ILE A CG1 1 
ATOM   790  C  CG2 . ILE A 1 101 ? -0.472  -11.818 -7.493  1.00 22.57 ? 101 ILE A CG2 1 
ATOM   791  C  CD1 . ILE A 1 101 ? -2.938  -10.636 -6.106  1.00 25.03 ? 101 ILE A CD1 1 
ATOM   792  N  N   . LYS A 1 102 ? 2.656   -10.221 -6.822  1.00 20.19 ? 102 LYS A N   1 
ATOM   793  C  CA  . LYS A 1 102 ? 3.765   -10.320 -5.874  1.00 20.63 ? 102 LYS A CA  1 
ATOM   794  C  C   . LYS A 1 102 ? 4.229   -8.925  -5.392  1.00 19.91 ? 102 LYS A C   1 
ATOM   795  O  O   . LYS A 1 102 ? 4.672   -8.798  -4.295  1.00 19.59 ? 102 LYS A O   1 
ATOM   796  C  CB  . LYS A 1 102 ? 4.917   -11.111 -6.504  1.00 21.44 ? 102 LYS A CB  1 
ATOM   797  C  CG  . LYS A 1 102 ? 6.256   -11.149 -5.704  1.00 25.67 ? 102 LYS A CG  1 
ATOM   798  C  CD  . LYS A 1 102 ? 6.265   -11.948 -4.408  1.00 27.37 ? 102 LYS A CD  1 
ATOM   799  C  CE  . LYS A 1 102 ? 6.031   -13.425 -4.593  1.00 29.37 ? 102 LYS A CE  1 
ATOM   800  N  NZ  . LYS A 1 102 ? 6.294   -14.163 -3.329  1.00 30.12 ? 102 LYS A NZ  1 
ATOM   801  N  N   . TYR A 1 103 ? 4.096   -7.877  -6.186  1.00 20.14 ? 103 TYR A N   1 
ATOM   802  C  CA  . TYR A 1 103 ? 4.483   -6.497  -5.736  1.00 21.73 ? 103 TYR A CA  1 
ATOM   803  C  C   . TYR A 1 103 ? 3.472   -5.907  -4.734  1.00 20.38 ? 103 TYR A C   1 
ATOM   804  O  O   . TYR A 1 103 ? 3.807   -5.082  -3.875  1.00 18.96 ? 103 TYR A O   1 
ATOM   805  C  CB  . TYR A 1 103 ? 4.482   -5.528  -6.899  1.00 24.28 ? 103 TYR A CB  1 
ATOM   806  C  CG  . TYR A 1 103 ? 5.554   -5.634  -7.982  1.00 31.24 ? 103 TYR A CG  1 
ATOM   807  C  CD1 . TYR A 1 103 ? 6.458   -6.693  -8.069  1.00 30.71 ? 103 TYR A CD1 1 
ATOM   808  C  CD2 . TYR A 1 103 ? 5.565   -4.652  -9.012  1.00 35.80 ? 103 TYR A CD2 1 
ATOM   809  C  CE1 . TYR A 1 103 ? 7.430   -6.732  -9.118  1.00 34.83 ? 103 TYR A CE1 1 
ATOM   810  C  CE2 . TYR A 1 103 ? 6.485   -4.667  -10.050 1.00 36.35 ? 103 TYR A CE2 1 
ATOM   811  C  CZ  . TYR A 1 103 ? 7.423   -5.680  -10.109 1.00 35.98 ? 103 TYR A CZ  1 
ATOM   812  O  OH  . TYR A 1 103 ? 8.278   -5.599  -11.206 1.00 35.23 ? 103 TYR A OH  1 
ATOM   813  N  N   . LEU A 1 104 ? 2.219   -6.271  -4.938  1.00 19.21 ? 104 LEU A N   1 
ATOM   814  C  CA  . LEU A 1 104 ? 1.164   -6.077  -3.918  1.00 19.72 ? 104 LEU A CA  1 
ATOM   815  C  C   . LEU A 1 104 ? 1.465   -6.774  -2.545  1.00 18.10 ? 104 LEU A C   1 
ATOM   816  O  O   . LEU A 1 104 ? 1.299   -6.133  -1.491  1.00 17.89 ? 104 LEU A O   1 
ATOM   817  C  CB  . LEU A 1 104 ? -0.248  -6.418  -4.510  1.00 18.88 ? 104 LEU A CB  1 
ATOM   818  C  CG  . LEU A 1 104 ? -1.433  -6.000  -3.631  1.00 22.74 ? 104 LEU A CG  1 
ATOM   819  C  CD1 . LEU A 1 104 ? -1.465  -4.486  -3.418  1.00 25.62 ? 104 LEU A CD1 1 
ATOM   820  C  CD2 . LEU A 1 104 ? -2.796  -6.462  -4.130  1.00 23.20 ? 104 LEU A CD2 1 
ATOM   821  N  N   . GLU A 1 105 ? 1.937   -8.031  -2.557  1.00 17.26 ? 105 GLU A N   1 
ATOM   822  C  CA  . GLU A 1 105 ? 2.533   -8.687  -1.390  1.00 16.84 ? 105 GLU A CA  1 
ATOM   823  C  C   . GLU A 1 105 ? 3.689   -7.851  -0.773  1.00 17.28 ? 105 GLU A C   1 
ATOM   824  O  O   . GLU A 1 105 ? 3.632   -7.502  0.411   1.00 13.84 ? 105 GLU A O   1 
ATOM   825  C  CB  . GLU A 1 105 ? 3.055   -10.126 -1.705  1.00 15.64 ? 105 GLU A CB  1 
ATOM   826  C  CG  . GLU A 1 105 ? 3.787   -10.809 -0.557  1.00 15.70 ? 105 GLU A CG  1 
ATOM   827  C  CD  . GLU A 1 105 ? 4.243   -12.249 -0.847  1.00 17.21 ? 105 GLU A CD  1 
ATOM   828  O  OE1 . GLU A 1 105 ? 4.060   -12.774 -1.953  1.00 28.01 ? 105 GLU A OE1 1 
ATOM   829  O  OE2 . GLU A 1 105 ? 4.905   -12.838 -0.027  1.00 20.11 ? 105 GLU A OE2 1 
ATOM   830  N  N   . PHE A 1 106 ? 4.741   -7.563  -1.556  1.00 17.41 ? 106 PHE A N   1 
ATOM   831  C  CA  . PHE A 1 106 ? 5.803   -6.650  -1.068  1.00 18.61 ? 106 PHE A CA  1 
ATOM   832  C  C   . PHE A 1 106 ? 5.377   -5.325  -0.420  1.00 18.81 ? 106 PHE A C   1 
ATOM   833  O  O   . PHE A 1 106 ? 5.943   -4.957  0.610   1.00 19.82 ? 106 PHE A O   1 
ATOM   834  C  CB  . PHE A 1 106 ? 6.820   -6.288  -2.155  1.00 18.00 ? 106 PHE A CB  1 
ATOM   835  C  CG  . PHE A 1 106 ? 7.488   -7.472  -2.834  1.00 22.48 ? 106 PHE A CG  1 
ATOM   836  C  CD1 . PHE A 1 106 ? 7.701   -8.697  -2.168  1.00 20.51 ? 106 PHE A CD1 1 
ATOM   837  C  CD2 . PHE A 1 106 ? 7.965   -7.315  -4.149  1.00 24.38 ? 106 PHE A CD2 1 
ATOM   838  C  CE1 . PHE A 1 106 ? 8.392   -9.785  -2.824  1.00 27.95 ? 106 PHE A CE1 1 
ATOM   839  C  CE2 . PHE A 1 106 ? 8.638   -8.378  -4.823  1.00 25.23 ? 106 PHE A CE2 1 
ATOM   840  C  CZ  . PHE A 1 106 ? 8.849   -9.621  -4.148  1.00 25.04 ? 106 PHE A CZ  1 
ATOM   841  N  N   . ILE A 1 107 ? 4.436   -4.591  -1.016  1.00 19.96 ? 107 ILE A N   1 
ATOM   842  C  CA  . ILE A 1 107 ? 4.010   -3.313  -0.449  1.00 21.12 ? 107 ILE A CA  1 
ATOM   843  C  C   . ILE A 1 107 ? 3.198   -3.469  0.844   1.00 21.31 ? 107 ILE A C   1 
ATOM   844  O  O   . ILE A 1 107 ? 3.240   -2.607  1.713   1.00 23.51 ? 107 ILE A O   1 
ATOM   845  C  CB  . ILE A 1 107 ? 3.242   -2.390  -1.474  1.00 20.27 ? 107 ILE A CB  1 
ATOM   846  C  CG1 . ILE A 1 107 ? 3.562   -0.923  -1.140  1.00 19.98 ? 107 ILE A CG1 1 
ATOM   847  C  CG2 . ILE A 1 107 ? 1.647   -2.782  -1.589  1.00 17.16 ? 107 ILE A CG2 1 
ATOM   848  C  CD1 . ILE A 1 107 ? 2.587   0.194   -1.717  1.00 23.55 ? 107 ILE A CD1 1 
ATOM   849  N  N   . SER A 1 108 ? 2.475   -4.577  0.969   1.00 21.77 ? 108 SER A N   1 
ATOM   850  C  CA  . SER A 1 108 ? 1.762   -4.917  2.175   1.00 20.88 ? 108 SER A CA  1 
ATOM   851  C  C   . SER A 1 108 ? 2.765   -5.124  3.310   1.00 21.05 ? 108 SER A C   1 
ATOM   852  O  O   . SER A 1 108 ? 2.656   -4.505  4.383   1.00 21.93 ? 108 SER A O   1 
ATOM   853  C  CB  . SER A 1 108 ? 0.878   -6.170  1.931   1.00 21.43 ? 108 SER A CB  1 
ATOM   854  O  OG  . SER A 1 108 ? -0.173  -5.900  0.987   1.00 19.48 ? 108 SER A OG  1 
ATOM   855  N  N   . ASP A 1 109 ? 3.741   -5.995  3.081   1.00 19.94 ? 109 ASP A N   1 
ATOM   856  C  CA  . ASP A 1 109 ? 4.876   -6.092  3.979   1.00 21.20 ? 109 ASP A CA  1 
ATOM   857  C  C   . ASP A 1 109 ? 5.538   -4.746  4.262   1.00 20.51 ? 109 ASP A C   1 
ATOM   858  O  O   . ASP A 1 109 ? 5.891   -4.531  5.383   1.00 20.85 ? 109 ASP A O   1 
ATOM   859  C  CB  . ASP A 1 109 ? 5.959   -7.028  3.451   1.00 20.46 ? 109 ASP A CB  1 
ATOM   860  C  CG  . ASP A 1 109 ? 5.514   -8.483  3.345   1.00 24.05 ? 109 ASP A CG  1 
ATOM   861  O  OD1 . ASP A 1 109 ? 4.551   -8.934  4.016   1.00 26.21 ? 109 ASP A OD1 1 
ATOM   862  O  OD2 . ASP A 1 109 ? 6.188   -9.172  2.581   1.00 24.12 ? 109 ASP A OD2 1 
ATOM   863  N  N   . ALA A 1 110 ? 5.780   -3.893  3.245   1.00 20.48 ? 110 ALA A N   1 
ATOM   864  C  CA  . ALA A 1 110 ? 6.398   -2.555  3.472   1.00 18.93 ? 110 ALA A CA  1 
ATOM   865  C  C   . ALA A 1 110 ? 5.555   -1.713  4.458   1.00 19.47 ? 110 ALA A C   1 
ATOM   866  O  O   . ALA A 1 110 ? 6.095   -1.052  5.365   1.00 19.01 ? 110 ALA A O   1 
ATOM   867  C  CB  . ALA A 1 110 ? 6.575   -1.806  2.176   1.00 17.90 ? 110 ALA A CB  1 
ATOM   868  N  N   . ILE A 1 111 ? 4.226   -1.741  4.309   1.00 18.83 ? 111 ILE A N   1 
ATOM   869  C  CA  . ILE A 1 111 ? 3.349   -0.970  5.233   1.00 20.22 ? 111 ILE A CA  1 
ATOM   870  C  C   . ILE A 1 111 ? 3.478   -1.376  6.745   1.00 20.52 ? 111 ILE A C   1 
ATOM   871  O  O   . ILE A 1 111 ? 3.595   -0.496  7.610   1.00 20.70 ? 111 ILE A O   1 
ATOM   872  C  CB  . ILE A 1 111 ? 1.883   -1.020  4.759   1.00 20.19 ? 111 ILE A CB  1 
ATOM   873  C  CG1 . ILE A 1 111 ? 1.754   -0.198  3.466   1.00 22.62 ? 111 ILE A CG1 1 
ATOM   874  C  CG2 . ILE A 1 111 ? 0.911   -0.573  5.878   1.00 19.64 ? 111 ILE A CG2 1 
ATOM   875  C  CD1 . ILE A 1 111 ? 0.487   -0.467  2.590   1.00 22.31 ? 111 ILE A CD1 1 
ATOM   876  N  N   . ILE A 1 112 ? 3.437   -2.686  7.044   1.00 20.35 ? 112 ILE A N   1 
ATOM   877  C  CA  . ILE A 1 112 ? 3.582   -3.243  8.405   1.00 19.41 ? 112 ILE A CA  1 
ATOM   878  C  C   . ILE A 1 112 ? 4.979   -2.843  8.969   1.00 19.16 ? 112 ILE A C   1 
ATOM   879  O  O   . ILE A 1 112 ? 5.120   -2.413  10.128  1.00 18.63 ? 112 ILE A O   1 
ATOM   880  C  CB  . ILE A 1 112 ? 3.440   -4.815  8.348   1.00 18.96 ? 112 ILE A CB  1 
ATOM   881  C  CG1 . ILE A 1 112 ? 2.012   -5.292  7.902   1.00 17.62 ? 112 ILE A CG1 1 
ATOM   882  C  CG2 . ILE A 1 112 ? 3.941   -5.517  9.645   1.00 19.56 ? 112 ILE A CG2 1 
ATOM   883  C  CD1 . ILE A 1 112 ? 0.811   -4.718  8.798   1.00 18.93 ? 112 ILE A CD1 1 
ATOM   884  N  N   . HIS A 1 113 ? 6.016   -2.985  8.131   1.00 18.12 ? 113 HIS A N   1 
ATOM   885  C  CA  . HIS A 1 113 ? 7.328   -2.541  8.566   1.00 18.45 ? 113 HIS A CA  1 
ATOM   886  C  C   . HIS A 1 113 ? 7.368   -1.049  8.927   1.00 18.79 ? 113 HIS A C   1 
ATOM   887  O  O   . HIS A 1 113 ? 7.905   -0.702  9.980   1.00 19.68 ? 113 HIS A O   1 
ATOM   888  C  CB  . HIS A 1 113 ? 8.429   -2.844  7.547   1.00 17.78 ? 113 HIS A CB  1 
ATOM   889  C  CG  . HIS A 1 113 ? 9.765   -2.243  7.932   1.00 18.49 ? 113 HIS A CG  1 
ATOM   890  N  ND1 . HIS A 1 113 ? 10.727  -2.937  8.645   1.00 18.77 ? 113 HIS A ND1 1 
ATOM   891  C  CD2 . HIS A 1 113 ? 10.265  -0.990  7.750   1.00 17.40 ? 113 HIS A CD2 1 
ATOM   892  C  CE1 . HIS A 1 113 ? 11.769  -2.145  8.856   1.00 15.46 ? 113 HIS A CE1 1 
ATOM   893  N  NE2 . HIS A 1 113 ? 11.505  -0.954  8.351   1.00 14.37 ? 113 HIS A NE2 1 
ATOM   894  N  N   . VAL A 1 114 ? 6.850   -0.185  8.029   1.00 18.75 ? 114 VAL A N   1 
ATOM   895  C  CA  . VAL A 1 114 ? 6.878   1.267   8.209   1.00 18.15 ? 114 VAL A CA  1 
ATOM   896  C  C   . VAL A 1 114 ? 6.056   1.645   9.485   1.00 19.62 ? 114 VAL A C   1 
ATOM   897  O  O   . VAL A 1 114 ? 6.481   2.482   10.287  1.00 17.64 ? 114 VAL A O   1 
ATOM   898  C  CB  . VAL A 1 114 ? 6.426   2.043   6.899   1.00 19.34 ? 114 VAL A CB  1 
ATOM   899  C  CG1 . VAL A 1 114 ? 6.266   3.615   7.133   1.00 18.16 ? 114 VAL A CG1 1 
ATOM   900  C  CG2 . VAL A 1 114 ? 7.436   1.784   5.727   1.00 16.25 ? 114 VAL A CG2 1 
ATOM   901  N  N   . LEU A 1 115 ? 4.887   1.001   9.678   1.00 19.80 ? 115 LEU A N   1 
ATOM   902  C  CA  . LEU A 1 115 ? 4.104   1.254   10.870  1.00 20.70 ? 115 LEU A CA  1 
ATOM   903  C  C   . LEU A 1 115 ? 4.894   1.070   12.167  1.00 20.05 ? 115 LEU A C   1 
ATOM   904  O  O   . LEU A 1 115 ? 4.878   1.958   12.999  1.00 22.07 ? 115 LEU A O   1 
ATOM   905  C  CB  . LEU A 1 115 ? 2.752   0.476   10.848  1.00 20.22 ? 115 LEU A CB  1 
ATOM   906  C  CG  . LEU A 1 115 ? 1.762   1.020   9.830   1.00 21.92 ? 115 LEU A CG  1 
ATOM   907  C  CD1 . LEU A 1 115 ? 0.432   0.152   9.686   1.00 16.79 ? 115 LEU A CD1 1 
ATOM   908  C  CD2 . LEU A 1 115 ? 1.475   2.519   10.094  1.00 21.30 ? 115 LEU A CD2 1 
ATOM   909  N  N   . HIS A 1 116 ? 5.601   -0.042  12.340  1.00 20.07 ? 116 HIS A N   1 
ATOM   910  C  CA  . HIS A 1 116 ? 6.427   -0.227  13.541  1.00 20.93 ? 116 HIS A CA  1 
ATOM   911  C  C   . HIS A 1 116 ? 7.571   0.773   13.649  1.00 22.23 ? 116 HIS A C   1 
ATOM   912  O  O   . HIS A 1 116 ? 7.958   1.172   14.750  1.00 21.86 ? 116 HIS A O   1 
ATOM   913  C  CB  . HIS A 1 116 ? 7.021   -1.643  13.621  1.00 20.53 ? 116 HIS A CB  1 
ATOM   914  C  CG  . HIS A 1 116 ? 6.007   -2.688  13.967  1.00 20.35 ? 116 HIS A CG  1 
ATOM   915  N  ND1 . HIS A 1 116 ? 5.446   -2.791  15.230  1.00 18.33 ? 116 HIS A ND1 1 
ATOM   916  C  CD2 . HIS A 1 116 ? 5.404   -3.632  13.202  1.00 17.23 ? 116 HIS A CD2 1 
ATOM   917  C  CE1 . HIS A 1 116 ? 4.576   -3.783  15.232  1.00 20.48 ? 116 HIS A CE1 1 
ATOM   918  N  NE2 . HIS A 1 116 ? 4.508   -4.290  14.005  1.00 24.12 ? 116 HIS A NE2 1 
ATOM   919  N  N   . SER A 1 117 ? 8.115   1.147   12.489  1.00 22.78 ? 117 SER A N   1 
ATOM   920  C  CA  . SER A 1 117 ? 9.347   1.907   12.434  1.00 23.13 ? 117 SER A CA  1 
ATOM   921  C  C   . SER A 1 117 ? 9.033   3.353   12.757  1.00 23.86 ? 117 SER A C   1 
ATOM   922  O  O   . SER A 1 117 ? 9.850   4.037   13.391  1.00 23.82 ? 117 SER A O   1 
ATOM   923  C  CB  . SER A 1 117 ? 10.018  1.702   11.066  1.00 23.87 ? 117 SER A CB  1 
ATOM   924  O  OG  . SER A 1 117 ? 11.084  2.626   10.894  1.00 28.99 ? 117 SER A OG  1 
ATOM   925  N  N   . LYS A 1 118 ? 7.835   3.826   12.355  1.00 24.06 ? 118 LYS A N   1 
ATOM   926  C  CA  . LYS A 1 118 ? 7.399   5.181   12.683  1.00 23.61 ? 118 LYS A CA  1 
ATOM   927  C  C   . LYS A 1 118 ? 6.732   5.305   14.062  1.00 23.72 ? 118 LYS A C   1 
ATOM   928  O  O   . LYS A 1 118 ? 6.746   6.411   14.661  1.00 23.13 ? 118 LYS A O   1 
ATOM   929  C  CB  . LYS A 1 118 ? 6.511   5.777   11.598  1.00 23.07 ? 118 LYS A CB  1 
ATOM   930  C  CG  . LYS A 1 118 ? 7.286   6.129   10.316  1.00 26.14 ? 118 LYS A CG  1 
ATOM   931  C  CD  . LYS A 1 118 ? 6.351   6.683   9.209   1.00 23.91 ? 118 LYS A CD  1 
ATOM   932  C  CE  . LYS A 1 118 ? 5.881   8.117   9.567   1.00 27.58 ? 118 LYS A CE  1 
ATOM   933  N  NZ  . LYS A 1 118 ? 7.096   8.974   9.809   1.00 27.33 ? 118 LYS A NZ  1 
ATOM   934  N  N   . HIS A 1 119 ? 6.136   4.197   14.551  1.00 22.30 ? 119 HIS A N   1 
ATOM   935  C  CA  . HIS A 1 119 ? 5.535   4.176   15.873  1.00 21.90 ? 119 HIS A CA  1 
ATOM   936  C  C   . HIS A 1 119 ? 5.986   3.007   16.743  1.00 21.18 ? 119 HIS A C   1 
ATOM   937  O  O   . HIS A 1 119 ? 5.159   2.193   17.070  1.00 20.78 ? 119 HIS A O   1 
ATOM   938  C  CB  . HIS A 1 119 ? 4.007   4.149   15.721  1.00 21.50 ? 119 HIS A CB  1 
ATOM   939  C  CG  . HIS A 1 119 ? 3.527   5.023   14.614  1.00 24.19 ? 119 HIS A CG  1 
ATOM   940  N  ND1 . HIS A 1 119 ? 3.399   6.391   14.747  1.00 24.25 ? 119 HIS A ND1 1 
ATOM   941  C  CD2 . HIS A 1 119 ? 3.210   4.733   13.322  1.00 24.14 ? 119 HIS A CD2 1 
ATOM   942  C  CE1 . HIS A 1 119 ? 3.018   6.902   13.587  1.00 26.57 ? 119 HIS A CE1 1 
ATOM   943  N  NE2 . HIS A 1 119 ? 2.879   5.916   12.714  1.00 26.33 ? 119 HIS A NE2 1 
ATOM   944  N  N   . PRO A 1 120 ? 7.291   2.944   17.115  1.00 21.38 ? 120 PRO A N   1 
ATOM   945  C  CA  . PRO A 1 120 ? 7.869   1.777   17.802  1.00 21.50 ? 120 PRO A CA  1 
ATOM   946  C  C   . PRO A 1 120 ? 7.226   1.557   19.219  1.00 22.09 ? 120 PRO A C   1 
ATOM   947  O  O   . PRO A 1 120 ? 7.272   2.449   20.063  1.00 21.89 ? 120 PRO A O   1 
ATOM   948  C  CB  . PRO A 1 120 ? 9.370   2.120   17.884  1.00 22.10 ? 120 PRO A CB  1 
ATOM   949  C  CG  . PRO A 1 120 ? 9.473   3.623   17.639  1.00 20.00 ? 120 PRO A CG  1 
ATOM   950  C  CD  . PRO A 1 120 ? 8.272   4.043   16.895  1.00 20.09 ? 120 PRO A CD  1 
ATOM   951  N  N   . GLY A 1 121 ? 6.586   0.406   19.408  1.00 21.38 ? 121 GLY A N   1 
ATOM   952  C  CA  . GLY A 1 121 ? 5.908   0.057   20.648  1.00 20.90 ? 121 GLY A CA  1 
ATOM   953  C  C   . GLY A 1 121 ? 4.527   0.687   20.773  1.00 21.81 ? 121 GLY A C   1 
ATOM   954  O  O   . GLY A 1 121 ? 3.902   0.503   21.797  1.00 19.33 ? 121 GLY A O   1 
ATOM   955  N  N   . ASP A 1 122 ? 4.065   1.435   19.732  1.00 22.53 ? 122 ASP A N   1 
ATOM   956  C  CA  . ASP A 1 122 ? 2.688   1.962   19.634  1.00 24.13 ? 122 ASP A CA  1 
ATOM   957  C  C   . ASP A 1 122 ? 1.738   1.161   18.712  1.00 23.42 ? 122 ASP A C   1 
ATOM   958  O  O   . ASP A 1 122 ? 0.490   1.391   18.750  1.00 22.38 ? 122 ASP A O   1 
ATOM   959  C  CB  . ASP A 1 122 ? 2.640   3.461   19.217  1.00 24.84 ? 122 ASP A CB  1 
ATOM   960  C  CG  . ASP A 1 122 ? 3.595   4.358   20.052  1.00 30.06 ? 122 ASP A CG  1 
ATOM   961  O  OD1 . ASP A 1 122 ? 3.738   4.134   21.301  1.00 32.57 ? 122 ASP A OD1 1 
ATOM   962  O  OD2 . ASP A 1 122 ? 4.194   5.292   19.460  1.00 32.40 ? 122 ASP A OD2 1 
ATOM   963  N  N   . PHE A 1 123 ? 2.317   0.237   17.910  1.00 22.35 ? 123 PHE A N   1 
ATOM   964  C  CA  . PHE A 1 123 ? 1.564   -0.599  16.928  1.00 20.58 ? 123 PHE A CA  1 
ATOM   965  C  C   . PHE A 1 123 ? 1.320   -1.991  17.550  1.00 20.48 ? 123 PHE A C   1 
ATOM   966  O  O   . PHE A 1 123 ? 2.196   -2.890  17.513  1.00 18.91 ? 123 PHE A O   1 
ATOM   967  C  CB  . PHE A 1 123 ? 2.270   -0.587  15.551  1.00 20.30 ? 123 PHE A CB  1 
ATOM   968  C  CG  . PHE A 1 123 ? 1.494   -1.220  14.422  1.00 16.55 ? 123 PHE A CG  1 
ATOM   969  C  CD1 . PHE A 1 123 ? 0.110   -1.142  14.334  1.00 13.95 ? 123 PHE A CD1 1 
ATOM   970  C  CD2 . PHE A 1 123 ? 2.182   -1.890  13.415  1.00 16.46 ? 123 PHE A CD2 1 
ATOM   971  C  CE1 . PHE A 1 123 ? -0.540  -1.709  13.276  1.00 15.76 ? 123 PHE A CE1 1 
ATOM   972  C  CE2 . PHE A 1 123 ? 1.530   -2.517  12.333  1.00 13.71 ? 123 PHE A CE2 1 
ATOM   973  C  CZ  . PHE A 1 123 ? 0.182   -2.430  12.251  1.00 15.78 ? 123 PHE A CZ  1 
ATOM   974  N  N   . GLY A 1 124 ? 0.189   -2.064  18.260  1.00 19.73 ? 124 GLY A N   1 
ATOM   975  C  CA  . GLY A 1 124 ? -0.222  -3.266  19.041  1.00 20.12 ? 124 GLY A CA  1 
ATOM   976  C  C   . GLY A 1 124 ? -0.231  -4.589  18.250  1.00 19.47 ? 124 GLY A C   1 
ATOM   977  O  O   . GLY A 1 124 ? -0.396  -4.582  17.014  1.00 19.11 ? 124 GLY A O   1 
ATOM   978  N  N   . ALA A 1 125 ? -0.048  -5.719  18.949  1.00 18.42 ? 125 ALA A N   1 
ATOM   979  C  CA  . ALA A 1 125 ? -0.128  -7.027  18.319  1.00 17.62 ? 125 ALA A CA  1 
ATOM   980  C  C   . ALA A 1 125 ? -1.507  -7.255  17.697  1.00 18.10 ? 125 ALA A C   1 
ATOM   981  O  O   . ALA A 1 125 ? -1.621  -7.821  16.607  1.00 18.33 ? 125 ALA A O   1 
ATOM   982  C  CB  . ALA A 1 125 ? 0.322   -8.206  19.309  1.00 17.68 ? 125 ALA A CB  1 
ATOM   983  N  N   . ASP A 1 126 ? -2.552  -6.797  18.390  1.00 19.17 ? 126 ASP A N   1 
ATOM   984  C  CA  . ASP A 1 126 ? -3.920  -6.842  17.890  1.00 19.24 ? 126 ASP A CA  1 
ATOM   985  C  C   . ASP A 1 126 ? -4.111  -5.919  16.708  1.00 19.33 ? 126 ASP A C   1 
ATOM   986  O  O   . ASP A 1 126 ? -4.745  -6.293  15.703  1.00 19.86 ? 126 ASP A O   1 
ATOM   987  C  CB  . ASP A 1 126 ? -4.966  -6.610  19.033  1.00 20.65 ? 126 ASP A CB  1 
ATOM   988  C  CG  . ASP A 1 126 ? -4.878  -5.231  19.700  1.00 22.38 ? 126 ASP A CG  1 
ATOM   989  O  OD1 . ASP A 1 126 ? -3.911  -4.474  19.490  1.00 24.97 ? 126 ASP A OD1 1 
ATOM   990  O  OD2 . ASP A 1 126 ? -5.803  -4.903  20.485  1.00 23.81 ? 126 ASP A OD2 1 
ATOM   991  N  N   . ALA A 1 127 ? -3.499  -4.741  16.775  1.00 19.57 ? 127 ALA A N   1 
ATOM   992  C  CA  . ALA A 1 127 ? -3.473  -3.830  15.639  1.00 19.84 ? 127 ALA A CA  1 
ATOM   993  C  C   . ALA A 1 127 ? -2.767  -4.381  14.339  1.00 20.56 ? 127 ALA A C   1 
ATOM   994  O  O   . ALA A 1 127 ? -3.333  -4.259  13.212  1.00 18.50 ? 127 ALA A O   1 
ATOM   995  C  CB  . ALA A 1 127 ? -2.944  -2.506  16.075  1.00 19.58 ? 127 ALA A CB  1 
ATOM   996  N  N   . GLN A 1 128 ? -1.546  -4.962  14.491  1.00 21.31 ? 128 GLN A N   1 
ATOM   997  C  CA  . GLN A 1 128 ? -0.840  -5.626  13.368  1.00 20.40 ? 128 GLN A CA  1 
ATOM   998  C  C   . GLN A 1 128 ? -1.681  -6.739  12.750  1.00 20.37 ? 128 GLN A C   1 
ATOM   999  O  O   . GLN A 1 128 ? -1.728  -6.888  11.498  1.00 20.35 ? 128 GLN A O   1 
ATOM   1000 C  CB  . GLN A 1 128 ? 0.547   -6.152  13.750  1.00 22.29 ? 128 GLN A CB  1 
ATOM   1001 C  CG  . GLN A 1 128 ? 1.254   -6.882  12.556  1.00 22.45 ? 128 GLN A CG  1 
ATOM   1002 C  CD  . GLN A 1 128 ? 2.562   -7.553  12.885  1.00 22.49 ? 128 GLN A CD  1 
ATOM   1003 O  OE1 . GLN A 1 128 ? 3.004   -8.494  12.166  1.00 25.96 ? 128 GLN A OE1 1 
ATOM   1004 N  NE2 . GLN A 1 128 ? 3.217   -7.078  13.921  1.00 20.42 ? 128 GLN A NE2 1 
ATOM   1005 N  N   . GLY A 1 129 ? -2.410  -7.484  13.602  1.00 19.55 ? 129 GLY A N   1 
ATOM   1006 C  CA  . GLY A 1 129 ? -3.243  -8.607  13.092  1.00 18.72 ? 129 GLY A CA  1 
ATOM   1007 C  C   . GLY A 1 129 ? -4.393  -8.136  12.181  1.00 18.15 ? 129 GLY A C   1 
ATOM   1008 O  O   . GLY A 1 129 ? -4.625  -8.702  11.076  1.00 18.76 ? 129 GLY A O   1 
ATOM   1009 N  N   . ALA A 1 130 ? -5.099  -7.088  12.626  1.00 16.80 ? 130 ALA A N   1 
ATOM   1010 C  CA  . ALA A 1 130 ? -6.234  -6.491  11.896  1.00 16.83 ? 130 ALA A CA  1 
ATOM   1011 C  C   . ALA A 1 130 ? -5.815  -5.871  10.547  1.00 16.76 ? 130 ALA A C   1 
ATOM   1012 O  O   . ALA A 1 130 ? -6.426  -6.099  9.519   1.00 16.16 ? 130 ALA A O   1 
ATOM   1013 C  CB  . ALA A 1 130 ? -6.942  -5.474  12.776  1.00 16.24 ? 130 ALA A CB  1 
ATOM   1014 N  N   . MET A 1 131 ? -4.731  -5.124  10.568  1.00 15.47 ? 131 MET A N   1 
ATOM   1015 C  CA  . MET A 1 131 ? -4.194  -4.490  9.391   1.00 17.88 ? 131 MET A CA  1 
ATOM   1016 C  C   . MET A 1 131 ? -3.754  -5.538  8.338   1.00 17.49 ? 131 MET A C   1 
ATOM   1017 O  O   . MET A 1 131 ? -4.071  -5.404  7.158   1.00 16.69 ? 131 MET A O   1 
ATOM   1018 C  CB  . MET A 1 131 ? -2.980  -3.611  9.812   1.00 15.87 ? 131 MET A CB  1 
ATOM   1019 C  CG  . MET A 1 131 ? -2.485  -2.593  8.776   1.00 21.76 ? 131 MET A CG  1 
ATOM   1020 S  SD  . MET A 1 131 ? -3.761  -1.538  7.964   1.00 28.67 ? 131 MET A SD  1 
ATOM   1021 C  CE  . MET A 1 131 ? -4.021  -0.651  9.442   1.00 17.74 ? 131 MET A CE  1 
ATOM   1022 N  N   . THR A 1 132 ? -2.952  -6.509  8.787   1.00 18.51 ? 132 THR A N   1 
ATOM   1023 C  CA  . THR A 1 132 ? -2.502  -7.622  7.990   1.00 18.52 ? 132 THR A CA  1 
ATOM   1024 C  C   . THR A 1 132 ? -3.734  -8.292  7.305   1.00 19.24 ? 132 THR A C   1 
ATOM   1025 O  O   . THR A 1 132 ? -3.729  -8.448  6.104   1.00 17.35 ? 132 THR A O   1 
ATOM   1026 C  CB  . THR A 1 132 ? -1.760  -8.667  8.849   1.00 17.84 ? 132 THR A CB  1 
ATOM   1027 O  OG1 . THR A 1 132 ? -0.568  -8.093  9.396   1.00 19.46 ? 132 THR A OG1 1 
ATOM   1028 C  CG2 . THR A 1 132 ? -1.427  -9.940  8.009   1.00 19.51 ? 132 THR A CG2 1 
ATOM   1029 N  N   . LYS A 1 133 ? -4.774  -8.652  8.062   1.00 19.82 ? 133 LYS A N   1 
ATOM   1030 C  CA  . LYS A 1 133 ? -6.039  -9.189  7.448   1.00 21.31 ? 133 LYS A CA  1 
ATOM   1031 C  C   . LYS A 1 133 ? -6.693  -8.225  6.475   1.00 22.26 ? 133 LYS A C   1 
ATOM   1032 O  O   . LYS A 1 133 ? -7.202  -8.646  5.391   1.00 23.97 ? 133 LYS A O   1 
ATOM   1033 C  CB  . LYS A 1 133 ? -7.073  -9.559  8.512   1.00 21.61 ? 133 LYS A CB  1 
ATOM   1034 C  CG  . LYS A 1 133 ? -6.800  -10.918 9.155   1.00 25.23 ? 133 LYS A CG  1 
ATOM   1035 C  CD  . LYS A 1 133 ? -7.817  -11.279 10.271  1.00 24.74 ? 133 LYS A CD  1 
ATOM   1036 C  CE  . LYS A 1 133 ? -9.279  -11.479 9.760   1.00 27.23 ? 133 LYS A CE  1 
ATOM   1037 N  NZ  . LYS A 1 133 ? -10.106 -12.455 10.727  1.00 27.94 ? 133 LYS A NZ  1 
ATOM   1038 N  N   . ALA A 1 134 ? -6.749  -6.939  6.856   1.00 20.48 ? 134 ALA A N   1 
ATOM   1039 C  CA  . ALA A 1 134 ? -7.259  -5.960  5.928   1.00 20.47 ? 134 ALA A CA  1 
ATOM   1040 C  C   . ALA A 1 134 ? -6.466  -5.977  4.600   1.00 19.32 ? 134 ALA A C   1 
ATOM   1041 O  O   . ALA A 1 134 ? -7.073  -5.916  3.526   1.00 19.70 ? 134 ALA A O   1 
ATOM   1042 C  CB  . ALA A 1 134 ? -7.303  -4.546  6.548   1.00 17.91 ? 134 ALA A CB  1 
ATOM   1043 N  N   . LEU A 1 135 ? -5.133  -6.054  4.684   1.00 18.61 ? 135 LEU A N   1 
ATOM   1044 C  CA  . LEU A 1 135 ? -4.238  -6.018  3.500   1.00 19.51 ? 135 LEU A CA  1 
ATOM   1045 C  C   . LEU A 1 135 ? -4.351  -7.308  2.686   1.00 17.82 ? 135 LEU A C   1 
ATOM   1046 O  O   . LEU A 1 135 ? -4.288  -7.292  1.428   1.00 17.91 ? 135 LEU A O   1 
ATOM   1047 C  CB  . LEU A 1 135 ? -2.746  -5.713  3.886   1.00 19.06 ? 135 LEU A CB  1 
ATOM   1048 C  CG  . LEU A 1 135 ? -2.429  -4.304  4.452   1.00 21.59 ? 135 LEU A CG  1 
ATOM   1049 C  CD1 . LEU A 1 135 ? -1.087  -4.232  5.264   1.00 19.08 ? 135 LEU A CD1 1 
ATOM   1050 C  CD2 . LEU A 1 135 ? -2.502  -3.214  3.363   1.00 15.24 ? 135 LEU A CD2 1 
ATOM   1051 N  N   . GLU A 1 136 ? -4.543  -8.414  3.389   1.00 17.48 ? 136 GLU A N   1 
ATOM   1052 C  CA  . GLU A 1 136 ? -4.733  -9.719  2.712   1.00 17.42 ? 136 GLU A CA  1 
ATOM   1053 C  C   . GLU A 1 136 ? -6.071  -9.802  2.015   1.00 16.66 ? 136 GLU A C   1 
ATOM   1054 O  O   . GLU A 1 136 ? -6.118  -10.307 0.941   1.00 14.71 ? 136 GLU A O   1 
ATOM   1055 C  CB  . GLU A 1 136 ? -4.557  -10.915 3.641   1.00 17.41 ? 136 GLU A CB  1 
ATOM   1056 C  CG  . GLU A 1 136 ? -3.226  -10.913 4.291   1.00 19.33 ? 136 GLU A CG  1 
ATOM   1057 C  CD  . GLU A 1 136 ? -3.093  -11.961 5.377   1.00 24.06 ? 136 GLU A CD  1 
ATOM   1058 O  OE1 . GLU A 1 136 ? -4.032  -12.071 6.232   1.00 18.64 ? 136 GLU A OE1 1 
ATOM   1059 O  OE2 . GLU A 1 136 ? -2.019  -12.639 5.365   1.00 20.14 ? 136 GLU A OE2 1 
ATOM   1060 N  N   . LEU A 1 137 ? -7.143  -9.316  2.648   1.00 18.04 ? 137 LEU A N   1 
ATOM   1061 C  CA  . LEU A 1 137 ? -8.467  -9.177  1.996   1.00 17.95 ? 137 LEU A CA  1 
ATOM   1062 C  C   . LEU A 1 137 ? -8.407  -8.444  0.628   1.00 18.40 ? 137 LEU A C   1 
ATOM   1063 O  O   . LEU A 1 137 ? -8.911  -8.932  -0.407  1.00 17.62 ? 137 LEU A O   1 
ATOM   1064 C  CB  . LEU A 1 137 ? -9.474  -8.458  2.922   1.00 18.80 ? 137 LEU A CB  1 
ATOM   1065 C  CG  . LEU A 1 137 ? -10.916 -8.480  2.397   1.00 19.68 ? 137 LEU A CG  1 
ATOM   1066 C  CD1 . LEU A 1 137 ? -11.459 -9.930  2.194   1.00 24.31 ? 137 LEU A CD1 1 
ATOM   1067 C  CD2 . LEU A 1 137 ? -11.833 -7.676  3.289   1.00 18.27 ? 137 LEU A CD2 1 
ATOM   1068 N  N   . PHE A 1 138 ? -7.718  -7.301  0.640   1.00 18.86 ? 138 PHE A N   1 
ATOM   1069 C  CA  . PHE A 1 138 ? -7.496  -6.445  -0.482  1.00 19.32 ? 138 PHE A CA  1 
ATOM   1070 C  C   . PHE A 1 138 ? -6.790  -7.202  -1.632  1.00 19.37 ? 138 PHE A C   1 
ATOM   1071 O  O   . PHE A 1 138 ? -7.320  -7.233  -2.766  1.00 17.88 ? 138 PHE A O   1 
ATOM   1072 C  CB  . PHE A 1 138 ? -6.660  -5.247  0.024   1.00 20.72 ? 138 PHE A CB  1 
ATOM   1073 C  CG  . PHE A 1 138 ? -6.125  -4.373  -1.046  1.00 23.62 ? 138 PHE A CG  1 
ATOM   1074 C  CD1 . PHE A 1 138 ? -6.961  -3.792  -1.954  1.00 23.05 ? 138 PHE A CD1 1 
ATOM   1075 C  CD2 . PHE A 1 138 ? -4.759  -4.093  -1.108  1.00 26.37 ? 138 PHE A CD2 1 
ATOM   1076 C  CE1 . PHE A 1 138 ? -6.450  -2.939  -2.930  1.00 28.77 ? 138 PHE A CE1 1 
ATOM   1077 C  CE2 . PHE A 1 138 ? -4.258  -3.274  -2.066  1.00 28.69 ? 138 PHE A CE2 1 
ATOM   1078 C  CZ  . PHE A 1 138 ? -5.116  -2.692  -3.000  1.00 24.70 ? 138 PHE A CZ  1 
ATOM   1079 N  N   . ARG A 1 139 ? -5.624  -7.802  -1.307  1.00 19.36 ? 139 ARG A N   1 
ATOM   1080 C  CA  . ARG A 1 139 ? -4.841  -8.716  -2.175  1.00 18.93 ? 139 ARG A CA  1 
ATOM   1081 C  C   . ARG A 1 139 ? -5.630  -9.915  -2.687  1.00 18.07 ? 139 ARG A C   1 
ATOM   1082 O  O   . ARG A 1 139 ? -5.529  -10.297 -3.876  1.00 17.29 ? 139 ARG A O   1 
ATOM   1083 C  CB  . ARG A 1 139 ? -3.568  -9.139  -1.432  1.00 20.39 ? 139 ARG A CB  1 
ATOM   1084 C  CG  . ARG A 1 139 ? -2.446  -9.744  -2.259  1.00 23.31 ? 139 ARG A CG  1 
ATOM   1085 C  CD  . ARG A 1 139 ? -1.112  -9.572  -1.540  1.00 25.97 ? 139 ARG A CD  1 
ATOM   1086 N  NE  . ARG A 1 139 ? -0.773  -10.525 -0.473  1.00 24.44 ? 139 ARG A NE  1 
ATOM   1087 C  CZ  . ARG A 1 139 ? -0.590  -10.226 0.821   1.00 22.48 ? 139 ARG A CZ  1 
ATOM   1088 N  NH1 . ARG A 1 139 ? -0.802  -9.015  1.331   1.00 21.90 ? 139 ARG A NH1 1 
ATOM   1089 N  NH2 . ARG A 1 139 ? -0.206  -11.172 1.642   1.00 23.06 ? 139 ARG A NH2 1 
ATOM   1090 N  N   . ASN A 1 140 ? -6.461  -10.476 -1.829  1.00 17.35 ? 140 ASN A N   1 
ATOM   1091 C  CA  . ASN A 1 140 ? -7.294  -11.563 -2.270  1.00 19.56 ? 140 ASN A CA  1 
ATOM   1092 C  C   . ASN A 1 140 ? -8.352  -11.199 -3.343  1.00 20.40 ? 140 ASN A C   1 
ATOM   1093 O  O   . ASN A 1 140 ? -8.580  -11.966 -4.280  1.00 20.30 ? 140 ASN A O   1 
ATOM   1094 C  CB  . ASN A 1 140 ? -7.873  -12.408 -1.106  1.00 18.73 ? 140 ASN A CB  1 
ATOM   1095 C  CG  . ASN A 1 140 ? -8.385  -13.823 -1.599  1.00 23.20 ? 140 ASN A CG  1 
ATOM   1096 O  OD1 . ASN A 1 140 ? -7.601  -14.689 -2.043  1.00 31.13 ? 140 ASN A OD1 1 
ATOM   1097 N  ND2 . ASN A 1 140 ? -9.655  -14.026 -1.529  1.00 21.44 ? 140 ASN A ND2 1 
ATOM   1098 N  N   . ASP A 1 141 ? -8.990  -10.023 -3.191  1.00 20.54 ? 141 ASP A N   1 
ATOM   1099 C  CA  . ASP A 1 141 ? -9.985  -9.561  -4.109  1.00 19.83 ? 141 ASP A CA  1 
ATOM   1100 C  C   . ASP A 1 141 ? -9.277  -9.113  -5.375  1.00 20.15 ? 141 ASP A C   1 
ATOM   1101 O  O   . ASP A 1 141 ? -9.841  -9.226  -6.468  1.00 19.47 ? 141 ASP A O   1 
ATOM   1102 C  CB  . ASP A 1 141 ? -10.814 -8.404  -3.475  1.00 20.01 ? 141 ASP A CB  1 
ATOM   1103 C  CG  . ASP A 1 141 ? -11.809 -8.897  -2.382  1.00 22.69 ? 141 ASP A CG  1 
ATOM   1104 O  OD1 . ASP A 1 141 ? -12.017 -10.115 -2.282  1.00 28.46 ? 141 ASP A OD1 1 
ATOM   1105 O  OD2 . ASP A 1 141 ? -12.409 -8.089  -1.624  1.00 24.64 ? 141 ASP A OD2 1 
ATOM   1106 N  N   . ILE A 1 142 ? -8.049  -8.583  -5.253  1.00 20.15 ? 142 ILE A N   1 
ATOM   1107 C  CA  . ILE A 1 142 ? -7.223  -8.317  -6.486  1.00 19.53 ? 142 ILE A CA  1 
ATOM   1108 C  C   . ILE A 1 142 ? -6.890  -9.568  -7.306  1.00 19.02 ? 142 ILE A C   1 
ATOM   1109 O  O   . ILE A 1 142 ? -7.001  -9.572  -8.568  1.00 17.71 ? 142 ILE A O   1 
ATOM   1110 C  CB  . ILE A 1 142 ? -5.988  -7.456  -6.160  1.00 20.94 ? 142 ILE A CB  1 
ATOM   1111 C  CG1 . ILE A 1 142 ? -6.524  -6.050  -5.796  1.00 21.74 ? 142 ILE A CG1 1 
ATOM   1112 C  CG2 . ILE A 1 142 ? -4.945  -7.453  -7.321  1.00 18.72 ? 142 ILE A CG2 1 
ATOM   1113 C  CD1 . ILE A 1 142 ? -5.540  -5.109  -5.295  1.00 25.41 ? 142 ILE A CD1 1 
ATOM   1114 N  N   . ALA A 1 143 ? -6.511  -10.649 -6.603  1.00 18.32 ? 143 ALA A N   1 
ATOM   1115 C  CA  . ALA A 1 143 ? -6.156  -11.914 -7.263  1.00 18.03 ? 143 ALA A CA  1 
ATOM   1116 C  C   . ALA A 1 143 ? -7.322  -12.442 -8.058  1.00 17.78 ? 143 ALA A C   1 
ATOM   1117 O  O   . ALA A 1 143 ? -7.110  -13.116 -9.085  1.00 17.14 ? 143 ALA A O   1 
ATOM   1118 C  CB  . ALA A 1 143 ? -5.681  -12.986 -6.261  1.00 17.11 ? 143 ALA A CB  1 
ATOM   1119 N  N   . ALA A 1 144 ? -8.542  -12.197 -7.571  1.00 17.37 ? 144 ALA A N   1 
ATOM   1120 C  CA  . ALA A 1 144 ? -9.726  -12.732 -8.251  1.00 19.78 ? 144 ALA A CA  1 
ATOM   1121 C  C   . ALA A 1 144 ? -9.920  -11.980 -9.588  1.00 19.48 ? 144 ALA A C   1 
ATOM   1122 O  O   . ALA A 1 144 ? -10.205 -12.613 -10.585 1.00 19.32 ? 144 ALA A O   1 
ATOM   1123 C  CB  . ALA A 1 144 ? -10.961 -12.665 -7.393  1.00 19.48 ? 144 ALA A CB  1 
ATOM   1124 N  N   . LYS A 1 145 ? -9.723  -10.655 -9.590  1.00 21.14 ? 145 LYS A N   1 
ATOM   1125 C  CA  . LYS A 1 145 ? -9.733  -9.833  -10.822 1.00 21.05 ? 145 LYS A CA  1 
ATOM   1126 C  C   . LYS A 1 145 ? -8.583  -10.193 -11.771 1.00 20.86 ? 145 LYS A C   1 
ATOM   1127 O  O   . LYS A 1 145 ? -8.791  -10.236 -12.997 1.00 18.87 ? 145 LYS A O   1 
ATOM   1128 C  CB  . LYS A 1 145 ? -9.609  -8.321  -10.516 1.00 21.86 ? 145 LYS A CB  1 
ATOM   1129 C  CG  . LYS A 1 145 ? -10.658 -7.717  -9.635  1.00 24.41 ? 145 LYS A CG  1 
ATOM   1130 C  CD  . LYS A 1 145 ? -12.107 -7.937  -10.123 1.00 29.96 ? 145 LYS A CD  1 
ATOM   1131 C  CE  . LYS A 1 145 ? -13.146 -7.177  -9.248  1.00 30.80 ? 145 LYS A CE  1 
ATOM   1132 N  NZ  . LYS A 1 145 ? -14.508 -7.926  -9.115  1.00 33.90 ? 145 LYS A NZ  1 
ATOM   1133 N  N   . TYR A 1 146 ? -7.364  -10.326 -11.223 1.00 20.14 ? 146 TYR A N   1 
ATOM   1134 C  CA  . TYR A 1 146 ? -6.213  -10.811 -12.010 1.00 20.81 ? 146 TYR A CA  1 
ATOM   1135 C  C   . TYR A 1 146 ? -6.438  -12.208 -12.727 1.00 22.04 ? 146 TYR A C   1 
ATOM   1136 O  O   . TYR A 1 146 ? -6.085  -12.391 -13.895 1.00 21.47 ? 146 TYR A O   1 
ATOM   1137 C  CB  . TYR A 1 146 ? -4.983  -10.874 -11.124 1.00 20.08 ? 146 TYR A CB  1 
ATOM   1138 C  CG  . TYR A 1 146 ? -4.219  -9.563  -11.082 1.00 19.32 ? 146 TYR A CG  1 
ATOM   1139 C  CD1 . TYR A 1 146 ? -4.895  -8.325  -11.029 1.00 19.72 ? 146 TYR A CD1 1 
ATOM   1140 C  CD2 . TYR A 1 146 ? -2.839  -9.579  -11.039 1.00 16.20 ? 146 TYR A CD2 1 
ATOM   1141 C  CE1 . TYR A 1 146 ? -4.167  -7.107  -10.991 1.00 19.75 ? 146 TYR A CE1 1 
ATOM   1142 C  CE2 . TYR A 1 146 ? -2.106  -8.423  -10.989 1.00 20.16 ? 146 TYR A CE2 1 
ATOM   1143 C  CZ  . TYR A 1 146 ? -2.776  -7.194  -10.971 1.00 18.79 ? 146 TYR A CZ  1 
ATOM   1144 O  OH  . TYR A 1 146 ? -2.013  -6.094  -10.968 1.00 18.24 ? 146 TYR A OH  1 
ATOM   1145 N  N   . LYS A 1 147 ? -7.037  -13.171 -12.025 1.00 21.89 ? 147 LYS A N   1 
ATOM   1146 C  CA  . LYS A 1 147 ? -7.362  -14.471 -12.642 1.00 21.93 ? 147 LYS A CA  1 
ATOM   1147 C  C   . LYS A 1 147 ? -8.365  -14.248 -13.752 1.00 21.98 ? 147 LYS A C   1 
ATOM   1148 O  O   . LYS A 1 147 ? -8.257  -14.855 -14.829 1.00 20.63 ? 147 LYS A O   1 
ATOM   1149 C  CB  . LYS A 1 147 ? -7.944  -15.459 -11.660 1.00 20.88 ? 147 LYS A CB  1 
ATOM   1150 C  CG  . LYS A 1 147 ? -8.404  -16.737 -12.324 1.00 23.07 ? 147 LYS A CG  1 
ATOM   1151 C  CD  . LYS A 1 147 ? -8.887  -17.748 -11.294 1.00 24.73 ? 147 LYS A CD  1 
ATOM   1152 C  CE  . LYS A 1 147 ? -9.441  -18.990 -11.983 1.00 27.03 ? 147 LYS A CE  1 
ATOM   1153 N  NZ  . LYS A 1 147 ? -9.255  -20.106 -11.047 1.00 26.51 ? 147 LYS A NZ  1 
ATOM   1154 N  N   . GLU A 1 148 ? -9.327  -13.365 -13.491 1.00 21.83 ? 148 GLU A N   1 
ATOM   1155 C  CA  . GLU A 1 148 ? -10.365 -13.101 -14.475 1.00 23.48 ? 148 GLU A CA  1 
ATOM   1156 C  C   . GLU A 1 148 ? -9.765  -12.622 -15.829 1.00 22.77 ? 148 GLU A C   1 
ATOM   1157 O  O   . GLU A 1 148 ? -10.249 -12.964 -16.911 1.00 23.36 ? 148 GLU A O   1 
ATOM   1158 C  CB  . GLU A 1 148 ? -11.365 -12.094 -13.871 1.00 24.43 ? 148 GLU A CB  1 
ATOM   1159 C  CG  . GLU A 1 148 ? -12.396 -11.583 -14.799 1.00 22.89 ? 148 GLU A CG  1 
ATOM   1160 C  CD  . GLU A 1 148 ? -13.244 -10.480 -14.184 1.00 25.96 ? 148 GLU A CD  1 
ATOM   1161 O  OE1 . GLU A 1 148 ? -13.056 -10.091 -13.005 1.00 28.80 ? 148 GLU A OE1 1 
ATOM   1162 O  OE2 . GLU A 1 148 ? -14.113 -9.992  -14.897 1.00 29.58 ? 148 GLU A OE2 1 
ATOM   1163 N  N   . LEU A 1 149 ? -8.679  -11.860 -15.748 1.00 21.94 ? 149 LEU A N   1 
ATOM   1164 C  CA  . LEU A 1 149 ? -7.977  -11.282 -16.919 1.00 21.46 ? 149 LEU A CA  1 
ATOM   1165 C  C   . LEU A 1 149 ? -6.788  -12.142 -17.407 1.00 20.88 ? 149 LEU A C   1 
ATOM   1166 O  O   . LEU A 1 149 ? -6.106  -11.775 -18.376 1.00 20.34 ? 149 LEU A O   1 
ATOM   1167 C  CB  . LEU A 1 149 ? -7.540  -9.831  -16.608 1.00 20.22 ? 149 LEU A CB  1 
ATOM   1168 C  CG  . LEU A 1 149 ? -8.552  -8.834  -16.046 1.00 20.62 ? 149 LEU A CG  1 
ATOM   1169 C  CD1 . LEU A 1 149 ? -7.844  -7.538  -15.652 1.00 25.89 ? 149 LEU A CD1 1 
ATOM   1170 C  CD2 . LEU A 1 149 ? -9.717  -8.526  -16.988 1.00 20.77 ? 149 LEU A CD2 1 
ATOM   1171 N  N   . GLY A 1 150 ? -6.584  -13.300 -16.751 1.00 21.51 ? 150 GLY A N   1 
ATOM   1172 C  CA  . GLY A 1 150 ? -5.519  -14.263 -17.053 1.00 19.83 ? 150 GLY A CA  1 
ATOM   1173 C  C   . GLY A 1 150 ? -4.149  -13.599 -16.938 1.00 21.71 ? 150 GLY A C   1 
ATOM   1174 O  O   . GLY A 1 150 ? -3.222  -13.891 -17.712 1.00 18.35 ? 150 GLY A O   1 
ATOM   1175 N  N   . PHE A 1 151 ? -4.014  -12.682 -15.992 1.00 23.51 ? 151 PHE A N   1 
ATOM   1176 C  CA  . PHE A 1 151 ? -2.748  -11.946 -15.890 1.00 26.88 ? 151 PHE A CA  1 
ATOM   1177 C  C   . PHE A 1 151 ? -1.733  -12.820 -15.185 1.00 29.05 ? 151 PHE A C   1 
ATOM   1178 O  O   . PHE A 1 151 ? -1.940  -13.196 -14.026 1.00 30.79 ? 151 PHE A O   1 
ATOM   1179 C  CB  . PHE A 1 151 ? -2.921  -10.566 -15.190 1.00 27.28 ? 151 PHE A CB  1 
ATOM   1180 C  CG  . PHE A 1 151 ? -1.636  -9.729  -15.122 1.00 25.71 ? 151 PHE A CG  1 
ATOM   1181 C  CD1 . PHE A 1 151 ? -1.250  -8.921  -16.166 1.00 26.67 ? 151 PHE A CD1 1 
ATOM   1182 C  CD2 . PHE A 1 151 ? -0.794  -9.817  -14.038 1.00 30.83 ? 151 PHE A CD2 1 
ATOM   1183 C  CE1 . PHE A 1 151 ? -0.080  -8.177  -16.103 1.00 22.43 ? 151 PHE A CE1 1 
ATOM   1184 C  CE2 . PHE A 1 151 ? 0.401   -9.088  -13.993 1.00 31.13 ? 151 PHE A CE2 1 
ATOM   1185 C  CZ  . PHE A 1 151 ? 0.732   -8.260  -15.011 1.00 27.77 ? 151 PHE A CZ  1 
ATOM   1186 N  N   . GLN A 1 152 ? -0.650  -13.168 -15.881 1.00 31.22 ? 152 GLN A N   1 
ATOM   1187 C  CA  . GLN A 1 152 ? 0.550   -13.765 -15.236 1.00 33.32 ? 152 GLN A CA  1 
ATOM   1188 C  C   . GLN A 1 152 ? 1.785   -12.878 -15.332 1.00 33.82 ? 152 GLN A C   1 
ATOM   1189 O  O   . GLN A 1 152 ? 2.535   -12.783 -14.368 1.00 35.57 ? 152 GLN A O   1 
ATOM   1190 C  CB  . GLN A 1 152 ? 0.885   -15.129 -15.798 1.00 33.54 ? 152 GLN A CB  1 
ATOM   1191 C  CG  . GLN A 1 152 ? -0.057  -16.277 -15.267 1.00 37.73 ? 152 GLN A CG  1 
ATOM   1192 C  CD  . GLN A 1 152 ? -0.278  -16.281 -13.724 1.00 37.47 ? 152 GLN A CD  1 
ATOM   1193 O  OE1 . GLN A 1 152 ? 0.473   -15.653 -12.932 1.00 39.65 ? 152 GLN A OE1 1 
ATOM   1194 N  NE2 . GLN A 1 152 ? -1.311  -17.001 -13.297 1.00 36.49 ? 152 GLN A NE2 1 
HETATM 1195 S  S   . SO4 B 2 .   ? 11.642  16.543  -7.116  1.00 44.16 ? 156 SO4 A S   1 
HETATM 1196 O  O1  . SO4 B 2 .   ? 12.137  17.296  -8.255  1.00 46.46 ? 156 SO4 A O1  1 
HETATM 1197 O  O2  . SO4 B 2 .   ? 10.186  16.645  -7.086  1.00 46.04 ? 156 SO4 A O2  1 
HETATM 1198 O  O3  . SO4 B 2 .   ? 12.029  15.128  -7.336  1.00 45.83 ? 156 SO4 A O3  1 
HETATM 1199 O  O4  . SO4 B 2 .   ? 12.218  17.017  -5.846  1.00 39.84 ? 156 SO4 A O4  1 
HETATM 1200 S  S   . SO4 C 2 .   ? -19.638 -4.498  -2.661  1.00 55.99 ? 157 SO4 A S   1 
HETATM 1201 O  O1  . SO4 C 2 .   ? -18.209 -4.854  -2.649  1.00 55.47 ? 157 SO4 A O1  1 
HETATM 1202 O  O2  . SO4 C 2 .   ? -19.745 -3.038  -2.758  1.00 53.77 ? 157 SO4 A O2  1 
HETATM 1203 O  O3  . SO4 C 2 .   ? -20.298 -5.157  -3.830  1.00 54.85 ? 157 SO4 A O3  1 
HETATM 1204 O  O4  . SO4 C 2 .   ? -20.279 -4.988  -1.419  1.00 54.04 ? 157 SO4 A O4  1 
HETATM 1205 C  CHA . HEM D 3 .   ? -0.870  4.357   -10.677 1.00 17.13 ? 154 HEM A CHA 1 
HETATM 1206 C  CHB . HEM D 3 .   ? -2.710  3.161   -6.227  1.00 18.26 ? 154 HEM A CHB 1 
HETATM 1207 C  CHC . HEM D 3 .   ? 0.396   -0.580  -5.942  1.00 18.77 ? 154 HEM A CHC 1 
HETATM 1208 C  CHD . HEM D 3 .   ? 2.588   0.926   -10.091 1.00 16.25 ? 154 HEM A CHD 1 
HETATM 1209 C  C1A . HEM D 3 .   ? -1.630  4.330   -9.503  1.00 20.28 ? 154 HEM A C1A 1 
HETATM 1210 C  C2A . HEM D 3 .   ? -2.777  5.189   -9.219  1.00 19.17 ? 154 HEM A C2A 1 
HETATM 1211 C  C3A . HEM D 3 .   ? -3.266  4.896   -7.992  1.00 17.98 ? 154 HEM A C3A 1 
HETATM 1212 C  C4A . HEM D 3 .   ? -2.476  3.805   -7.454  1.00 20.54 ? 154 HEM A C4A 1 
HETATM 1213 C  CMA . HEM D 3 .   ? -4.471  5.551   -7.264  1.00 17.93 ? 154 HEM A CMA 1 
HETATM 1214 C  CAA . HEM D 3 .   ? -3.231  6.244   -10.243 1.00 18.39 ? 154 HEM A CAA 1 
HETATM 1215 C  CBA . HEM D 3 .   ? -4.440  5.845   -11.075 1.00 20.07 ? 154 HEM A CBA 1 
HETATM 1216 C  CGA . HEM D 3 .   ? -4.369  4.512   -11.845 1.00 23.43 ? 154 HEM A CGA 1 
HETATM 1217 O  O1A . HEM D 3 .   ? -3.503  4.405   -12.768 1.00 19.72 ? 154 HEM A O1A 1 
HETATM 1218 O  O2A . HEM D 3 .   ? -5.179  3.536   -11.541 1.00 18.61 ? 154 HEM A O2A 1 
HETATM 1219 C  C1B . HEM D 3 .   ? -2.112  2.016   -5.794  1.00 17.20 ? 154 HEM A C1B 1 
HETATM 1220 C  C2B . HEM D 3 .   ? -2.444  1.270   -4.612  1.00 20.26 ? 154 HEM A C2B 1 
HETATM 1221 C  C3B . HEM D 3 .   ? -1.538  0.258   -4.520  1.00 19.82 ? 154 HEM A C3B 1 
HETATM 1222 C  C4B . HEM D 3 .   ? -0.638  0.320   -5.645  1.00 21.65 ? 154 HEM A C4B 1 
HETATM 1223 C  CMB . HEM D 3 .   ? -3.596  1.600   -3.614  1.00 18.13 ? 154 HEM A CMB 1 
HETATM 1224 C  CAB . HEM D 3 .   ? -1.470  -0.864  -3.455  1.00 22.71 ? 154 HEM A CAB 1 
HETATM 1225 C  CBB . HEM D 3 .   ? -1.590  -0.554  -2.157  1.00 25.56 ? 154 HEM A CBB 1 
HETATM 1226 C  C1C . HEM D 3 .   ? 1.330   -0.436  -6.986  1.00 19.21 ? 154 HEM A C1C 1 
HETATM 1227 C  C2C . HEM D 3 .   ? 2.595   -1.114  -7.072  1.00 19.96 ? 154 HEM A C2C 1 
HETATM 1228 C  C3C . HEM D 3 .   ? 3.197   -0.691  -8.226  1.00 18.13 ? 154 HEM A C3C 1 
HETATM 1229 C  C4C . HEM D 3 .   ? 2.332   0.276   -8.882  1.00 15.70 ? 154 HEM A C4C 1 
HETATM 1230 C  CMC . HEM D 3 .   ? 3.044   -2.134  -5.966  1.00 17.71 ? 154 HEM A CMC 1 
HETATM 1231 C  CAC . HEM D 3 .   ? 4.589   -1.041  -8.837  1.00 18.10 ? 154 HEM A CAC 1 
HETATM 1232 C  CBC . HEM D 3 .   ? 5.441   -1.793  -8.174  1.00 23.32 ? 154 HEM A CBC 1 
HETATM 1233 C  C1D . HEM D 3 .   ? 1.876   1.964   -10.643 1.00 19.21 ? 154 HEM A C1D 1 
HETATM 1234 C  C2D . HEM D 3 .   ? 2.191   2.620   -11.889 1.00 19.41 ? 154 HEM A C2D 1 
HETATM 1235 C  C3D . HEM D 3 .   ? 1.128   3.666   -12.044 1.00 21.98 ? 154 HEM A C3D 1 
HETATM 1236 C  C4D . HEM D 3 .   ? 0.242   3.575   -10.906 1.00 20.81 ? 154 HEM A C4D 1 
HETATM 1237 C  CMD . HEM D 3 .   ? 3.384   2.340   -12.833 1.00 20.44 ? 154 HEM A CMD 1 
HETATM 1238 C  CAD . HEM D 3 .   ? 1.007   4.682   -13.183 1.00 24.99 ? 154 HEM A CAD 1 
HETATM 1239 C  CBD . HEM D 3 .   ? 1.698   5.898   -12.608 1.00 29.45 ? 154 HEM A CBD 1 
HETATM 1240 C  CGD . HEM D 3 .   ? 1.187   7.139   -13.300 1.00 33.12 ? 154 HEM A CGD 1 
HETATM 1241 O  O1D . HEM D 3 .   ? 2.026   8.070   -13.277 1.00 33.18 ? 154 HEM A O1D 1 
HETATM 1242 O  O2D . HEM D 3 .   ? -0.013  7.243   -13.795 1.00 31.91 ? 154 HEM A O2D 1 
HETATM 1243 N  NA  . HEM D 3 .   ? -1.501  3.485   -8.414  1.00 19.24 ? 154 HEM A NA  1 
HETATM 1244 N  NB  . HEM D 3 .   ? -0.986  1.423   -6.392  1.00 19.11 ? 154 HEM A NB  1 
HETATM 1245 N  NC  . HEM D 3 .   ? 1.217   0.403   -8.090  1.00 17.31 ? 154 HEM A NC  1 
HETATM 1246 N  ND  . HEM D 3 .   ? 0.714   2.557   -10.102 1.00 20.78 ? 154 HEM A ND  1 
HETATM 1247 FE FE  . HEM D 3 .   ? -0.104  1.963   -8.272  1.00 23.34 ? 154 HEM A FE  1 
HETATM 1248 C  C1  . NBE E 4 .   ? 2.368   3.111   -6.812  1.00 21.74 ? 371 NBE A C1  1 
HETATM 1249 N  N   . NBE E 4 .   ? 1.246   3.390   -7.511  1.00 20.55 ? 371 NBE A N   1 
HETATM 1250 O  O   . NBE E 4 .   ? 1.159   4.440   -8.107  1.00 22.73 ? 371 NBE A O   1 
HETATM 1251 C  C2  . NBE E 4 .   ? 2.281   2.358   -5.646  1.00 20.02 ? 371 NBE A C2  1 
HETATM 1252 C  C3  . NBE E 4 .   ? 3.448   2.083   -4.944  1.00 19.99 ? 371 NBE A C3  1 
HETATM 1253 C  C4  . NBE E 4 .   ? 4.674   2.517   -5.396  1.00 20.76 ? 371 NBE A C4  1 
HETATM 1254 C  C5  . NBE E 4 .   ? 4.742   3.288   -6.571  1.00 25.87 ? 371 NBE A C5  1 
HETATM 1255 C  C6  . NBE E 4 .   ? 3.584   3.597   -7.296  1.00 22.92 ? 371 NBE A C6  1 
HETATM 1256 C  C1  . NBE F 4 .   ? 0.418   10.898  -10.376 1.00 39.68 ? 372 NBE A C1  1 
HETATM 1257 N  N   . NBE F 4 .   ? 0.933   12.192  -10.581 1.00 39.76 ? 372 NBE A N   1 
HETATM 1258 O  O   . NBE F 4 .   ? 1.686   12.692  -9.741  1.00 41.46 ? 372 NBE A O   1 
HETATM 1259 C  C2  . NBE F 4 .   ? 0.805   10.168  -9.254  1.00 37.56 ? 372 NBE A C2  1 
HETATM 1260 C  C3  . NBE F 4 .   ? 0.302   8.903   -9.039  1.00 35.54 ? 372 NBE A C3  1 
HETATM 1261 C  C4  . NBE F 4 .   ? -0.589  8.355   -9.945  1.00 37.64 ? 372 NBE A C4  1 
HETATM 1262 C  C5  . NBE F 4 .   ? -0.974  9.087   -11.058 1.00 33.87 ? 372 NBE A C5  1 
HETATM 1263 C  C6  . NBE F 4 .   ? -0.483  10.361  -11.287 1.00 37.62 ? 372 NBE A C6  1 
HETATM 1264 C  C1  A NBE G 4 .   ? -2.964  -3.879  -7.874  0.50 23.09 ? 373 NBE A C1  1 
HETATM 1265 C  C1  B NBE G 4 .   ? -1.381  -4.074  -7.675  0.50 32.26 ? 373 NBE A C1  1 
HETATM 1266 N  N   A NBE G 4 .   ? -2.215  -4.969  -8.426  0.50 22.85 ? 373 NBE A N   1 
HETATM 1267 N  N   B NBE G 4 .   ? -0.054  -4.501  -7.491  0.50 31.83 ? 373 NBE A N   1 
HETATM 1268 O  O   A NBE G 4 .   ? -1.645  -5.815  -7.712  0.50 23.06 ? 373 NBE A O   1 
HETATM 1269 O  O   B NBE G 4 .   ? 0.345   -5.535  -8.015  0.50 30.94 ? 373 NBE A O   1 
HETATM 1270 C  C2  A NBE G 4 .   ? -2.312  -2.791  -7.282  0.50 21.92 ? 373 NBE A C2  1 
HETATM 1271 C  C2  B NBE G 4 .   ? -1.790  -2.834  -7.195  0.50 31.96 ? 373 NBE A C2  1 
HETATM 1272 C  C3  A NBE G 4 .   ? -3.030  -1.701  -6.739  0.50 21.77 ? 373 NBE A C3  1 
HETATM 1273 C  C3  B NBE G 4 .   ? -3.112  -2.406  -7.360  0.50 32.45 ? 373 NBE A C3  1 
HETATM 1274 C  C4  A NBE G 4 .   ? -4.412  -1.672  -6.785  0.50 22.08 ? 373 NBE A C4  1 
HETATM 1275 C  C4  B NBE G 4 .   ? -4.043  -3.223  -8.013  0.50 32.33 ? 373 NBE A C4  1 
HETATM 1276 C  C5  A NBE G 4 .   ? -5.070  -2.750  -7.393  0.50 22.85 ? 373 NBE A C5  1 
HETATM 1277 C  C5  B NBE G 4 .   ? -3.654  -4.470  -8.507  0.50 31.75 ? 373 NBE A C5  1 
HETATM 1278 C  C6  A NBE G 4 .   ? -4.362  -3.845  -7.937  0.50 22.27 ? 373 NBE A C6  1 
HETATM 1279 C  C6  B NBE G 4 .   ? -2.322  -4.886  -8.336  0.50 33.02 ? 373 NBE A C6  1 
HETATM 1280 C  C1  . NBE H 4 .   ? -4.181  -15.881 -12.044 1.00 26.43 ? 374 NBE A C1  1 
HETATM 1281 N  N   . NBE H 4 .   ? -3.889  -15.723 -13.394 1.00 28.18 ? 374 NBE A N   1 
HETATM 1282 O  O   . NBE H 4 .   ? -4.595  -16.113 -14.305 1.00 29.63 ? 374 NBE A O   1 
HETATM 1283 C  C2  . NBE H 4 .   ? -4.624  -17.096 -11.547 1.00 26.60 ? 374 NBE A C2  1 
HETATM 1284 C  C3  . NBE H 4 .   ? -4.887  -17.196 -10.161 1.00 24.83 ? 374 NBE A C3  1 
HETATM 1285 C  C4  . NBE H 4 .   ? -4.709  -16.077 -9.319  1.00 26.76 ? 374 NBE A C4  1 
HETATM 1286 C  C5  . NBE H 4 .   ? -4.255  -14.849 -9.828  1.00 22.19 ? 374 NBE A C5  1 
HETATM 1287 C  C6  . NBE H 4 .   ? -3.985  -14.770 -11.205 1.00 27.52 ? 374 NBE A C6  1 
HETATM 1288 C  C1  . NBE I 4 .   ? 1.995   16.442  -1.946  1.00 37.35 ? 375 NBE A C1  1 
HETATM 1289 N  N   . NBE I 4 .   ? 1.166   15.878  -0.960  1.00 36.47 ? 375 NBE A N   1 
HETATM 1290 O  O   . NBE I 4 .   ? 1.630   15.506  0.140   1.00 38.40 ? 375 NBE A O   1 
HETATM 1291 C  C2  . NBE I 4 .   ? 3.408   16.346  -1.807  1.00 36.18 ? 375 NBE A C2  1 
HETATM 1292 C  C3  . NBE I 4 .   ? 4.252   16.916  -2.787  1.00 38.29 ? 375 NBE A C3  1 
HETATM 1293 C  C4  . NBE I 4 .   ? 3.680   17.581  -3.890  1.00 35.63 ? 375 NBE A C4  1 
HETATM 1294 C  C5  . NBE I 4 .   ? 2.287   17.688  -4.013  1.00 35.66 ? 375 NBE A C5  1 
HETATM 1295 C  C6  . NBE I 4 .   ? 1.423   17.118  -3.055  1.00 36.18 ? 375 NBE A C6  1 
HETATM 1296 O  O   . HOH J 5 .   ? 9.326   -4.821  3.728   1.00 15.39 ? 376 HOH A O   1 
HETATM 1297 O  O   . HOH J 5 .   ? -16.359 -9.948  -16.550 1.00 25.26 ? 377 HOH A O   1 
HETATM 1298 O  O   . HOH J 5 .   ? -7.056  -9.776  13.588  1.00 19.64 ? 378 HOH A O   1 
HETATM 1299 O  O   . HOH J 5 .   ? 0.451   -9.305  16.079  1.00 16.30 ? 379 HOH A O   1 
HETATM 1300 O  O   . HOH J 5 .   ? 3.039   -5.466  18.224  1.00 20.89 ? 380 HOH A O   1 
HETATM 1301 O  O   . HOH J 5 .   ? 0.217   -11.293 4.425   1.00 18.81 ? 381 HOH A O   1 
HETATM 1302 O  O   . HOH J 5 .   ? -15.998 -7.773  17.058  1.00 31.88 ? 382 HOH A O   1 
HETATM 1303 O  O   . HOH J 5 .   ? -12.001 -2.688  2.458   1.00 20.04 ? 383 HOH A O   1 
HETATM 1304 O  O   . HOH J 5 .   ? -11.444 -14.750 -10.439 1.00 19.46 ? 384 HOH A O   1 
HETATM 1305 O  O   . HOH J 5 .   ? 7.814   -9.150  1.124   1.00 25.25 ? 385 HOH A O   1 
HETATM 1306 O  O   . HOH J 5 .   ? 10.440  11.878  -0.844  1.00 29.45 ? 386 HOH A O   1 
HETATM 1307 O  O   . HOH J 5 .   ? -3.638  -11.248 10.856  1.00 25.62 ? 387 HOH A O   1 
HETATM 1308 O  O   . HOH J 5 .   ? 5.236   -1.341  17.765  1.00 17.58 ? 388 HOH A O   1 
HETATM 1309 O  O   . HOH J 5 .   ? 2.487   -7.720  16.498  1.00 21.24 ? 389 HOH A O   1 
HETATM 1310 O  O   . HOH J 5 .   ? -12.577 -9.402  -6.481  1.00 24.18 ? 390 HOH A O   1 
HETATM 1311 O  O   . HOH J 5 .   ? -0.603  -8.632  4.266   1.00 30.52 ? 391 HOH A O   1 
HETATM 1312 O  O   . HOH J 5 .   ? 0.172   -11.945 -18.119 1.00 30.83 ? 392 HOH A O   1 
HETATM 1313 O  O   . HOH J 5 .   ? -9.703  7.493   -1.649  1.00 18.82 ? 393 HOH A O   1 
HETATM 1314 O  O   . HOH J 5 .   ? -2.941  6.768   -13.810 1.00 19.35 ? 394 HOH A O   1 
HETATM 1315 O  O   . HOH J 5 .   ? 1.725   5.908   -21.130 1.00 29.52 ? 395 HOH A O   1 
HETATM 1316 O  O   . HOH J 5 .   ? -11.004 -7.966  -13.641 1.00 24.47 ? 396 HOH A O   1 
HETATM 1317 O  O   . HOH J 5 .   ? 2.047   2.718   -16.837 1.00 26.74 ? 397 HOH A O   1 
HETATM 1318 O  O   . HOH J 5 .   ? -1.105  -14.251 -19.660 1.00 31.83 ? 398 HOH A O   1 
HETATM 1319 O  O   . HOH J 5 .   ? -5.737  9.012   -4.256  1.00 19.28 ? 399 HOH A O   1 
HETATM 1320 O  O   . HOH J 5 .   ? 7.122   -6.502  6.912   1.00 22.81 ? 400 HOH A O   1 
HETATM 1321 O  O   . HOH J 5 .   ? -7.886  7.381   14.291  1.00 37.41 ? 401 HOH A O   1 
HETATM 1322 O  O   . HOH J 5 .   ? -18.103 -0.509  -3.706  1.00 34.21 ? 402 HOH A O   1 
HETATM 1323 O  O   . HOH J 5 .   ? -18.364 -8.811  13.271  1.00 29.99 ? 403 HOH A O   1 
HETATM 1324 O  O   . HOH J 5 .   ? 0.933   -11.472 -10.982 1.00 25.51 ? 404 HOH A O   1 
HETATM 1325 O  O   . HOH J 5 .   ? 5.913   19.455  -2.979  1.00 98.64 ? 405 HOH A O   1 
HETATM 1326 O  O   . HOH J 5 .   ? -16.076 0.899   -10.011 1.00 24.81 ? 406 HOH A O   1 
HETATM 1327 O  O   . HOH J 5 .   ? 5.310   15.638  5.935   1.00 29.47 ? 407 HOH A O   1 
HETATM 1328 O  O   . HOH J 5 .   ? -9.595  -16.898 -2.637  1.00 27.95 ? 408 HOH A O   1 
HETATM 1329 O  O   . HOH J 5 .   ? -9.135  -22.774 -11.709 1.00 26.65 ? 409 HOH A O   1 
HETATM 1330 O  O   . HOH J 5 .   ? -14.504 -8.039  0.177   1.00 27.13 ? 410 HOH A O   1 
HETATM 1331 O  O   . HOH J 5 .   ? -3.735  -13.034 8.708   1.00 25.48 ? 411 HOH A O   1 
HETATM 1332 O  O   . HOH J 5 .   ? -1.951  -0.040  18.577  1.00 34.52 ? 412 HOH A O   1 
HETATM 1333 O  O   . HOH J 5 .   ? 0.211   14.171  -3.434  1.00 45.32 ? 413 HOH A O   1 
HETATM 1334 O  O   . HOH J 5 .   ? -3.958  1.506   16.908  1.00 38.25 ? 414 HOH A O   1 
HETATM 1335 O  O   . HOH J 5 .   ? 17.931  8.807   -15.243 1.00 43.70 ? 415 HOH A O   1 
HETATM 1336 O  O   . HOH J 5 .   ? 1.165   14.948  4.935   1.00 29.54 ? 416 HOH A O   1 
HETATM 1337 O  O   . HOH J 5 .   ? -0.997  -13.190 -11.218 1.00 28.78 ? 417 HOH A O   1 
HETATM 1338 O  O   . HOH J 5 .   ? -1.722  -7.173  -23.017 1.00 26.91 ? 418 HOH A O   1 
HETATM 1339 O  O   . HOH J 5 .   ? 13.370  1.942   8.648   1.00 35.99 ? 419 HOH A O   1 
HETATM 1340 O  O   . HOH J 5 .   ? 6.578   5.477   19.673  1.00 30.46 ? 420 HOH A O   1 
HETATM 1341 O  O   . HOH J 5 .   ? -8.485  8.123   2.136   1.00 22.19 ? 421 HOH A O   1 
HETATM 1342 O  O   . HOH J 5 .   ? -6.458  -21.050 -11.713 1.00 33.28 ? 422 HOH A O   1 
HETATM 1343 O  O   . HOH J 5 .   ? -13.824 -6.928  -4.945  1.00 32.05 ? 423 HOH A O   1 
HETATM 1344 O  O   . HOH J 5 .   ? 15.007  13.994  -7.323  1.00 36.56 ? 424 HOH A O   1 
HETATM 1345 O  O   . HOH J 5 .   ? 11.362  5.577   10.231  1.00 32.50 ? 425 HOH A O   1 
HETATM 1346 O  O   . HOH J 5 .   ? -8.397  -11.501 5.295   1.00 28.51 ? 426 HOH A O   1 
HETATM 1347 O  O   . HOH J 5 .   ? 11.448  3.779   4.411   1.00 32.22 ? 427 HOH A O   1 
HETATM 1348 O  O   . HOH J 5 .   ? 5.701   16.727  3.732   1.00 38.10 ? 428 HOH A O   1 
HETATM 1349 O  O   . HOH J 5 .   ? -6.594  -8.327  16.221  1.00 24.47 ? 429 HOH A O   1 
HETATM 1350 O  O   . HOH J 5 .   ? -13.821 1.944   13.103  1.00 29.62 ? 430 HOH A O   1 
HETATM 1351 O  O   . HOH J 5 .   ? -13.177 -11.544 -4.716  1.00 26.68 ? 431 HOH A O   1 
HETATM 1352 O  O   . HOH J 5 .   ? 3.326   7.074   17.680  1.00 37.64 ? 432 HOH A O   1 
HETATM 1353 O  O   . HOH J 5 .   ? 5.322   20.380  -0.901  1.00 34.67 ? 433 HOH A O   1 
HETATM 1354 O  O   . HOH J 5 .   ? 10.932  2.263   7.331   1.00 31.36 ? 434 HOH A O   1 
HETATM 1355 O  O   . HOH J 5 .   ? -14.688 -8.018  5.701   1.00 32.51 ? 435 HOH A O   1 
HETATM 1356 O  O   . HOH J 5 .   ? -4.651  4.123   -15.342 1.00 19.67 ? 436 HOH A O   1 
HETATM 1357 O  O   . HOH J 5 .   ? -9.834  -10.846 16.382  1.00 32.04 ? 437 HOH A O   1 
HETATM 1358 O  O   . HOH J 5 .   ? -2.557  -6.985  21.637  1.00 34.32 ? 438 HOH A O   1 
HETATM 1359 O  O   . HOH J 5 .   ? -3.689  -3.704  -21.999 1.00 27.53 ? 439 HOH A O   1 
HETATM 1360 O  O   . HOH J 5 .   ? 4.069   10.522  0.238   1.00 43.79 ? 440 HOH A O   1 
HETATM 1361 O  O   . HOH J 5 .   ? -9.269  1.084   -14.579 1.00 20.39 ? 441 HOH A O   1 
HETATM 1362 O  O   . HOH J 5 .   ? -22.054 -5.958  10.756  1.00 43.78 ? 442 HOH A O   1 
HETATM 1363 O  O   . HOH J 5 .   ? -4.872  12.970  5.742   1.00 39.23 ? 443 HOH A O   1 
HETATM 1364 O  O   . HOH J 5 .   ? 10.697  -7.165  6.645   1.00 28.68 ? 444 HOH A O   1 
HETATM 1365 O  O   . HOH J 5 .   ? 8.845   -3.614  -0.014  1.00 39.50 ? 445 HOH A O   1 
HETATM 1366 O  O   . HOH J 5 .   ? -9.617  -4.396  2.397   1.00 30.67 ? 446 HOH A O   1 
HETATM 1367 O  O   . HOH J 5 .   ? -13.526 -11.444 -10.947 1.00 30.53 ? 447 HOH A O   1 
HETATM 1368 O  O   . HOH J 5 .   ? -13.988 -10.510 -8.526  1.00 40.80 ? 448 HOH A O   1 
HETATM 1369 O  O   . HOH J 5 .   ? 14.513  9.507   -14.084 1.00 42.43 ? 449 HOH A O   1 
HETATM 1370 O  O   . HOH J 5 .   ? 8.059   8.636   13.040  1.00 31.30 ? 450 HOH A O   1 
HETATM 1371 O  O   . HOH J 5 .   ? 14.676  -1.910  2.147   1.00 41.09 ? 451 HOH A O   1 
HETATM 1372 O  O   . HOH J 5 .   ? -13.145 -9.113  17.041  1.00 45.49 ? 452 HOH A O   1 
HETATM 1373 O  O   . HOH J 5 .   ? -11.909 2.870   14.042  1.00 37.40 ? 453 HOH A O   1 
HETATM 1374 O  O   . HOH J 5 .   ? 4.903   3.707   24.110  1.00 49.65 ? 454 HOH A O   1 
HETATM 1375 O  O   . HOH J 5 .   ? -1.640  14.438  6.706   1.00 35.42 ? 455 HOH A O   1 
HETATM 1376 O  O   . HOH J 5 .   ? 4.118   10.195  12.250  1.00 32.04 ? 456 HOH A O   1 
HETATM 1377 O  O   . HOH J 5 .   ? 6.350   17.394  -7.842  1.00 34.77 ? 457 HOH A O   1 
HETATM 1378 O  O   . HOH J 5 .   ? 8.592   -6.201  -6.824  1.00 51.20 ? 458 HOH A O   1 
HETATM 1379 O  O   . HOH J 5 .   ? 10.150  14.973  3.693   1.00 45.60 ? 459 HOH A O   1 
HETATM 1380 O  O   . HOH J 5 .   ? -6.367  8.201   3.978   1.00 31.82 ? 460 HOH A O   1 
HETATM 1381 O  O   . HOH J 5 .   ? -10.508 2.856   15.978  1.00 41.47 ? 461 HOH A O   1 
HETATM 1382 O  O   . HOH J 5 .   ? -11.508 -0.983  -15.296 1.00 27.32 ? 462 HOH A O   1 
HETATM 1383 O  O   . HOH J 5 .   ? -3.652  6.851   15.735  1.00 40.99 ? 463 HOH A O   1 
HETATM 1384 O  O   . HOH J 5 .   ? 0.569   6.443   16.154  1.00 49.89 ? 464 HOH A O   1 
HETATM 1385 O  O   . HOH J 5 .   ? -1.065  16.149  -2.382  1.00 71.24 ? 465 HOH A O   1 
# 
loop_
_pdbx_poly_seq_scheme.asym_id 
_pdbx_poly_seq_scheme.entity_id 
_pdbx_poly_seq_scheme.seq_id 
_pdbx_poly_seq_scheme.mon_id 
_pdbx_poly_seq_scheme.ndb_seq_num 
_pdbx_poly_seq_scheme.pdb_seq_num 
_pdbx_poly_seq_scheme.auth_seq_num 
_pdbx_poly_seq_scheme.pdb_mon_id 
_pdbx_poly_seq_scheme.auth_mon_id 
_pdbx_poly_seq_scheme.pdb_strand_id 
_pdbx_poly_seq_scheme.pdb_ins_code 
_pdbx_poly_seq_scheme.hetero 
A 1 1   GLY 1   1   1   GLY GLY A . n 
A 1 2   LEU 2   2   2   LEU LEU A . n 
A 1 3   SER 3   3   3   SER SER A . n 
A 1 4   ASP 4   4   4   ASP ASP A . n 
A 1 5   GLY 5   5   5   GLY GLY A . n 
A 1 6   GLU 6   6   6   GLU GLU A . n 
A 1 7   TRP 7   7   7   TRP TRP A . n 
A 1 8   GLN 8   8   8   GLN GLN A . n 
A 1 9   GLN 9   9   9   GLN GLN A . n 
A 1 10  VAL 10  10  10  VAL VAL A . n 
A 1 11  LEU 11  11  11  LEU LEU A . n 
A 1 12  ASN 12  12  12  ASN ASN A . n 
A 1 13  VAL 13  13  13  VAL VAL A . n 
A 1 14  TRP 14  14  14  TRP TRP A . n 
A 1 15  GLY 15  15  15  GLY GLY A . n 
A 1 16  LYS 16  16  16  LYS LYS A . n 
A 1 17  VAL 17  17  17  VAL VAL A . n 
A 1 18  GLU 18  18  18  GLU GLU A . n 
A 1 19  ALA 19  19  19  ALA ALA A . n 
A 1 20  ASP 20  20  20  ASP ASP A . n 
A 1 21  ILE 21  21  21  ILE ILE A . n 
A 1 22  ALA 22  22  22  ALA ALA A . n 
A 1 23  GLY 23  23  23  GLY GLY A . n 
A 1 24  HIS 24  24  24  HIS HIS A . n 
A 1 25  GLY 25  25  25  GLY GLY A . n 
A 1 26  GLN 26  26  26  GLN GLN A . n 
A 1 27  GLU 27  27  27  GLU GLU A . n 
A 1 28  VAL 28  28  28  VAL VAL A . n 
A 1 29  LEU 29  29  29  LEU LEU A . n 
A 1 30  ILE 30  30  30  ILE ILE A . n 
A 1 31  ARG 31  31  31  ARG ARG A . n 
A 1 32  LEU 32  32  32  LEU LEU A . n 
A 1 33  PHE 33  33  33  PHE PHE A . n 
A 1 34  THR 34  34  34  THR THR A . n 
A 1 35  GLY 35  35  35  GLY GLY A . n 
A 1 36  HIS 36  36  36  HIS HIS A . n 
A 1 37  PRO 37  37  37  PRO PRO A . n 
A 1 38  GLU 38  38  38  GLU GLU A . n 
A 1 39  THR 39  39  39  THR THR A . n 
A 1 40  LEU 40  40  40  LEU LEU A . n 
A 1 41  GLU 41  41  41  GLU GLU A . n 
A 1 42  LYS 42  42  42  LYS LYS A . n 
A 1 43  PHE 43  43  43  PHE PHE A . n 
A 1 44  ASP 44  44  44  ASP ASP A . n 
A 1 45  LYS 45  45  45  LYS LYS A . n 
A 1 46  PHE 46  46  46  PHE PHE A . n 
A 1 47  LYS 47  47  47  LYS LYS A . n 
A 1 48  HIS 48  48  48  HIS HIS A . n 
A 1 49  LEU 49  49  49  LEU LEU A . n 
A 1 50  LYS 50  50  50  LYS LYS A . n 
A 1 51  THR 51  51  51  THR THR A . n 
A 1 52  GLU 52  52  52  GLU GLU A . n 
A 1 53  ALA 53  53  53  ALA ALA A . n 
A 1 54  GLU 54  54  54  GLU GLU A . n 
A 1 55  MET 55  55  55  MET MET A . n 
A 1 56  LYS 56  56  56  LYS LYS A . n 
A 1 57  ALA 57  57  57  ALA ALA A . n 
A 1 58  SER 58  58  58  SER SER A . n 
A 1 59  GLU 59  59  59  GLU GLU A . n 
A 1 60  ASP 60  60  60  ASP ASP A . n 
A 1 61  LEU 61  61  61  LEU LEU A . n 
A 1 62  LYS 62  62  62  LYS LYS A . n 
A 1 63  LYS 63  63  63  LYS LYS A . n 
A 1 64  HIS 64  64  64  HIS HIS A . n 
A 1 65  GLY 65  65  65  GLY GLY A . n 
A 1 66  THR 66  66  66  THR THR A . n 
A 1 67  VAL 67  67  67  VAL VAL A . n 
A 1 68  VAL 68  68  68  VAL VAL A . n 
A 1 69  LEU 69  69  69  LEU LEU A . n 
A 1 70  THR 70  70  70  THR THR A . n 
A 1 71  ALA 71  71  71  ALA ALA A . n 
A 1 72  LEU 72  72  72  LEU LEU A . n 
A 1 73  GLY 73  73  73  GLY GLY A . n 
A 1 74  GLY 74  74  74  GLY GLY A . n 
A 1 75  ILE 75  75  75  ILE ILE A . n 
A 1 76  LEU 76  76  76  LEU LEU A . n 
A 1 77  LYS 77  77  77  LYS LYS A . n 
A 1 78  LYS 78  78  78  LYS LYS A . n 
A 1 79  LYS 79  79  79  LYS LYS A . n 
A 1 80  GLY 80  80  80  GLY GLY A . n 
A 1 81  HIS 81  81  81  HIS HIS A . n 
A 1 82  HIS 82  82  82  HIS HIS A . n 
A 1 83  GLU 83  83  83  GLU GLU A . n 
A 1 84  ALA 84  84  84  ALA ALA A . n 
A 1 85  GLU 85  85  85  GLU GLU A . n 
A 1 86  LEU 86  86  86  LEU LEU A . n 
A 1 87  LYS 87  87  87  LYS LYS A . n 
A 1 88  PRO 88  88  88  PRO PRO A . n 
A 1 89  LEU 89  89  89  LEU LEU A . n 
A 1 90  ALA 90  90  90  ALA ALA A . n 
A 1 91  GLN 91  91  91  GLN GLN A . n 
A 1 92  SER 92  92  92  SER SER A . n 
A 1 93  HIS 93  93  93  HIS HIS A . n 
A 1 94  ALA 94  94  94  ALA ALA A . n 
A 1 95  THR 95  95  95  THR THR A . n 
A 1 96  LYS 96  96  96  LYS LYS A . n 
A 1 97  HIS 97  97  97  HIS HIS A . n 
A 1 98  LYS 98  98  98  LYS LYS A . n 
A 1 99  ILE 99  99  99  ILE ILE A . n 
A 1 100 PRO 100 100 100 PRO PRO A . n 
A 1 101 ILE 101 101 101 ILE ILE A . n 
A 1 102 LYS 102 102 102 LYS LYS A . n 
A 1 103 TYR 103 103 103 TYR TYR A . n 
A 1 104 LEU 104 104 104 LEU LEU A . n 
A 1 105 GLU 105 105 105 GLU GLU A . n 
A 1 106 PHE 106 106 106 PHE PHE A . n 
A 1 107 ILE 107 107 107 ILE ILE A . n 
A 1 108 SER 108 108 108 SER SER A . n 
A 1 109 ASP 109 109 109 ASP ASP A . n 
A 1 110 ALA 110 110 110 ALA ALA A . n 
A 1 111 ILE 111 111 111 ILE ILE A . n 
A 1 112 ILE 112 112 112 ILE ILE A . n 
A 1 113 HIS 113 113 113 HIS HIS A . n 
A 1 114 VAL 114 114 114 VAL VAL A . n 
A 1 115 LEU 115 115 115 LEU LEU A . n 
A 1 116 HIS 116 116 116 HIS HIS A . n 
A 1 117 SER 117 117 117 SER SER A . n 
A 1 118 LYS 118 118 118 LYS LYS A . n 
A 1 119 HIS 119 119 119 HIS HIS A . n 
A 1 120 PRO 120 120 120 PRO PRO A . n 
A 1 121 GLY 121 121 121 GLY GLY A . n 
A 1 122 ASP 122 122 122 ASP ASP A . n 
A 1 123 PHE 123 123 123 PHE PHE A . n 
A 1 124 GLY 124 124 124 GLY GLY A . n 
A 1 125 ALA 125 125 125 ALA ALA A . n 
A 1 126 ASP 126 126 126 ASP ASP A . n 
A 1 127 ALA 127 127 127 ALA ALA A . n 
A 1 128 GLN 128 128 128 GLN GLN A . n 
A 1 129 GLY 129 129 129 GLY GLY A . n 
A 1 130 ALA 130 130 130 ALA ALA A . n 
A 1 131 MET 131 131 131 MET MET A . n 
A 1 132 THR 132 132 132 THR THR A . n 
A 1 133 LYS 133 133 133 LYS LYS A . n 
A 1 134 ALA 134 134 134 ALA ALA A . n 
A 1 135 LEU 135 135 135 LEU LEU A . n 
A 1 136 GLU 136 136 136 GLU GLU A . n 
A 1 137 LEU 137 137 137 LEU LEU A . n 
A 1 138 PHE 138 138 138 PHE PHE A . n 
A 1 139 ARG 139 139 139 ARG ARG A . n 
A 1 140 ASN 140 140 140 ASN ASN A . n 
A 1 141 ASP 141 141 141 ASP ASP A . n 
A 1 142 ILE 142 142 142 ILE ILE A . n 
A 1 143 ALA 143 143 143 ALA ALA A . n 
A 1 144 ALA 144 144 144 ALA ALA A . n 
A 1 145 LYS 145 145 145 LYS LYS A . n 
A 1 146 TYR 146 146 146 TYR TYR A . n 
A 1 147 LYS 147 147 147 LYS LYS A . n 
A 1 148 GLU 148 148 148 GLU GLU A . n 
A 1 149 LEU 149 149 149 LEU LEU A . n 
A 1 150 GLY 150 150 150 GLY GLY A . n 
A 1 151 PHE 151 151 151 PHE PHE A . n 
A 1 152 GLN 152 152 152 GLN GLN A . n 
A 1 153 GLY 153 153 ?   ?   ?   A . n 
# 
loop_
_pdbx_nonpoly_scheme.asym_id 
_pdbx_nonpoly_scheme.entity_id 
_pdbx_nonpoly_scheme.mon_id 
_pdbx_nonpoly_scheme.ndb_seq_num 
_pdbx_nonpoly_scheme.pdb_seq_num 
_pdbx_nonpoly_scheme.auth_seq_num 
_pdbx_nonpoly_scheme.pdb_mon_id 
_pdbx_nonpoly_scheme.auth_mon_id 
_pdbx_nonpoly_scheme.pdb_strand_id 
_pdbx_nonpoly_scheme.pdb_ins_code 
B 2 SO4 1  156 156 SO4 SO4 A . 
C 2 SO4 1  157 157 SO4 SO4 A . 
D 3 HEM 1  154 154 HEM HEM A . 
E 4 NBE 1  371 371 NBE NBE A . 
F 4 NBE 1  372 372 NBE NBE A . 
G 4 NBE 1  373 373 NBE NBE A . 
H 4 NBE 1  374 374 NBE NBE A . 
I 4 NBE 1  375 375 NBE NBE A . 
J 5 HOH 1  376 2   HOH HOH A . 
J 5 HOH 2  377 3   HOH HOH A . 
J 5 HOH 3  378 4   HOH HOH A . 
J 5 HOH 4  379 5   HOH HOH A . 
J 5 HOH 5  380 6   HOH HOH A . 
J 5 HOH 6  381 7   HOH HOH A . 
J 5 HOH 7  382 8   HOH HOH A . 
J 5 HOH 8  383 9   HOH HOH A . 
J 5 HOH 9  384 10  HOH HOH A . 
J 5 HOH 10 385 12  HOH HOH A . 
J 5 HOH 11 386 13  HOH HOH A . 
J 5 HOH 12 387 14  HOH HOH A . 
J 5 HOH 13 388 15  HOH HOH A . 
J 5 HOH 14 389 16  HOH HOH A . 
J 5 HOH 15 390 17  HOH HOH A . 
J 5 HOH 16 391 18  HOH HOH A . 
J 5 HOH 17 392 19  HOH HOH A . 
J 5 HOH 18 393 20  HOH HOH A . 
J 5 HOH 19 394 21  HOH HOH A . 
J 5 HOH 20 395 22  HOH HOH A . 
J 5 HOH 21 396 23  HOH HOH A . 
J 5 HOH 22 397 24  HOH HOH A . 
J 5 HOH 23 398 25  HOH HOH A . 
J 5 HOH 24 399 26  HOH HOH A . 
J 5 HOH 25 400 27  HOH HOH A . 
J 5 HOH 26 401 28  HOH HOH A . 
J 5 HOH 27 402 29  HOH HOH A . 
J 5 HOH 28 403 30  HOH HOH A . 
J 5 HOH 29 404 31  HOH HOH A . 
J 5 HOH 30 405 32  HOH HOH A . 
J 5 HOH 31 406 33  HOH HOH A . 
J 5 HOH 32 407 34  HOH HOH A . 
J 5 HOH 33 408 35  HOH HOH A . 
J 5 HOH 34 409 36  HOH HOH A . 
J 5 HOH 35 410 37  HOH HOH A . 
J 5 HOH 36 411 38  HOH HOH A . 
J 5 HOH 37 412 39  HOH HOH A . 
J 5 HOH 38 413 40  HOH HOH A . 
J 5 HOH 39 414 41  HOH HOH A . 
J 5 HOH 40 415 42  HOH HOH A . 
J 5 HOH 41 416 43  HOH HOH A . 
J 5 HOH 42 417 44  HOH HOH A . 
J 5 HOH 43 418 45  HOH HOH A . 
J 5 HOH 44 419 46  HOH HOH A . 
J 5 HOH 45 420 47  HOH HOH A . 
J 5 HOH 46 421 48  HOH HOH A . 
J 5 HOH 47 422 49  HOH HOH A . 
J 5 HOH 48 423 50  HOH HOH A . 
J 5 HOH 49 424 51  HOH HOH A . 
J 5 HOH 50 425 52  HOH HOH A . 
J 5 HOH 51 426 53  HOH HOH A . 
J 5 HOH 52 427 54  HOH HOH A . 
J 5 HOH 53 428 55  HOH HOH A . 
J 5 HOH 54 429 56  HOH HOH A . 
J 5 HOH 55 430 57  HOH HOH A . 
J 5 HOH 56 431 58  HOH HOH A . 
J 5 HOH 57 432 59  HOH HOH A . 
J 5 HOH 58 433 60  HOH HOH A . 
J 5 HOH 59 434 61  HOH HOH A . 
J 5 HOH 60 435 62  HOH HOH A . 
J 5 HOH 61 436 63  HOH HOH A . 
J 5 HOH 62 437 64  HOH HOH A . 
J 5 HOH 63 438 65  HOH HOH A . 
J 5 HOH 64 439 66  HOH HOH A . 
J 5 HOH 65 440 67  HOH HOH A . 
J 5 HOH 66 441 68  HOH HOH A . 
J 5 HOH 67 442 69  HOH HOH A . 
J 5 HOH 68 443 70  HOH HOH A . 
J 5 HOH 69 444 71  HOH HOH A . 
J 5 HOH 70 445 72  HOH HOH A . 
J 5 HOH 71 446 73  HOH HOH A . 
J 5 HOH 72 447 74  HOH HOH A . 
J 5 HOH 73 448 75  HOH HOH A . 
J 5 HOH 74 449 76  HOH HOH A . 
J 5 HOH 75 450 77  HOH HOH A . 
J 5 HOH 76 451 78  HOH HOH A . 
J 5 HOH 77 452 79  HOH HOH A . 
J 5 HOH 78 453 80  HOH HOH A . 
J 5 HOH 79 454 82  HOH HOH A . 
J 5 HOH 80 455 83  HOH HOH A . 
J 5 HOH 81 456 84  HOH HOH A . 
J 5 HOH 82 457 85  HOH HOH A . 
J 5 HOH 83 458 86  HOH HOH A . 
J 5 HOH 84 459 90  HOH HOH A . 
J 5 HOH 85 460 91  HOH HOH A . 
J 5 HOH 86 461 93  HOH HOH A . 
J 5 HOH 87 462 94  HOH HOH A . 
J 5 HOH 88 463 96  HOH HOH A . 
J 5 HOH 89 464 97  HOH HOH A . 
J 5 HOH 90 465 98  HOH HOH A . 
# 
_pdbx_struct_assembly.id                   1 
_pdbx_struct_assembly.details              author_defined_assembly 
_pdbx_struct_assembly.method_details       ? 
_pdbx_struct_assembly.oligomeric_details   monomeric 
_pdbx_struct_assembly.oligomeric_count     1 
# 
_pdbx_struct_assembly_gen.assembly_id       1 
_pdbx_struct_assembly_gen.oper_expression   1 
_pdbx_struct_assembly_gen.asym_id_list      A,B,C,D,E,F,G,H,I,J 
# 
_pdbx_struct_oper_list.id                   1 
_pdbx_struct_oper_list.type                 'identity operation' 
_pdbx_struct_oper_list.name                 1_555 
_pdbx_struct_oper_list.symmetry_operation   x,y,z 
_pdbx_struct_oper_list.matrix[1][1]         1.0000000000 
_pdbx_struct_oper_list.matrix[1][2]         0.0000000000 
_pdbx_struct_oper_list.matrix[1][3]         0.0000000000 
_pdbx_struct_oper_list.vector[1]            0.0000000000 
_pdbx_struct_oper_list.matrix[2][1]         0.0000000000 
_pdbx_struct_oper_list.matrix[2][2]         1.0000000000 
_pdbx_struct_oper_list.matrix[2][3]         0.0000000000 
_pdbx_struct_oper_list.vector[2]            0.0000000000 
_pdbx_struct_oper_list.matrix[3][1]         0.0000000000 
_pdbx_struct_oper_list.matrix[3][2]         0.0000000000 
_pdbx_struct_oper_list.matrix[3][3]         1.0000000000 
_pdbx_struct_oper_list.vector[3]            0.0000000000 
# 
loop_
_pdbx_struct_conn_angle.id 
_pdbx_struct_conn_angle.ptnr1_label_atom_id 
_pdbx_struct_conn_angle.ptnr1_label_alt_id 
_pdbx_struct_conn_angle.ptnr1_label_asym_id 
_pdbx_struct_conn_angle.ptnr1_label_comp_id 
_pdbx_struct_conn_angle.ptnr1_label_seq_id 
_pdbx_struct_conn_angle.ptnr1_auth_atom_id 
_pdbx_struct_conn_angle.ptnr1_auth_asym_id 
_pdbx_struct_conn_angle.ptnr1_auth_comp_id 
_pdbx_struct_conn_angle.ptnr1_auth_seq_id 
_pdbx_struct_conn_angle.ptnr1_PDB_ins_code 
_pdbx_struct_conn_angle.ptnr1_symmetry 
_pdbx_struct_conn_angle.ptnr2_label_atom_id 
_pdbx_struct_conn_angle.ptnr2_label_alt_id 
_pdbx_struct_conn_angle.ptnr2_label_asym_id 
_pdbx_struct_conn_angle.ptnr2_label_comp_id 
_pdbx_struct_conn_angle.ptnr2_label_seq_id 
_pdbx_struct_conn_angle.ptnr2_auth_atom_id 
_pdbx_struct_conn_angle.ptnr2_auth_asym_id 
_pdbx_struct_conn_angle.ptnr2_auth_comp_id 
_pdbx_struct_conn_angle.ptnr2_auth_seq_id 
_pdbx_struct_conn_angle.ptnr2_PDB_ins_code 
_pdbx_struct_conn_angle.ptnr2_symmetry 
_pdbx_struct_conn_angle.ptnr3_label_atom_id 
_pdbx_struct_conn_angle.ptnr3_label_alt_id 
_pdbx_struct_conn_angle.ptnr3_label_asym_id 
_pdbx_struct_conn_angle.ptnr3_label_comp_id 
_pdbx_struct_conn_angle.ptnr3_label_seq_id 
_pdbx_struct_conn_angle.ptnr3_auth_atom_id 
_pdbx_struct_conn_angle.ptnr3_auth_asym_id 
_pdbx_struct_conn_angle.ptnr3_auth_comp_id 
_pdbx_struct_conn_angle.ptnr3_auth_seq_id 
_pdbx_struct_conn_angle.ptnr3_PDB_ins_code 
_pdbx_struct_conn_angle.ptnr3_symmetry 
_pdbx_struct_conn_angle.value 
_pdbx_struct_conn_angle.value_esd 
1  NE2 ? A HIS 93 ? A HIS 93  ? 1_555 FE ? D HEM . ? A HEM 154 ? 1_555 NA ? D HEM . ? A HEM 154 ? 1_555 90.3  ? 
2  NE2 ? A HIS 93 ? A HIS 93  ? 1_555 FE ? D HEM . ? A HEM 154 ? 1_555 NB ? D HEM . ? A HEM 154 ? 1_555 87.8  ? 
3  NA  ? D HEM .  ? A HEM 154 ? 1_555 FE ? D HEM . ? A HEM 154 ? 1_555 NB ? D HEM . ? A HEM 154 ? 1_555 88.1  ? 
4  NE2 ? A HIS 93 ? A HIS 93  ? 1_555 FE ? D HEM . ? A HEM 154 ? 1_555 NC ? D HEM . ? A HEM 154 ? 1_555 88.2  ? 
5  NA  ? D HEM .  ? A HEM 154 ? 1_555 FE ? D HEM . ? A HEM 154 ? 1_555 NC ? D HEM . ? A HEM 154 ? 1_555 177.5 ? 
6  NB  ? D HEM .  ? A HEM 154 ? 1_555 FE ? D HEM . ? A HEM 154 ? 1_555 NC ? D HEM . ? A HEM 154 ? 1_555 89.8  ? 
7  NE2 ? A HIS 93 ? A HIS 93  ? 1_555 FE ? D HEM . ? A HEM 154 ? 1_555 ND ? D HEM . ? A HEM 154 ? 1_555 92.7  ? 
8  NA  ? D HEM .  ? A HEM 154 ? 1_555 FE ? D HEM . ? A HEM 154 ? 1_555 ND ? D HEM . ? A HEM 154 ? 1_555 89.7  ? 
9  NB  ? D HEM .  ? A HEM 154 ? 1_555 FE ? D HEM . ? A HEM 154 ? 1_555 ND ? D HEM . ? A HEM 154 ? 1_555 177.8 ? 
10 NC  ? D HEM .  ? A HEM 154 ? 1_555 FE ? D HEM . ? A HEM 154 ? 1_555 ND ? D HEM . ? A HEM 154 ? 1_555 92.4  ? 
11 NE2 ? A HIS 93 ? A HIS 93  ? 1_555 FE ? D HEM . ? A HEM 154 ? 1_555 N  ? E NBE . ? A NBE 371 ? 1_555 175.0 ? 
12 NA  ? D HEM .  ? A HEM 154 ? 1_555 FE ? D HEM . ? A HEM 154 ? 1_555 N  ? E NBE . ? A NBE 371 ? 1_555 87.6  ? 
13 NB  ? D HEM .  ? A HEM 154 ? 1_555 FE ? D HEM . ? A HEM 154 ? 1_555 N  ? E NBE . ? A NBE 371 ? 1_555 96.7  ? 
14 NC  ? D HEM .  ? A HEM 154 ? 1_555 FE ? D HEM . ? A HEM 154 ? 1_555 N  ? E NBE . ? A NBE 371 ? 1_555 94.0  ? 
15 ND  ? D HEM .  ? A HEM 154 ? 1_555 FE ? D HEM . ? A HEM 154 ? 1_555 N  ? E NBE . ? A NBE 371 ? 1_555 82.7  ? 
# 
loop_
_pdbx_audit_revision_history.ordinal 
_pdbx_audit_revision_history.data_content_type 
_pdbx_audit_revision_history.major_revision 
_pdbx_audit_revision_history.minor_revision 
_pdbx_audit_revision_history.revision_date 
1 'Structure model' 1 0 2007-11-06 
2 'Structure model' 1 1 2011-07-13 
3 'Structure model' 1 2 2023-08-30 
# 
_pdbx_audit_revision_details.ordinal             1 
_pdbx_audit_revision_details.revision_ordinal    1 
_pdbx_audit_revision_details.data_content_type   'Structure model' 
_pdbx_audit_revision_details.provider            repository 
_pdbx_audit_revision_details.type                'Initial release' 
_pdbx_audit_revision_details.description         ? 
_pdbx_audit_revision_details.details             ? 
# 
loop_
_pdbx_audit_revision_group.ordinal 
_pdbx_audit_revision_group.revision_ordinal 
_pdbx_audit_revision_group.data_content_type 
_pdbx_audit_revision_group.group 
1 2 'Structure model' Advisory                    
2 2 'Structure model' 'Refinement description'    
3 2 'Structure model' 'Version format compliance' 
4 3 'Structure model' 'Data collection'           
5 3 'Structure model' 'Database references'       
6 3 'Structure model' 'Derived calculations'      
7 3 'Structure model' 'Refinement description'    
# 
loop_
_pdbx_audit_revision_category.ordinal 
_pdbx_audit_revision_category.revision_ordinal 
_pdbx_audit_revision_category.data_content_type 
_pdbx_audit_revision_category.category 
1 3 'Structure model' chem_comp_atom                
2 3 'Structure model' chem_comp_bond                
3 3 'Structure model' database_2                    
4 3 'Structure model' pdbx_initial_refinement_model 
5 3 'Structure model' pdbx_struct_conn_angle        
6 3 'Structure model' struct_conn                   
7 3 'Structure model' struct_site                   
# 
loop_
_pdbx_audit_revision_item.ordinal 
_pdbx_audit_revision_item.revision_ordinal 
_pdbx_audit_revision_item.data_content_type 
_pdbx_audit_revision_item.item 
1  3 'Structure model' '_database_2.pdbx_DOI'                        
2  3 'Structure model' '_database_2.pdbx_database_accession'         
3  3 'Structure model' '_pdbx_struct_conn_angle.ptnr1_auth_comp_id'  
4  3 'Structure model' '_pdbx_struct_conn_angle.ptnr1_auth_seq_id'   
5  3 'Structure model' '_pdbx_struct_conn_angle.ptnr1_label_asym_id' 
6  3 'Structure model' '_pdbx_struct_conn_angle.ptnr1_label_atom_id' 
7  3 'Structure model' '_pdbx_struct_conn_angle.ptnr1_label_comp_id' 
8  3 'Structure model' '_pdbx_struct_conn_angle.ptnr1_label_seq_id'  
9  3 'Structure model' '_pdbx_struct_conn_angle.ptnr3_auth_comp_id'  
10 3 'Structure model' '_pdbx_struct_conn_angle.ptnr3_auth_seq_id'   
11 3 'Structure model' '_pdbx_struct_conn_angle.ptnr3_label_asym_id' 
12 3 'Structure model' '_pdbx_struct_conn_angle.ptnr3_label_atom_id' 
13 3 'Structure model' '_pdbx_struct_conn_angle.ptnr3_label_comp_id' 
14 3 'Structure model' '_pdbx_struct_conn_angle.ptnr3_label_seq_id'  
15 3 'Structure model' '_pdbx_struct_conn_angle.value'               
16 3 'Structure model' '_struct_conn.pdbx_dist_value'                
17 3 'Structure model' '_struct_conn.ptnr1_auth_comp_id'             
18 3 'Structure model' '_struct_conn.ptnr1_auth_seq_id'              
19 3 'Structure model' '_struct_conn.ptnr1_label_asym_id'            
20 3 'Structure model' '_struct_conn.ptnr1_label_atom_id'            
21 3 'Structure model' '_struct_conn.ptnr1_label_comp_id'            
22 3 'Structure model' '_struct_conn.ptnr1_label_seq_id'             
23 3 'Structure model' '_struct_conn.ptnr2_auth_comp_id'             
24 3 'Structure model' '_struct_conn.ptnr2_auth_seq_id'              
25 3 'Structure model' '_struct_conn.ptnr2_label_asym_id'            
26 3 'Structure model' '_struct_conn.ptnr2_label_atom_id'            
27 3 'Structure model' '_struct_conn.ptnr2_label_comp_id'            
28 3 'Structure model' '_struct_conn.ptnr2_label_seq_id'             
29 3 'Structure model' '_struct_site.pdbx_auth_asym_id'              
30 3 'Structure model' '_struct_site.pdbx_auth_comp_id'              
31 3 'Structure model' '_struct_site.pdbx_auth_seq_id'               
# 
loop_
_pdbx_refine_tls.pdbx_refine_id 
_pdbx_refine_tls.id 
_pdbx_refine_tls.details 
_pdbx_refine_tls.method 
_pdbx_refine_tls.origin_x 
_pdbx_refine_tls.origin_y 
_pdbx_refine_tls.origin_z 
_pdbx_refine_tls.T[1][1] 
_pdbx_refine_tls.T[2][2] 
_pdbx_refine_tls.T[3][3] 
_pdbx_refine_tls.T[1][2] 
_pdbx_refine_tls.T[1][3] 
_pdbx_refine_tls.T[2][3] 
_pdbx_refine_tls.L[1][1] 
_pdbx_refine_tls.L[2][2] 
_pdbx_refine_tls.L[3][3] 
_pdbx_refine_tls.L[1][2] 
_pdbx_refine_tls.L[1][3] 
_pdbx_refine_tls.L[2][3] 
_pdbx_refine_tls.S[1][1] 
_pdbx_refine_tls.S[2][2] 
_pdbx_refine_tls.S[3][3] 
_pdbx_refine_tls.S[1][2] 
_pdbx_refine_tls.S[1][3] 
_pdbx_refine_tls.S[2][3] 
_pdbx_refine_tls.S[2][1] 
_pdbx_refine_tls.S[3][1] 
_pdbx_refine_tls.S[3][2] 
'X-RAY DIFFRACTION' 1 ? refined -7.4873 1.6049  11.2754  -0.0601 0.0846  -0.0124 0.0098  0.0476  0.0160  6.1692  5.6189 1.3042 4.1825   -2.7696 -2.2891 -0.0347 0.0410  -0.0064 -0.2675 0.0471  0.1040  0.0377  -0.1778 0.0481  
'X-RAY DIFFRACTION' 2 ? refined 8.3204  3.2739  0.5991   -0.0751 0.0710  0.0450  -0.0317 0.0064  0.0034  2.2015  4.2282 2.4631 -2.4863  -2.2544 2.0776  0.1088  -0.0694 -0.0393 -0.0120 -0.0467 0.0948  -0.1195 -0.1796 0.1485  
'X-RAY DIFFRACTION' 3 ? refined 12.2027 -2.3124 -9.8266  -0.0700 0.2649  0.0238  0.0399  -0.0161 -0.1141 13.7976 0.2896 5.7844 -1.9992  -8.9336 1.2944  -0.9295 0.3402  0.5893  0.4820  -0.4976 -0.0025 -0.4704 -0.5421 -0.4365 
'X-RAY DIFFRACTION' 4 ? refined 16.7237 9.0288  -2.5893  -0.0557 -0.0014 0.0600  -0.0909 0.0396  -0.0298 26.8674 4.3494 7.4450 -10.5419 -6.9408 1.6260  0.5049  0.1494  -0.6542 -0.8468 0.3514  0.1697  -1.0044 -0.3347 0.8140  
'X-RAY DIFFRACTION' 5 ? refined -0.8101 7.8556  -1.9455  -0.0277 0.0493  0.0151  -0.0053 0.0319  0.0125  4.6072  2.1192 2.2237 2.1158   -3.0183 -1.9178 -0.0039 -0.0555 0.0593  -0.0581 0.1197  0.0181  -0.0195 -0.0073 -0.1564 
'X-RAY DIFFRACTION' 6 ? refined -9.0736 -2.0619 -10.3534 -0.0484 0.0092  0.0630  -0.0390 0.0215  -0.0004 8.1693  0.4057 7.6877 -1.3126  -5.1700 -0.0969 0.2340  -0.1460 -0.0879 0.2806  -0.0449 -0.0119 -0.0116 -0.2933 -0.2516 
'X-RAY DIFFRACTION' 7 ? refined 4.6833  -3.6892 2.7800   -0.0590 0.0594  0.0313  -0.0116 0.0486  0.0186  0.2366  2.6915 6.0944 0.6910   0.4796  3.2582  -0.1532 0.0317  0.1216  0.0120  0.0332  0.1135  -0.0495 0.0379  0.2867  
'X-RAY DIFFRACTION' 8 ? refined -5.8612 -8.7900 0.0571   -0.0501 0.0584  0.0429  -0.0270 0.0553  0.0271  0.2346  0.5582 1.5274 -0.3325  -0.5861 0.9046  -0.1724 -0.1113 0.2838  -0.0054 -0.0055 0.0368  -0.0881 -0.2788 0.0229 
# 
loop_
_pdbx_refine_tls_group.pdbx_refine_id 
_pdbx_refine_tls_group.id 
_pdbx_refine_tls_group.refine_tls_id 
_pdbx_refine_tls_group.beg_auth_asym_id 
_pdbx_refine_tls_group.beg_auth_seq_id 
_pdbx_refine_tls_group.end_auth_asym_id 
_pdbx_refine_tls_group.end_auth_seq_id 
_pdbx_refine_tls_group.selection_details 
_pdbx_refine_tls_group.beg_label_asym_id 
_pdbx_refine_tls_group.beg_label_seq_id 
_pdbx_refine_tls_group.end_label_asym_id 
_pdbx_refine_tls_group.end_label_seq_id 
_pdbx_refine_tls_group.selection 
'X-RAY DIFFRACTION' 1 1 A 3   A 20  ? . . . . ? 
'X-RAY DIFFRACTION' 2 2 A 21  A 36  ? . . . . ? 
'X-RAY DIFFRACTION' 3 3 A 37  A 41  ? . . . . ? 
'X-RAY DIFFRACTION' 4 4 A 51  A 57  ? . . . . ? 
'X-RAY DIFFRACTION' 5 5 A 58  A 77  ? . . . . ? 
'X-RAY DIFFRACTION' 6 6 A 82  A 96  ? . . . . ? 
'X-RAY DIFFRACTION' 7 7 A 100 A 119 ? . . . . ? 
'X-RAY DIFFRACTION' 8 8 A 124 A 150 ? . . . . ? 
# 
_pdbx_phasing_MR.entry_id                     2NSS 
_pdbx_phasing_MR.method_rotation              ? 
_pdbx_phasing_MR.method_translation           ? 
_pdbx_phasing_MR.model_details                ? 
_pdbx_phasing_MR.R_factor                     0.344 
_pdbx_phasing_MR.R_rigid_body                 ? 
_pdbx_phasing_MR.correlation_coeff_Fo_to_Fc   0.734 
_pdbx_phasing_MR.correlation_coeff_Io_to_Ic   ? 
_pdbx_phasing_MR.d_res_high_rotation          3.000 
_pdbx_phasing_MR.d_res_low_rotation           27.130 
_pdbx_phasing_MR.d_res_high_translation       3.000 
_pdbx_phasing_MR.d_res_low_translation        27.130 
_pdbx_phasing_MR.packing                      ? 
_pdbx_phasing_MR.reflns_percent_rotation      ? 
_pdbx_phasing_MR.reflns_percent_translation   ? 
_pdbx_phasing_MR.sigma_F_rotation             ? 
_pdbx_phasing_MR.sigma_F_translation          ? 
_pdbx_phasing_MR.sigma_I_rotation             ? 
_pdbx_phasing_MR.sigma_I_translation          ? 
# 
loop_
_software.name 
_software.version 
_software.date 
_software.type 
_software.contact_author 
_software.contact_author_email 
_software.classification 
_software.location 
_software.language 
_software.citation_id 
_software.pdbx_ordinal 
d*TREK       9.2D  'May 21 2004'    package 'Pflugrath, J.W.' jwp@RigakuMSC.com        'data scaling'    
http://www.msc.com/protein/dtrek.html       ?          ? 1 
MOLREP       .     ?                other   'A. Vagin'        alexei@ysbl.york.ac.uk   phasing           
http://www.ccp4.ac.uk/dist/html/molrep.html Fortran_77 ? 2 
REFMAC       .     ?                program 'Murshudov, G.N.' ccp4@dl.ac.uk            refinement        
http://www.ccp4.ac.uk/main.html             Fortran_77 ? 3 
PDB_EXTRACT  2.000 'April. 3, 2006' package PDB               sw-help@rcsb.rutgers.edu 'data extraction' 
http://pdb.rutgers.edu/software/            C++        ? 4 
CrystalClear .     ?                ?       ?                 ?                        'data collection' ? ?          ? 5 
d*TREK       .     ?                ?       ?                 ?                        'data reduction'  ? ?          ? 6 
# 
loop_
_pdbx_validate_close_contact.id 
_pdbx_validate_close_contact.PDB_model_num 
_pdbx_validate_close_contact.auth_atom_id_1 
_pdbx_validate_close_contact.auth_asym_id_1 
_pdbx_validate_close_contact.auth_comp_id_1 
_pdbx_validate_close_contact.auth_seq_id_1 
_pdbx_validate_close_contact.PDB_ins_code_1 
_pdbx_validate_close_contact.label_alt_id_1 
_pdbx_validate_close_contact.auth_atom_id_2 
_pdbx_validate_close_contact.auth_asym_id_2 
_pdbx_validate_close_contact.auth_comp_id_2 
_pdbx_validate_close_contact.auth_seq_id_2 
_pdbx_validate_close_contact.PDB_ins_code_2 
_pdbx_validate_close_contact.label_alt_id_2 
_pdbx_validate_close_contact.dist 
1 1 OE2 A GLU 18  ? ? O A HOH 460 ? ? 2.05 
2 1 OD2 A ASP 109 ? ? O A HOH 385 ? ? 2.18 
# 
loop_
_pdbx_validate_rmsd_angle.id 
_pdbx_validate_rmsd_angle.PDB_model_num 
_pdbx_validate_rmsd_angle.auth_atom_id_1 
_pdbx_validate_rmsd_angle.auth_asym_id_1 
_pdbx_validate_rmsd_angle.auth_comp_id_1 
_pdbx_validate_rmsd_angle.auth_seq_id_1 
_pdbx_validate_rmsd_angle.PDB_ins_code_1 
_pdbx_validate_rmsd_angle.label_alt_id_1 
_pdbx_validate_rmsd_angle.auth_atom_id_2 
_pdbx_validate_rmsd_angle.auth_asym_id_2 
_pdbx_validate_rmsd_angle.auth_comp_id_2 
_pdbx_validate_rmsd_angle.auth_seq_id_2 
_pdbx_validate_rmsd_angle.PDB_ins_code_2 
_pdbx_validate_rmsd_angle.label_alt_id_2 
_pdbx_validate_rmsd_angle.auth_atom_id_3 
_pdbx_validate_rmsd_angle.auth_asym_id_3 
_pdbx_validate_rmsd_angle.auth_comp_id_3 
_pdbx_validate_rmsd_angle.auth_seq_id_3 
_pdbx_validate_rmsd_angle.PDB_ins_code_3 
_pdbx_validate_rmsd_angle.label_alt_id_3 
_pdbx_validate_rmsd_angle.angle_value 
_pdbx_validate_rmsd_angle.angle_target_value 
_pdbx_validate_rmsd_angle.angle_deviation 
_pdbx_validate_rmsd_angle.angle_standard_deviation 
_pdbx_validate_rmsd_angle.linker_flag 
1 1 CA A LEU 40  ? ? CB A LEU 40  ? ? CG  A LEU 40  ? ? 132.66 115.30 17.36 2.30 N 
2 1 NE A ARG 139 ? ? CZ A ARG 139 ? ? NH1 A ARG 139 ? ? 123.47 120.30 3.17  0.50 N 
# 
loop_
_pdbx_validate_torsion.id 
_pdbx_validate_torsion.PDB_model_num 
_pdbx_validate_torsion.auth_comp_id 
_pdbx_validate_torsion.auth_asym_id 
_pdbx_validate_torsion.auth_seq_id 
_pdbx_validate_torsion.PDB_ins_code 
_pdbx_validate_torsion.label_alt_id 
_pdbx_validate_torsion.phi 
_pdbx_validate_torsion.psi 
1 1 ASP A 20 ? ? -146.62 58.52 
2 1 HIS A 81 ? ? -94.42  52.81 
# 
_pdbx_unobs_or_zero_occ_residues.id               1 
_pdbx_unobs_or_zero_occ_residues.PDB_model_num    1 
_pdbx_unobs_or_zero_occ_residues.polymer_flag     Y 
_pdbx_unobs_or_zero_occ_residues.occupancy_flag   1 
_pdbx_unobs_or_zero_occ_residues.auth_asym_id     A 
_pdbx_unobs_or_zero_occ_residues.auth_comp_id     GLY 
_pdbx_unobs_or_zero_occ_residues.auth_seq_id      153 
_pdbx_unobs_or_zero_occ_residues.PDB_ins_code     ? 
_pdbx_unobs_or_zero_occ_residues.label_asym_id    A 
_pdbx_unobs_or_zero_occ_residues.label_comp_id    GLY 
_pdbx_unobs_or_zero_occ_residues.label_seq_id     153 
# 
loop_
_chem_comp_atom.comp_id 
_chem_comp_atom.atom_id 
_chem_comp_atom.type_symbol 
_chem_comp_atom.pdbx_aromatic_flag 
_chem_comp_atom.pdbx_stereo_config 
_chem_comp_atom.pdbx_ordinal 
ALA N    N  N N 1   
ALA CA   C  N S 2   
ALA C    C  N N 3   
ALA O    O  N N 4   
ALA CB   C  N N 5   
ALA OXT  O  N N 6   
ALA H    H  N N 7   
ALA H2   H  N N 8   
ALA HA   H  N N 9   
ALA HB1  H  N N 10  
ALA HB2  H  N N 11  
ALA HB3  H  N N 12  
ALA HXT  H  N N 13  
ARG N    N  N N 14  
ARG CA   C  N S 15  
ARG C    C  N N 16  
ARG O    O  N N 17  
ARG CB   C  N N 18  
ARG CG   C  N N 19  
ARG CD   C  N N 20  
ARG NE   N  N N 21  
ARG CZ   C  N N 22  
ARG NH1  N  N N 23  
ARG NH2  N  N N 24  
ARG OXT  O  N N 25  
ARG H    H  N N 26  
ARG H2   H  N N 27  
ARG HA   H  N N 28  
ARG HB2  H  N N 29  
ARG HB3  H  N N 30  
ARG HG2  H  N N 31  
ARG HG3  H  N N 32  
ARG HD2  H  N N 33  
ARG HD3  H  N N 34  
ARG HE   H  N N 35  
ARG HH11 H  N N 36  
ARG HH12 H  N N 37  
ARG HH21 H  N N 38  
ARG HH22 H  N N 39  
ARG HXT  H  N N 40  
ASN N    N  N N 41  
ASN CA   C  N S 42  
ASN C    C  N N 43  
ASN O    O  N N 44  
ASN CB   C  N N 45  
ASN CG   C  N N 46  
ASN OD1  O  N N 47  
ASN ND2  N  N N 48  
ASN OXT  O  N N 49  
ASN H    H  N N 50  
ASN H2   H  N N 51  
ASN HA   H  N N 52  
ASN HB2  H  N N 53  
ASN HB3  H  N N 54  
ASN HD21 H  N N 55  
ASN HD22 H  N N 56  
ASN HXT  H  N N 57  
ASP N    N  N N 58  
ASP CA   C  N S 59  
ASP C    C  N N 60  
ASP O    O  N N 61  
ASP CB   C  N N 62  
ASP CG   C  N N 63  
ASP OD1  O  N N 64  
ASP OD2  O  N N 65  
ASP OXT  O  N N 66  
ASP H    H  N N 67  
ASP H2   H  N N 68  
ASP HA   H  N N 69  
ASP HB2  H  N N 70  
ASP HB3  H  N N 71  
ASP HD2  H  N N 72  
ASP HXT  H  N N 73  
GLN N    N  N N 74  
GLN CA   C  N S 75  
GLN C    C  N N 76  
GLN O    O  N N 77  
GLN CB   C  N N 78  
GLN CG   C  N N 79  
GLN CD   C  N N 80  
GLN OE1  O  N N 81  
GLN NE2  N  N N 82  
GLN OXT  O  N N 83  
GLN H    H  N N 84  
GLN H2   H  N N 85  
GLN HA   H  N N 86  
GLN HB2  H  N N 87  
GLN HB3  H  N N 88  
GLN HG2  H  N N 89  
GLN HG3  H  N N 90  
GLN HE21 H  N N 91  
GLN HE22 H  N N 92  
GLN HXT  H  N N 93  
GLU N    N  N N 94  
GLU CA   C  N S 95  
GLU C    C  N N 96  
GLU O    O  N N 97  
GLU CB   C  N N 98  
GLU CG   C  N N 99  
GLU CD   C  N N 100 
GLU OE1  O  N N 101 
GLU OE2  O  N N 102 
GLU OXT  O  N N 103 
GLU H    H  N N 104 
GLU H2   H  N N 105 
GLU HA   H  N N 106 
GLU HB2  H  N N 107 
GLU HB3  H  N N 108 
GLU HG2  H  N N 109 
GLU HG3  H  N N 110 
GLU HE2  H  N N 111 
GLU HXT  H  N N 112 
GLY N    N  N N 113 
GLY CA   C  N N 114 
GLY C    C  N N 115 
GLY O    O  N N 116 
GLY OXT  O  N N 117 
GLY H    H  N N 118 
GLY H2   H  N N 119 
GLY HA2  H  N N 120 
GLY HA3  H  N N 121 
GLY HXT  H  N N 122 
HEM CHA  C  N N 123 
HEM CHB  C  N N 124 
HEM CHC  C  N N 125 
HEM CHD  C  N N 126 
HEM C1A  C  Y N 127 
HEM C2A  C  Y N 128 
HEM C3A  C  Y N 129 
HEM C4A  C  Y N 130 
HEM CMA  C  N N 131 
HEM CAA  C  N N 132 
HEM CBA  C  N N 133 
HEM CGA  C  N N 134 
HEM O1A  O  N N 135 
HEM O2A  O  N N 136 
HEM C1B  C  N N 137 
HEM C2B  C  N N 138 
HEM C3B  C  N N 139 
HEM C4B  C  N N 140 
HEM CMB  C  N N 141 
HEM CAB  C  N N 142 
HEM CBB  C  N N 143 
HEM C1C  C  Y N 144 
HEM C2C  C  Y N 145 
HEM C3C  C  Y N 146 
HEM C4C  C  Y N 147 
HEM CMC  C  N N 148 
HEM CAC  C  N N 149 
HEM CBC  C  N N 150 
HEM C1D  C  N N 151 
HEM C2D  C  N N 152 
HEM C3D  C  N N 153 
HEM C4D  C  N N 154 
HEM CMD  C  N N 155 
HEM CAD  C  N N 156 
HEM CBD  C  N N 157 
HEM CGD  C  N N 158 
HEM O1D  O  N N 159 
HEM O2D  O  N N 160 
HEM NA   N  Y N 161 
HEM NB   N  N N 162 
HEM NC   N  Y N 163 
HEM ND   N  N N 164 
HEM FE   FE N N 165 
HEM HHB  H  N N 166 
HEM HHC  H  N N 167 
HEM HHD  H  N N 168 
HEM HMA  H  N N 169 
HEM HMAA H  N N 170 
HEM HMAB H  N N 171 
HEM HAA  H  N N 172 
HEM HAAA H  N N 173 
HEM HBA  H  N N 174 
HEM HBAA H  N N 175 
HEM HMB  H  N N 176 
HEM HMBA H  N N 177 
HEM HMBB H  N N 178 
HEM HAB  H  N N 179 
HEM HBB  H  N N 180 
HEM HBBA H  N N 181 
HEM HMC  H  N N 182 
HEM HMCA H  N N 183 
HEM HMCB H  N N 184 
HEM HAC  H  N N 185 
HEM HBC  H  N N 186 
HEM HBCA H  N N 187 
HEM HMD  H  N N 188 
HEM HMDA H  N N 189 
HEM HMDB H  N N 190 
HEM HAD  H  N N 191 
HEM HADA H  N N 192 
HEM HBD  H  N N 193 
HEM HBDA H  N N 194 
HEM H2A  H  N N 195 
HEM H2D  H  N N 196 
HEM HHA  H  N N 197 
HIS N    N  N N 198 
HIS CA   C  N S 199 
HIS C    C  N N 200 
HIS O    O  N N 201 
HIS CB   C  N N 202 
HIS CG   C  Y N 203 
HIS ND1  N  Y N 204 
HIS CD2  C  Y N 205 
HIS CE1  C  Y N 206 
HIS NE2  N  Y N 207 
HIS OXT  O  N N 208 
HIS H    H  N N 209 
HIS H2   H  N N 210 
HIS HA   H  N N 211 
HIS HB2  H  N N 212 
HIS HB3  H  N N 213 
HIS HD1  H  N N 214 
HIS HD2  H  N N 215 
HIS HE1  H  N N 216 
HIS HE2  H  N N 217 
HIS HXT  H  N N 218 
HOH O    O  N N 219 
HOH H1   H  N N 220 
HOH H2   H  N N 221 
ILE N    N  N N 222 
ILE CA   C  N S 223 
ILE C    C  N N 224 
ILE O    O  N N 225 
ILE CB   C  N S 226 
ILE CG1  C  N N 227 
ILE CG2  C  N N 228 
ILE CD1  C  N N 229 
ILE OXT  O  N N 230 
ILE H    H  N N 231 
ILE H2   H  N N 232 
ILE HA   H  N N 233 
ILE HB   H  N N 234 
ILE HG12 H  N N 235 
ILE HG13 H  N N 236 
ILE HG21 H  N N 237 
ILE HG22 H  N N 238 
ILE HG23 H  N N 239 
ILE HD11 H  N N 240 
ILE HD12 H  N N 241 
ILE HD13 H  N N 242 
ILE HXT  H  N N 243 
LEU N    N  N N 244 
LEU CA   C  N S 245 
LEU C    C  N N 246 
LEU O    O  N N 247 
LEU CB   C  N N 248 
LEU CG   C  N N 249 
LEU CD1  C  N N 250 
LEU CD2  C  N N 251 
LEU OXT  O  N N 252 
LEU H    H  N N 253 
LEU H2   H  N N 254 
LEU HA   H  N N 255 
LEU HB2  H  N N 256 
LEU HB3  H  N N 257 
LEU HG   H  N N 258 
LEU HD11 H  N N 259 
LEU HD12 H  N N 260 
LEU HD13 H  N N 261 
LEU HD21 H  N N 262 
LEU HD22 H  N N 263 
LEU HD23 H  N N 264 
LEU HXT  H  N N 265 
LYS N    N  N N 266 
LYS CA   C  N S 267 
LYS C    C  N N 268 
LYS O    O  N N 269 
LYS CB   C  N N 270 
LYS CG   C  N N 271 
LYS CD   C  N N 272 
LYS CE   C  N N 273 
LYS NZ   N  N N 274 
LYS OXT  O  N N 275 
LYS H    H  N N 276 
LYS H2   H  N N 277 
LYS HA   H  N N 278 
LYS HB2  H  N N 279 
LYS HB3  H  N N 280 
LYS HG2  H  N N 281 
LYS HG3  H  N N 282 
LYS HD2  H  N N 283 
LYS HD3  H  N N 284 
LYS HE2  H  N N 285 
LYS HE3  H  N N 286 
LYS HZ1  H  N N 287 
LYS HZ2  H  N N 288 
LYS HZ3  H  N N 289 
LYS HXT  H  N N 290 
MET N    N  N N 291 
MET CA   C  N S 292 
MET C    C  N N 293 
MET O    O  N N 294 
MET CB   C  N N 295 
MET CG   C  N N 296 
MET SD   S  N N 297 
MET CE   C  N N 298 
MET OXT  O  N N 299 
MET H    H  N N 300 
MET H2   H  N N 301 
MET HA   H  N N 302 
MET HB2  H  N N 303 
MET HB3  H  N N 304 
MET HG2  H  N N 305 
MET HG3  H  N N 306 
MET HE1  H  N N 307 
MET HE2  H  N N 308 
MET HE3  H  N N 309 
MET HXT  H  N N 310 
NBE C1   C  Y N 311 
NBE N    N  N N 312 
NBE O    O  N N 313 
NBE C2   C  Y N 314 
NBE C3   C  Y N 315 
NBE C4   C  Y N 316 
NBE C5   C  Y N 317 
NBE C6   C  Y N 318 
NBE H2   H  N N 319 
NBE H3   H  N N 320 
NBE H4   H  N N 321 
NBE H5   H  N N 322 
NBE H6   H  N N 323 
PHE N    N  N N 324 
PHE CA   C  N S 325 
PHE C    C  N N 326 
PHE O    O  N N 327 
PHE CB   C  N N 328 
PHE CG   C  Y N 329 
PHE CD1  C  Y N 330 
PHE CD2  C  Y N 331 
PHE CE1  C  Y N 332 
PHE CE2  C  Y N 333 
PHE CZ   C  Y N 334 
PHE OXT  O  N N 335 
PHE H    H  N N 336 
PHE H2   H  N N 337 
PHE HA   H  N N 338 
PHE HB2  H  N N 339 
PHE HB3  H  N N 340 
PHE HD1  H  N N 341 
PHE HD2  H  N N 342 
PHE HE1  H  N N 343 
PHE HE2  H  N N 344 
PHE HZ   H  N N 345 
PHE HXT  H  N N 346 
PRO N    N  N N 347 
PRO CA   C  N S 348 
PRO C    C  N N 349 
PRO O    O  N N 350 
PRO CB   C  N N 351 
PRO CG   C  N N 352 
PRO CD   C  N N 353 
PRO OXT  O  N N 354 
PRO H    H  N N 355 
PRO HA   H  N N 356 
PRO HB2  H  N N 357 
PRO HB3  H  N N 358 
PRO HG2  H  N N 359 
PRO HG3  H  N N 360 
PRO HD2  H  N N 361 
PRO HD3  H  N N 362 
PRO HXT  H  N N 363 
SER N    N  N N 364 
SER CA   C  N S 365 
SER C    C  N N 366 
SER O    O  N N 367 
SER CB   C  N N 368 
SER OG   O  N N 369 
SER OXT  O  N N 370 
SER H    H  N N 371 
SER H2   H  N N 372 
SER HA   H  N N 373 
SER HB2  H  N N 374 
SER HB3  H  N N 375 
SER HG   H  N N 376 
SER HXT  H  N N 377 
SO4 S    S  N N 378 
SO4 O1   O  N N 379 
SO4 O2   O  N N 380 
SO4 O3   O  N N 381 
SO4 O4   O  N N 382 
THR N    N  N N 383 
THR CA   C  N S 384 
THR C    C  N N 385 
THR O    O  N N 386 
THR CB   C  N R 387 
THR OG1  O  N N 388 
THR CG2  C  N N 389 
THR OXT  O  N N 390 
THR H    H  N N 391 
THR H2   H  N N 392 
THR HA   H  N N 393 
THR HB   H  N N 394 
THR HG1  H  N N 395 
THR HG21 H  N N 396 
THR HG22 H  N N 397 
THR HG23 H  N N 398 
THR HXT  H  N N 399 
TRP N    N  N N 400 
TRP CA   C  N S 401 
TRP C    C  N N 402 
TRP O    O  N N 403 
TRP CB   C  N N 404 
TRP CG   C  Y N 405 
TRP CD1  C  Y N 406 
TRP CD2  C  Y N 407 
TRP NE1  N  Y N 408 
TRP CE2  C  Y N 409 
TRP CE3  C  Y N 410 
TRP CZ2  C  Y N 411 
TRP CZ3  C  Y N 412 
TRP CH2  C  Y N 413 
TRP OXT  O  N N 414 
TRP H    H  N N 415 
TRP H2   H  N N 416 
TRP HA   H  N N 417 
TRP HB2  H  N N 418 
TRP HB3  H  N N 419 
TRP HD1  H  N N 420 
TRP HE1  H  N N 421 
TRP HE3  H  N N 422 
TRP HZ2  H  N N 423 
TRP HZ3  H  N N 424 
TRP HH2  H  N N 425 
TRP HXT  H  N N 426 
TYR N    N  N N 427 
TYR CA   C  N S 428 
TYR C    C  N N 429 
TYR O    O  N N 430 
TYR CB   C  N N 431 
TYR CG   C  Y N 432 
TYR CD1  C  Y N 433 
TYR CD2  C  Y N 434 
TYR CE1  C  Y N 435 
TYR CE2  C  Y N 436 
TYR CZ   C  Y N 437 
TYR OH   O  N N 438 
TYR OXT  O  N N 439 
TYR H    H  N N 440 
TYR H2   H  N N 441 
TYR HA   H  N N 442 
TYR HB2  H  N N 443 
TYR HB3  H  N N 444 
TYR HD1  H  N N 445 
TYR HD2  H  N N 446 
TYR HE1  H  N N 447 
TYR HE2  H  N N 448 
TYR HH   H  N N 449 
TYR HXT  H  N N 450 
VAL N    N  N N 451 
VAL CA   C  N S 452 
VAL C    C  N N 453 
VAL O    O  N N 454 
VAL CB   C  N N 455 
VAL CG1  C  N N 456 
VAL CG2  C  N N 457 
VAL OXT  O  N N 458 
VAL H    H  N N 459 
VAL H2   H  N N 460 
VAL HA   H  N N 461 
VAL HB   H  N N 462 
VAL HG11 H  N N 463 
VAL HG12 H  N N 464 
VAL HG13 H  N N 465 
VAL HG21 H  N N 466 
VAL HG22 H  N N 467 
VAL HG23 H  N N 468 
VAL HXT  H  N N 469 
# 
loop_
_chem_comp_bond.comp_id 
_chem_comp_bond.atom_id_1 
_chem_comp_bond.atom_id_2 
_chem_comp_bond.value_order 
_chem_comp_bond.pdbx_aromatic_flag 
_chem_comp_bond.pdbx_stereo_config 
_chem_comp_bond.pdbx_ordinal 
ALA N   CA   sing N N 1   
ALA N   H    sing N N 2   
ALA N   H2   sing N N 3   
ALA CA  C    sing N N 4   
ALA CA  CB   sing N N 5   
ALA CA  HA   sing N N 6   
ALA C   O    doub N N 7   
ALA C   OXT  sing N N 8   
ALA CB  HB1  sing N N 9   
ALA CB  HB2  sing N N 10  
ALA CB  HB3  sing N N 11  
ALA OXT HXT  sing N N 12  
ARG N   CA   sing N N 13  
ARG N   H    sing N N 14  
ARG N   H2   sing N N 15  
ARG CA  C    sing N N 16  
ARG CA  CB   sing N N 17  
ARG CA  HA   sing N N 18  
ARG C   O    doub N N 19  
ARG C   OXT  sing N N 20  
ARG CB  CG   sing N N 21  
ARG CB  HB2  sing N N 22  
ARG CB  HB3  sing N N 23  
ARG CG  CD   sing N N 24  
ARG CG  HG2  sing N N 25  
ARG CG  HG3  sing N N 26  
ARG CD  NE   sing N N 27  
ARG CD  HD2  sing N N 28  
ARG CD  HD3  sing N N 29  
ARG NE  CZ   sing N N 30  
ARG NE  HE   sing N N 31  
ARG CZ  NH1  sing N N 32  
ARG CZ  NH2  doub N N 33  
ARG NH1 HH11 sing N N 34  
ARG NH1 HH12 sing N N 35  
ARG NH2 HH21 sing N N 36  
ARG NH2 HH22 sing N N 37  
ARG OXT HXT  sing N N 38  
ASN N   CA   sing N N 39  
ASN N   H    sing N N 40  
ASN N   H2   sing N N 41  
ASN CA  C    sing N N 42  
ASN CA  CB   sing N N 43  
ASN CA  HA   sing N N 44  
ASN C   O    doub N N 45  
ASN C   OXT  sing N N 46  
ASN CB  CG   sing N N 47  
ASN CB  HB2  sing N N 48  
ASN CB  HB3  sing N N 49  
ASN CG  OD1  doub N N 50  
ASN CG  ND2  sing N N 51  
ASN ND2 HD21 sing N N 52  
ASN ND2 HD22 sing N N 53  
ASN OXT HXT  sing N N 54  
ASP N   CA   sing N N 55  
ASP N   H    sing N N 56  
ASP N   H2   sing N N 57  
ASP CA  C    sing N N 58  
ASP CA  CB   sing N N 59  
ASP CA  HA   sing N N 60  
ASP C   O    doub N N 61  
ASP C   OXT  sing N N 62  
ASP CB  CG   sing N N 63  
ASP CB  HB2  sing N N 64  
ASP CB  HB3  sing N N 65  
ASP CG  OD1  doub N N 66  
ASP CG  OD2  sing N N 67  
ASP OD2 HD2  sing N N 68  
ASP OXT HXT  sing N N 69  
GLN N   CA   sing N N 70  
GLN N   H    sing N N 71  
GLN N   H2   sing N N 72  
GLN CA  C    sing N N 73  
GLN CA  CB   sing N N 74  
GLN CA  HA   sing N N 75  
GLN C   O    doub N N 76  
GLN C   OXT  sing N N 77  
GLN CB  CG   sing N N 78  
GLN CB  HB2  sing N N 79  
GLN CB  HB3  sing N N 80  
GLN CG  CD   sing N N 81  
GLN CG  HG2  sing N N 82  
GLN CG  HG3  sing N N 83  
GLN CD  OE1  doub N N 84  
GLN CD  NE2  sing N N 85  
GLN NE2 HE21 sing N N 86  
GLN NE2 HE22 sing N N 87  
GLN OXT HXT  sing N N 88  
GLU N   CA   sing N N 89  
GLU N   H    sing N N 90  
GLU N   H2   sing N N 91  
GLU CA  C    sing N N 92  
GLU CA  CB   sing N N 93  
GLU CA  HA   sing N N 94  
GLU C   O    doub N N 95  
GLU C   OXT  sing N N 96  
GLU CB  CG   sing N N 97  
GLU CB  HB2  sing N N 98  
GLU CB  HB3  sing N N 99  
GLU CG  CD   sing N N 100 
GLU CG  HG2  sing N N 101 
GLU CG  HG3  sing N N 102 
GLU CD  OE1  doub N N 103 
GLU CD  OE2  sing N N 104 
GLU OE2 HE2  sing N N 105 
GLU OXT HXT  sing N N 106 
GLY N   CA   sing N N 107 
GLY N   H    sing N N 108 
GLY N   H2   sing N N 109 
GLY CA  C    sing N N 110 
GLY CA  HA2  sing N N 111 
GLY CA  HA3  sing N N 112 
GLY C   O    doub N N 113 
GLY C   OXT  sing N N 114 
GLY OXT HXT  sing N N 115 
HEM CHA C1A  sing N N 116 
HEM CHA C4D  doub N N 117 
HEM CHA HHA  sing N N 118 
HEM CHB C4A  sing N N 119 
HEM CHB C1B  doub N N 120 
HEM CHB HHB  sing N N 121 
HEM CHC C4B  sing N N 122 
HEM CHC C1C  doub N N 123 
HEM CHC HHC  sing N N 124 
HEM CHD C4C  doub N N 125 
HEM CHD C1D  sing N N 126 
HEM CHD HHD  sing N N 127 
HEM C1A C2A  doub Y N 128 
HEM C1A NA   sing Y N 129 
HEM C2A C3A  sing Y N 130 
HEM C2A CAA  sing N N 131 
HEM C3A C4A  doub Y N 132 
HEM C3A CMA  sing N N 133 
HEM C4A NA   sing Y N 134 
HEM CMA HMA  sing N N 135 
HEM CMA HMAA sing N N 136 
HEM CMA HMAB sing N N 137 
HEM CAA CBA  sing N N 138 
HEM CAA HAA  sing N N 139 
HEM CAA HAAA sing N N 140 
HEM CBA CGA  sing N N 141 
HEM CBA HBA  sing N N 142 
HEM CBA HBAA sing N N 143 
HEM CGA O1A  doub N N 144 
HEM CGA O2A  sing N N 145 
HEM C1B C2B  sing N N 146 
HEM C1B NB   sing N N 147 
HEM C2B C3B  doub N N 148 
HEM C2B CMB  sing N N 149 
HEM C3B C4B  sing N N 150 
HEM C3B CAB  sing N N 151 
HEM C4B NB   doub N N 152 
HEM CMB HMB  sing N N 153 
HEM CMB HMBA sing N N 154 
HEM CMB HMBB sing N N 155 
HEM CAB CBB  doub N N 156 
HEM CAB HAB  sing N N 157 
HEM CBB HBB  sing N N 158 
HEM CBB HBBA sing N N 159 
HEM C1C C2C  sing Y N 160 
HEM C1C NC   sing Y N 161 
HEM C2C C3C  doub Y N 162 
HEM C2C CMC  sing N N 163 
HEM C3C C4C  sing Y N 164 
HEM C3C CAC  sing N N 165 
HEM C4C NC   sing Y N 166 
HEM CMC HMC  sing N N 167 
HEM CMC HMCA sing N N 168 
HEM CMC HMCB sing N N 169 
HEM CAC CBC  doub N N 170 
HEM CAC HAC  sing N N 171 
HEM CBC HBC  sing N N 172 
HEM CBC HBCA sing N N 173 
HEM C1D C2D  sing N N 174 
HEM C1D ND   doub N N 175 
HEM C2D C3D  doub N N 176 
HEM C2D CMD  sing N N 177 
HEM C3D C4D  sing N N 178 
HEM C3D CAD  sing N N 179 
HEM C4D ND   sing N N 180 
HEM CMD HMD  sing N N 181 
HEM CMD HMDA sing N N 182 
HEM CMD HMDB sing N N 183 
HEM CAD CBD  sing N N 184 
HEM CAD HAD  sing N N 185 
HEM CAD HADA sing N N 186 
HEM CBD CGD  sing N N 187 
HEM CBD HBD  sing N N 188 
HEM CBD HBDA sing N N 189 
HEM CGD O1D  doub N N 190 
HEM CGD O2D  sing N N 191 
HEM O2A H2A  sing N N 192 
HEM O2D H2D  sing N N 193 
HEM FE  NA   sing N N 194 
HEM FE  NB   sing N N 195 
HEM FE  NC   sing N N 196 
HEM FE  ND   sing N N 197 
HIS N   CA   sing N N 198 
HIS N   H    sing N N 199 
HIS N   H2   sing N N 200 
HIS CA  C    sing N N 201 
HIS CA  CB   sing N N 202 
HIS CA  HA   sing N N 203 
HIS C   O    doub N N 204 
HIS C   OXT  sing N N 205 
HIS CB  CG   sing N N 206 
HIS CB  HB2  sing N N 207 
HIS CB  HB3  sing N N 208 
HIS CG  ND1  sing Y N 209 
HIS CG  CD2  doub Y N 210 
HIS ND1 CE1  doub Y N 211 
HIS ND1 HD1  sing N N 212 
HIS CD2 NE2  sing Y N 213 
HIS CD2 HD2  sing N N 214 
HIS CE1 NE2  sing Y N 215 
HIS CE1 HE1  sing N N 216 
HIS NE2 HE2  sing N N 217 
HIS OXT HXT  sing N N 218 
HOH O   H1   sing N N 219 
HOH O   H2   sing N N 220 
ILE N   CA   sing N N 221 
ILE N   H    sing N N 222 
ILE N   H2   sing N N 223 
ILE CA  C    sing N N 224 
ILE CA  CB   sing N N 225 
ILE CA  HA   sing N N 226 
ILE C   O    doub N N 227 
ILE C   OXT  sing N N 228 
ILE CB  CG1  sing N N 229 
ILE CB  CG2  sing N N 230 
ILE CB  HB   sing N N 231 
ILE CG1 CD1  sing N N 232 
ILE CG1 HG12 sing N N 233 
ILE CG1 HG13 sing N N 234 
ILE CG2 HG21 sing N N 235 
ILE CG2 HG22 sing N N 236 
ILE CG2 HG23 sing N N 237 
ILE CD1 HD11 sing N N 238 
ILE CD1 HD12 sing N N 239 
ILE CD1 HD13 sing N N 240 
ILE OXT HXT  sing N N 241 
LEU N   CA   sing N N 242 
LEU N   H    sing N N 243 
LEU N   H2   sing N N 244 
LEU CA  C    sing N N 245 
LEU CA  CB   sing N N 246 
LEU CA  HA   sing N N 247 
LEU C   O    doub N N 248 
LEU C   OXT  sing N N 249 
LEU CB  CG   sing N N 250 
LEU CB  HB2  sing N N 251 
LEU CB  HB3  sing N N 252 
LEU CG  CD1  sing N N 253 
LEU CG  CD2  sing N N 254 
LEU CG  HG   sing N N 255 
LEU CD1 HD11 sing N N 256 
LEU CD1 HD12 sing N N 257 
LEU CD1 HD13 sing N N 258 
LEU CD2 HD21 sing N N 259 
LEU CD2 HD22 sing N N 260 
LEU CD2 HD23 sing N N 261 
LEU OXT HXT  sing N N 262 
LYS N   CA   sing N N 263 
LYS N   H    sing N N 264 
LYS N   H2   sing N N 265 
LYS CA  C    sing N N 266 
LYS CA  CB   sing N N 267 
LYS CA  HA   sing N N 268 
LYS C   O    doub N N 269 
LYS C   OXT  sing N N 270 
LYS CB  CG   sing N N 271 
LYS CB  HB2  sing N N 272 
LYS CB  HB3  sing N N 273 
LYS CG  CD   sing N N 274 
LYS CG  HG2  sing N N 275 
LYS CG  HG3  sing N N 276 
LYS CD  CE   sing N N 277 
LYS CD  HD2  sing N N 278 
LYS CD  HD3  sing N N 279 
LYS CE  NZ   sing N N 280 
LYS CE  HE2  sing N N 281 
LYS CE  HE3  sing N N 282 
LYS NZ  HZ1  sing N N 283 
LYS NZ  HZ2  sing N N 284 
LYS NZ  HZ3  sing N N 285 
LYS OXT HXT  sing N N 286 
MET N   CA   sing N N 287 
MET N   H    sing N N 288 
MET N   H2   sing N N 289 
MET CA  C    sing N N 290 
MET CA  CB   sing N N 291 
MET CA  HA   sing N N 292 
MET C   O    doub N N 293 
MET C   OXT  sing N N 294 
MET CB  CG   sing N N 295 
MET CB  HB2  sing N N 296 
MET CB  HB3  sing N N 297 
MET CG  SD   sing N N 298 
MET CG  HG2  sing N N 299 
MET CG  HG3  sing N N 300 
MET SD  CE   sing N N 301 
MET CE  HE1  sing N N 302 
MET CE  HE2  sing N N 303 
MET CE  HE3  sing N N 304 
MET OXT HXT  sing N N 305 
NBE C1  N    sing N N 306 
NBE C1  C2   doub Y N 307 
NBE C1  C6   sing Y N 308 
NBE N   O    doub N N 309 
NBE C2  C3   sing Y N 310 
NBE C2  H2   sing N N 311 
NBE C3  C4   doub Y N 312 
NBE C3  H3   sing N N 313 
NBE C4  C5   sing Y N 314 
NBE C4  H4   sing N N 315 
NBE C5  C6   doub Y N 316 
NBE C5  H5   sing N N 317 
NBE C6  H6   sing N N 318 
PHE N   CA   sing N N 319 
PHE N   H    sing N N 320 
PHE N   H2   sing N N 321 
PHE CA  C    sing N N 322 
PHE CA  CB   sing N N 323 
PHE CA  HA   sing N N 324 
PHE C   O    doub N N 325 
PHE C   OXT  sing N N 326 
PHE CB  CG   sing N N 327 
PHE CB  HB2  sing N N 328 
PHE CB  HB3  sing N N 329 
PHE CG  CD1  doub Y N 330 
PHE CG  CD2  sing Y N 331 
PHE CD1 CE1  sing Y N 332 
PHE CD1 HD1  sing N N 333 
PHE CD2 CE2  doub Y N 334 
PHE CD2 HD2  sing N N 335 
PHE CE1 CZ   doub Y N 336 
PHE CE1 HE1  sing N N 337 
PHE CE2 CZ   sing Y N 338 
PHE CE2 HE2  sing N N 339 
PHE CZ  HZ   sing N N 340 
PHE OXT HXT  sing N N 341 
PRO N   CA   sing N N 342 
PRO N   CD   sing N N 343 
PRO N   H    sing N N 344 
PRO CA  C    sing N N 345 
PRO CA  CB   sing N N 346 
PRO CA  HA   sing N N 347 
PRO C   O    doub N N 348 
PRO C   OXT  sing N N 349 
PRO CB  CG   sing N N 350 
PRO CB  HB2  sing N N 351 
PRO CB  HB3  sing N N 352 
PRO CG  CD   sing N N 353 
PRO CG  HG2  sing N N 354 
PRO CG  HG3  sing N N 355 
PRO CD  HD2  sing N N 356 
PRO CD  HD3  sing N N 357 
PRO OXT HXT  sing N N 358 
SER N   CA   sing N N 359 
SER N   H    sing N N 360 
SER N   H2   sing N N 361 
SER CA  C    sing N N 362 
SER CA  CB   sing N N 363 
SER CA  HA   sing N N 364 
SER C   O    doub N N 365 
SER C   OXT  sing N N 366 
SER CB  OG   sing N N 367 
SER CB  HB2  sing N N 368 
SER CB  HB3  sing N N 369 
SER OG  HG   sing N N 370 
SER OXT HXT  sing N N 371 
SO4 S   O1   doub N N 372 
SO4 S   O2   doub N N 373 
SO4 S   O3   sing N N 374 
SO4 S   O4   sing N N 375 
THR N   CA   sing N N 376 
THR N   H    sing N N 377 
THR N   H2   sing N N 378 
THR CA  C    sing N N 379 
THR CA  CB   sing N N 380 
THR CA  HA   sing N N 381 
THR C   O    doub N N 382 
THR C   OXT  sing N N 383 
THR CB  OG1  sing N N 384 
THR CB  CG2  sing N N 385 
THR CB  HB   sing N N 386 
THR OG1 HG1  sing N N 387 
THR CG2 HG21 sing N N 388 
THR CG2 HG22 sing N N 389 
THR CG2 HG23 sing N N 390 
THR OXT HXT  sing N N 391 
TRP N   CA   sing N N 392 
TRP N   H    sing N N 393 
TRP N   H2   sing N N 394 
TRP CA  C    sing N N 395 
TRP CA  CB   sing N N 396 
TRP CA  HA   sing N N 397 
TRP C   O    doub N N 398 
TRP C   OXT  sing N N 399 
TRP CB  CG   sing N N 400 
TRP CB  HB2  sing N N 401 
TRP CB  HB3  sing N N 402 
TRP CG  CD1  doub Y N 403 
TRP CG  CD2  sing Y N 404 
TRP CD1 NE1  sing Y N 405 
TRP CD1 HD1  sing N N 406 
TRP CD2 CE2  doub Y N 407 
TRP CD2 CE3  sing Y N 408 
TRP NE1 CE2  sing Y N 409 
TRP NE1 HE1  sing N N 410 
TRP CE2 CZ2  sing Y N 411 
TRP CE3 CZ3  doub Y N 412 
TRP CE3 HE3  sing N N 413 
TRP CZ2 CH2  doub Y N 414 
TRP CZ2 HZ2  sing N N 415 
TRP CZ3 CH2  sing Y N 416 
TRP CZ3 HZ3  sing N N 417 
TRP CH2 HH2  sing N N 418 
TRP OXT HXT  sing N N 419 
TYR N   CA   sing N N 420 
TYR N   H    sing N N 421 
TYR N   H2   sing N N 422 
TYR CA  C    sing N N 423 
TYR CA  CB   sing N N 424 
TYR CA  HA   sing N N 425 
TYR C   O    doub N N 426 
TYR C   OXT  sing N N 427 
TYR CB  CG   sing N N 428 
TYR CB  HB2  sing N N 429 
TYR CB  HB3  sing N N 430 
TYR CG  CD1  doub Y N 431 
TYR CG  CD2  sing Y N 432 
TYR CD1 CE1  sing Y N 433 
TYR CD1 HD1  sing N N 434 
TYR CD2 CE2  doub Y N 435 
TYR CD2 HD2  sing N N 436 
TYR CE1 CZ   doub Y N 437 
TYR CE1 HE1  sing N N 438 
TYR CE2 CZ   sing Y N 439 
TYR CE2 HE2  sing N N 440 
TYR CZ  OH   sing N N 441 
TYR OH  HH   sing N N 442 
TYR OXT HXT  sing N N 443 
VAL N   CA   sing N N 444 
VAL N   H    sing N N 445 
VAL N   H2   sing N N 446 
VAL CA  C    sing N N 447 
VAL CA  CB   sing N N 448 
VAL CA  HA   sing N N 449 
VAL C   O    doub N N 450 
VAL C   OXT  sing N N 451 
VAL CB  CG1  sing N N 452 
VAL CB  CG2  sing N N 453 
VAL CB  HB   sing N N 454 
VAL CG1 HG11 sing N N 455 
VAL CG1 HG12 sing N N 456 
VAL CG1 HG13 sing N N 457 
VAL CG2 HG21 sing N N 458 
VAL CG2 HG22 sing N N 459 
VAL CG2 HG23 sing N N 460 
VAL OXT HXT  sing N N 461 
# 
loop_
_pdbx_entity_nonpoly.entity_id 
_pdbx_entity_nonpoly.name 
_pdbx_entity_nonpoly.comp_id 
2 'SULFATE ION'                     SO4 
3 'PROTOPORPHYRIN IX CONTAINING FE' HEM 
4 NITROSOBENZENE                    NBE 
5 water                             HOH 
# 
_pdbx_initial_refinement_model.id               1 
_pdbx_initial_refinement_model.entity_id_list   ? 
_pdbx_initial_refinement_model.type             'experimental model' 
_pdbx_initial_refinement_model.source_name      PDB 
_pdbx_initial_refinement_model.accession_code   1NPG 
_pdbx_initial_refinement_model.details          'PDB entry 1NPG' 
# 
